data_2XC2
# 
_entry.id   2XC2 
# 
_audit_conform.dict_name       mmcif_pdbx.dic 
_audit_conform.dict_version    5.398 
_audit_conform.dict_location   http://mmcif.pdb.org/dictionaries/ascii/mmcif_pdbx.dic 
# 
loop_
_database_2.database_id 
_database_2.database_code 
_database_2.pdbx_database_accession 
_database_2.pdbx_DOI 
PDB   2XC2         pdb_00002xc2 10.2210/pdb2xc2/pdb 
PDBE  EBI-43325    ?            ?                   
WWPDB D_1290043325 ?            ?                   
# 
loop_
_pdbx_audit_revision_history.ordinal 
_pdbx_audit_revision_history.data_content_type 
_pdbx_audit_revision_history.major_revision 
_pdbx_audit_revision_history.minor_revision 
_pdbx_audit_revision_history.revision_date 
1 'Structure model' 1 0 2010-08-11 
2 'Structure model' 1 1 2012-04-25 
3 'Structure model' 1 2 2023-12-20 
4 'Structure model' 1 3 2024-11-13 
# 
_pdbx_audit_revision_details.ordinal             1 
_pdbx_audit_revision_details.revision_ordinal    1 
_pdbx_audit_revision_details.data_content_type   'Structure model' 
_pdbx_audit_revision_details.provider            repository 
_pdbx_audit_revision_details.type                'Initial release' 
_pdbx_audit_revision_details.description         ? 
_pdbx_audit_revision_details.details             ? 
# 
loop_
_pdbx_audit_revision_group.ordinal 
_pdbx_audit_revision_group.revision_ordinal 
_pdbx_audit_revision_group.data_content_type 
_pdbx_audit_revision_group.group 
1  2 'Structure model' 'Database references'       
2  2 'Structure model' Other                       
3  2 'Structure model' 'Refinement description'    
4  2 'Structure model' 'Version format compliance' 
5  3 'Structure model' 'Data collection'           
6  3 'Structure model' 'Database references'       
7  3 'Structure model' 'Derived calculations'      
8  3 'Structure model' Other                       
9  3 'Structure model' 'Refinement description'    
10 4 'Structure model' 'Structure summary'         
# 
loop_
_pdbx_audit_revision_category.ordinal 
_pdbx_audit_revision_category.revision_ordinal 
_pdbx_audit_revision_category.data_content_type 
_pdbx_audit_revision_category.category 
1  3 'Structure model' chem_comp_atom                
2  3 'Structure model' chem_comp_bond                
3  3 'Structure model' database_2                    
4  3 'Structure model' pdbx_database_status          
5  3 'Structure model' pdbx_initial_refinement_model 
6  3 'Structure model' pdbx_struct_conn_angle        
7  3 'Structure model' struct_conn                   
8  3 'Structure model' struct_site                   
9  4 'Structure model' pdbx_entry_details            
10 4 'Structure model' pdbx_modification_feature     
# 
loop_
_pdbx_audit_revision_item.ordinal 
_pdbx_audit_revision_item.revision_ordinal 
_pdbx_audit_revision_item.data_content_type 
_pdbx_audit_revision_item.item 
1  3 'Structure model' '_database_2.pdbx_DOI'                         
2  3 'Structure model' '_database_2.pdbx_database_accession'          
3  3 'Structure model' '_pdbx_database_status.status_code_sf'         
4  3 'Structure model' '_pdbx_struct_conn_angle.ptnr1_auth_comp_id'   
5  3 'Structure model' '_pdbx_struct_conn_angle.ptnr1_auth_seq_id'    
6  3 'Structure model' '_pdbx_struct_conn_angle.ptnr1_label_asym_id'  
7  3 'Structure model' '_pdbx_struct_conn_angle.ptnr1_label_atom_id'  
8  3 'Structure model' '_pdbx_struct_conn_angle.ptnr1_label_comp_id'  
9  3 'Structure model' '_pdbx_struct_conn_angle.ptnr1_label_seq_id'   
10 3 'Structure model' '_pdbx_struct_conn_angle.ptnr1_symmetry'       
11 3 'Structure model' '_pdbx_struct_conn_angle.ptnr2_auth_comp_id'   
12 3 'Structure model' '_pdbx_struct_conn_angle.ptnr2_auth_seq_id'    
13 3 'Structure model' '_pdbx_struct_conn_angle.ptnr2_label_asym_id'  
14 3 'Structure model' '_pdbx_struct_conn_angle.ptnr2_label_atom_id'  
15 3 'Structure model' '_pdbx_struct_conn_angle.ptnr2_label_comp_id'  
16 3 'Structure model' '_pdbx_struct_conn_angle.ptnr3_auth_comp_id'   
17 3 'Structure model' '_pdbx_struct_conn_angle.ptnr3_auth_seq_id'    
18 3 'Structure model' '_pdbx_struct_conn_angle.ptnr3_label_asym_id'  
19 3 'Structure model' '_pdbx_struct_conn_angle.ptnr3_label_atom_id'  
20 3 'Structure model' '_pdbx_struct_conn_angle.ptnr3_label_comp_id'  
21 3 'Structure model' '_pdbx_struct_conn_angle.ptnr3_label_seq_id'   
22 3 'Structure model' '_pdbx_struct_conn_angle.ptnr3_symmetry'       
23 3 'Structure model' '_pdbx_struct_conn_angle.value'                
24 3 'Structure model' '_struct_conn.pdbx_dist_value'                 
25 3 'Structure model' '_struct_conn.ptnr1_auth_comp_id'              
26 3 'Structure model' '_struct_conn.ptnr1_auth_seq_id'               
27 3 'Structure model' '_struct_conn.ptnr1_label_asym_id'             
28 3 'Structure model' '_struct_conn.ptnr1_label_atom_id'             
29 3 'Structure model' '_struct_conn.ptnr1_label_comp_id'             
30 3 'Structure model' '_struct_conn.ptnr1_label_seq_id'              
31 3 'Structure model' '_struct_conn.ptnr1_symmetry'                  
32 3 'Structure model' '_struct_conn.ptnr2_auth_comp_id'              
33 3 'Structure model' '_struct_conn.ptnr2_auth_seq_id'               
34 3 'Structure model' '_struct_conn.ptnr2_label_asym_id'             
35 3 'Structure model' '_struct_conn.ptnr2_label_atom_id'             
36 3 'Structure model' '_struct_conn.ptnr2_label_comp_id'             
37 3 'Structure model' '_struct_conn.ptnr2_label_seq_id'              
38 3 'Structure model' '_struct_conn.ptnr2_symmetry'                  
39 3 'Structure model' '_struct_site.pdbx_auth_asym_id'               
40 3 'Structure model' '_struct_site.pdbx_auth_comp_id'               
41 3 'Structure model' '_struct_site.pdbx_auth_seq_id'                
42 4 'Structure model' '_pdbx_entry_details.has_protein_modification' 
# 
_pdbx_database_status.status_code                     REL 
_pdbx_database_status.entry_id                        2XC2 
_pdbx_database_status.deposit_site                    PDBE 
_pdbx_database_status.process_site                    PDBE 
_pdbx_database_status.SG_entry                        . 
_pdbx_database_status.recvd_initial_deposition_date   2010-04-15 
_pdbx_database_status.pdb_format_compatible           Y 
_pdbx_database_status.status_code_sf                  REL 
_pdbx_database_status.status_code_mr                  ? 
_pdbx_database_status.status_code_cs                  ? 
_pdbx_database_status.methods_development_category    ? 
_pdbx_database_status.status_code_nmr_data            ? 
# 
loop_
_pdbx_database_related.db_name 
_pdbx_database_related.db_id 
_pdbx_database_related.content_type 
_pdbx_database_related.details 
PDB 2XBI unspecified 'CRYSTAL STRUCTURE OF SCHISTOSOMA MANSONI THIOREDOXIN AT 1.6 ANGSTROM'                     
PDB 2XBQ unspecified 'CRYSTAL STRUCTURE OF REDUCED SCHISTOSOMA MANSONI THIOREDOXIN PRE-PROTEIN AT 1.7 ANGSTROM' 
# 
loop_
_audit_author.name 
_audit_author.pdbx_ordinal 
'Boumis, G.'           1 
'Miele, A.E.'          2 
'Dimastrogiovanni, D.' 3 
'Angelucci, F.'        4 
'Bellelli, A.'         5 
# 
_citation.id                        primary 
_citation.title                     'Structural and Functional Characterization of Schistosoma Mansoni Thioredoxin.' 
_citation.journal_abbrev            'Protein Sci.' 
_citation.journal_volume            20 
_citation.page_first                1069 
_citation.page_last                 ? 
_citation.year                      2011 
_citation.journal_id_ASTM           PRCIEI 
_citation.country                   US 
_citation.journal_id_ISSN           0961-8368 
_citation.journal_id_CSD            0795 
_citation.book_publisher            ? 
_citation.pdbx_database_id_PubMed   21465612 
_citation.pdbx_database_id_DOI      10.1002/PRO.634 
# 
loop_
_citation_author.citation_id 
_citation_author.name 
_citation_author.ordinal 
_citation_author.identifier_ORCID 
primary 'Boumis, G.'           1 ? 
primary 'Angelucci, F.'        2 ? 
primary 'Bellelli, A.'         3 ? 
primary 'Brunori, M.'          4 ? 
primary 'Dimastrogiovanni, D.' 5 ? 
primary 'Miele, A.E.'          6 ? 
# 
loop_
_entity.id 
_entity.type 
_entity.src_method 
_entity.pdbx_description 
_entity.formula_weight 
_entity.pdbx_number_of_molecules 
_entity.pdbx_ec 
_entity.pdbx_mutation 
_entity.pdbx_fragment 
_entity.details 
1 polymer     man THIOREDOXINN  13100.223 1   1.8.1.8 YES ? ? 
2 non-polymer syn 'CALCIUM ION' 40.078    1   ?       ?   ? ? 
3 non-polymer syn 'ZINC ION'    65.409    1   ?       ?   ? ? 
4 water       nat water         18.015    107 ?       ?   ? ? 
# 
_entity_poly.entity_id                      1 
_entity_poly.type                           'polypeptide(L)' 
_entity_poly.nstd_linkage                   no 
_entity_poly.nstd_monomer                   no 
_entity_poly.pdbx_seq_one_letter_code       
;GSPEFTSQLVIMSELIELKQDGDLESLLEQHKNKLVVVDFFATWCGPCKTIAPLFKELSEKYDAIFVKVDVDKLEETARK
YNISAMPTFIAIKNGEKVGDVVGASIAKVEDMIKKFI
;
_entity_poly.pdbx_seq_one_letter_code_can   
;GSPEFTSQLVIMSELIELKQDGDLESLLEQHKNKLVVVDFFATWCGPCKTIAPLFKELSEKYDAIFVKVDVDKLEETARK
YNISAMPTFIAIKNGEKVGDVVGASIAKVEDMIKKFI
;
_entity_poly.pdbx_strand_id                 A 
_entity_poly.pdbx_target_identifier         ? 
# 
loop_
_pdbx_entity_nonpoly.entity_id 
_pdbx_entity_nonpoly.name 
_pdbx_entity_nonpoly.comp_id 
2 'CALCIUM ION' CA  
3 'ZINC ION'    ZN  
4 water         HOH 
# 
loop_
_entity_poly_seq.entity_id 
_entity_poly_seq.num 
_entity_poly_seq.mon_id 
_entity_poly_seq.hetero 
1 1   GLY n 
1 2   SER n 
1 3   PRO n 
1 4   GLU n 
1 5   PHE n 
1 6   THR n 
1 7   SER n 
1 8   GLN n 
1 9   LEU n 
1 10  VAL n 
1 11  ILE n 
1 12  MET n 
1 13  SER n 
1 14  GLU n 
1 15  LEU n 
1 16  ILE n 
1 17  GLU n 
1 18  LEU n 
1 19  LYS n 
1 20  GLN n 
1 21  ASP n 
1 22  GLY n 
1 23  ASP n 
1 24  LEU n 
1 25  GLU n 
1 26  SER n 
1 27  LEU n 
1 28  LEU n 
1 29  GLU n 
1 30  GLN n 
1 31  HIS n 
1 32  LYS n 
1 33  ASN n 
1 34  LYS n 
1 35  LEU n 
1 36  VAL n 
1 37  VAL n 
1 38  VAL n 
1 39  ASP n 
1 40  PHE n 
1 41  PHE n 
1 42  ALA n 
1 43  THR n 
1 44  TRP n 
1 45  CYS n 
1 46  GLY n 
1 47  PRO n 
1 48  CYS n 
1 49  LYS n 
1 50  THR n 
1 51  ILE n 
1 52  ALA n 
1 53  PRO n 
1 54  LEU n 
1 55  PHE n 
1 56  LYS n 
1 57  GLU n 
1 58  LEU n 
1 59  SER n 
1 60  GLU n 
1 61  LYS n 
1 62  TYR n 
1 63  ASP n 
1 64  ALA n 
1 65  ILE n 
1 66  PHE n 
1 67  VAL n 
1 68  LYS n 
1 69  VAL n 
1 70  ASP n 
1 71  VAL n 
1 72  ASP n 
1 73  LYS n 
1 74  LEU n 
1 75  GLU n 
1 76  GLU n 
1 77  THR n 
1 78  ALA n 
1 79  ARG n 
1 80  LYS n 
1 81  TYR n 
1 82  ASN n 
1 83  ILE n 
1 84  SER n 
1 85  ALA n 
1 86  MET n 
1 87  PRO n 
1 88  THR n 
1 89  PHE n 
1 90  ILE n 
1 91  ALA n 
1 92  ILE n 
1 93  LYS n 
1 94  ASN n 
1 95  GLY n 
1 96  GLU n 
1 97  LYS n 
1 98  VAL n 
1 99  GLY n 
1 100 ASP n 
1 101 VAL n 
1 102 VAL n 
1 103 GLY n 
1 104 ALA n 
1 105 SER n 
1 106 ILE n 
1 107 ALA n 
1 108 LYS n 
1 109 VAL n 
1 110 GLU n 
1 111 ASP n 
1 112 MET n 
1 113 ILE n 
1 114 LYS n 
1 115 LYS n 
1 116 PHE n 
1 117 ILE n 
# 
_entity_src_gen.entity_id                          1 
_entity_src_gen.pdbx_src_id                        1 
_entity_src_gen.pdbx_alt_source_flag               sample 
_entity_src_gen.pdbx_seq_type                      ? 
_entity_src_gen.pdbx_beg_seq_num                   ? 
_entity_src_gen.pdbx_end_seq_num                   ? 
_entity_src_gen.gene_src_common_name               'BLOOD FLUKE' 
_entity_src_gen.gene_src_genus                     ? 
_entity_src_gen.pdbx_gene_src_gene                 ? 
_entity_src_gen.gene_src_species                   ? 
_entity_src_gen.gene_src_strain                    ? 
_entity_src_gen.gene_src_tissue                    ? 
_entity_src_gen.gene_src_tissue_fraction           ? 
_entity_src_gen.gene_src_details                   ? 
_entity_src_gen.pdbx_gene_src_fragment             ? 
_entity_src_gen.pdbx_gene_src_scientific_name      'SCHISTOSOMA MANSONI' 
_entity_src_gen.pdbx_gene_src_ncbi_taxonomy_id     6183 
_entity_src_gen.pdbx_gene_src_variant              ? 
_entity_src_gen.pdbx_gene_src_cell_line            ? 
_entity_src_gen.pdbx_gene_src_atcc                 ? 
_entity_src_gen.pdbx_gene_src_organ                ? 
_entity_src_gen.pdbx_gene_src_organelle            ? 
_entity_src_gen.pdbx_gene_src_cell                 ? 
_entity_src_gen.pdbx_gene_src_cellular_location    ? 
_entity_src_gen.host_org_common_name               ? 
_entity_src_gen.pdbx_host_org_scientific_name      'ESCHERICHIA COLI' 
_entity_src_gen.pdbx_host_org_ncbi_taxonomy_id     469008 
_entity_src_gen.host_org_genus                     ? 
_entity_src_gen.pdbx_host_org_gene                 ? 
_entity_src_gen.pdbx_host_org_organ                ? 
_entity_src_gen.host_org_species                   ? 
_entity_src_gen.pdbx_host_org_tissue               ? 
_entity_src_gen.pdbx_host_org_tissue_fraction      ? 
_entity_src_gen.pdbx_host_org_strain               'BL21(DE3)' 
_entity_src_gen.pdbx_host_org_variant              ? 
_entity_src_gen.pdbx_host_org_cell_line            ? 
_entity_src_gen.pdbx_host_org_atcc                 ? 
_entity_src_gen.pdbx_host_org_culture_collection   ? 
_entity_src_gen.pdbx_host_org_cell                 ? 
_entity_src_gen.pdbx_host_org_organelle            ? 
_entity_src_gen.pdbx_host_org_cellular_location    ? 
_entity_src_gen.pdbx_host_org_vector_type          ? 
_entity_src_gen.pdbx_host_org_vector               ? 
_entity_src_gen.host_org_details                   ? 
_entity_src_gen.expression_system_id               ? 
_entity_src_gen.plasmid_name                       PGEX-4T1 
_entity_src_gen.plasmid_details                    ? 
_entity_src_gen.pdbx_description                   'CDNA FROM ADULT SCHISTOSOMA MANSONI' 
# 
loop_
_chem_comp.id 
_chem_comp.type 
_chem_comp.mon_nstd_flag 
_chem_comp.name 
_chem_comp.pdbx_synonyms 
_chem_comp.formula 
_chem_comp.formula_weight 
ALA 'L-peptide linking' y ALANINE         ? 'C3 H7 N O2'     89.093  
ARG 'L-peptide linking' y ARGININE        ? 'C6 H15 N4 O2 1' 175.209 
ASN 'L-peptide linking' y ASPARAGINE      ? 'C4 H8 N2 O3'    132.118 
ASP 'L-peptide linking' y 'ASPARTIC ACID' ? 'C4 H7 N O4'     133.103 
CA  non-polymer         . 'CALCIUM ION'   ? 'Ca 2'           40.078  
CYS 'L-peptide linking' y CYSTEINE        ? 'C3 H7 N O2 S'   121.158 
GLN 'L-peptide linking' y GLUTAMINE       ? 'C5 H10 N2 O3'   146.144 
GLU 'L-peptide linking' y 'GLUTAMIC ACID' ? 'C5 H9 N O4'     147.129 
GLY 'peptide linking'   y GLYCINE         ? 'C2 H5 N O2'     75.067  
HIS 'L-peptide linking' y HISTIDINE       ? 'C6 H10 N3 O2 1' 156.162 
HOH non-polymer         . WATER           ? 'H2 O'           18.015  
ILE 'L-peptide linking' y ISOLEUCINE      ? 'C6 H13 N O2'    131.173 
LEU 'L-peptide linking' y LEUCINE         ? 'C6 H13 N O2'    131.173 
LYS 'L-peptide linking' y LYSINE          ? 'C6 H15 N2 O2 1' 147.195 
MET 'L-peptide linking' y METHIONINE      ? 'C5 H11 N O2 S'  149.211 
PHE 'L-peptide linking' y PHENYLALANINE   ? 'C9 H11 N O2'    165.189 
PRO 'L-peptide linking' y PROLINE         ? 'C5 H9 N O2'     115.130 
SER 'L-peptide linking' y SERINE          ? 'C3 H7 N O3'     105.093 
THR 'L-peptide linking' y THREONINE       ? 'C4 H9 N O3'     119.119 
TRP 'L-peptide linking' y TRYPTOPHAN      ? 'C11 H12 N2 O2'  204.225 
TYR 'L-peptide linking' y TYROSINE        ? 'C9 H11 N O3'    181.189 
VAL 'L-peptide linking' y VALINE          ? 'C5 H11 N O2'    117.146 
ZN  non-polymer         . 'ZINC ION'      ? 'Zn 2'           65.409  
# 
loop_
_pdbx_poly_seq_scheme.asym_id 
_pdbx_poly_seq_scheme.entity_id 
_pdbx_poly_seq_scheme.seq_id 
_pdbx_poly_seq_scheme.mon_id 
_pdbx_poly_seq_scheme.ndb_seq_num 
_pdbx_poly_seq_scheme.pdb_seq_num 
_pdbx_poly_seq_scheme.auth_seq_num 
_pdbx_poly_seq_scheme.pdb_mon_id 
_pdbx_poly_seq_scheme.auth_mon_id 
_pdbx_poly_seq_scheme.pdb_strand_id 
_pdbx_poly_seq_scheme.pdb_ins_code 
_pdbx_poly_seq_scheme.hetero 
A 1 1   GLY 1   -10 ?   ?   ?   A . n 
A 1 2   SER 2   -9  ?   ?   ?   A . n 
A 1 3   PRO 3   -8  ?   ?   ?   A . n 
A 1 4   GLU 4   -7  ?   ?   ?   A . n 
A 1 5   PHE 5   -6  ?   ?   ?   A . n 
A 1 6   THR 6   -5  ?   ?   ?   A . n 
A 1 7   SER 7   -4  ?   ?   ?   A . n 
A 1 8   GLN 8   -3  -3  GLN GLN A . n 
A 1 9   LEU 9   -2  -2  LEU LEU A . n 
A 1 10  VAL 10  -1  -1  VAL VAL A . n 
A 1 11  ILE 11  0   0   ILE ILE A . n 
A 1 12  MET 12  1   1   MET MET A . n 
A 1 13  SER 13  2   2   SER SER A . n 
A 1 14  GLU 14  3   3   GLU GLU A . n 
A 1 15  LEU 15  4   4   LEU LEU A . n 
A 1 16  ILE 16  5   5   ILE ILE A . n 
A 1 17  GLU 17  6   6   GLU GLU A . n 
A 1 18  LEU 18  7   7   LEU LEU A . n 
A 1 19  LYS 19  8   8   LYS LYS A . n 
A 1 20  GLN 20  9   9   GLN GLN A . n 
A 1 21  ASP 21  10  10  ASP ASP A . n 
A 1 22  GLY 22  11  11  GLY GLY A . n 
A 1 23  ASP 23  12  12  ASP ASP A . n 
A 1 24  LEU 24  13  13  LEU LEU A . n 
A 1 25  GLU 25  14  14  GLU GLU A . n 
A 1 26  SER 26  15  15  SER SER A . n 
A 1 27  LEU 27  16  16  LEU LEU A . n 
A 1 28  LEU 28  17  17  LEU LEU A . n 
A 1 29  GLU 29  18  18  GLU GLU A . n 
A 1 30  GLN 30  19  19  GLN GLN A . n 
A 1 31  HIS 31  20  20  HIS HIS A . n 
A 1 32  LYS 32  21  21  LYS LYS A . n 
A 1 33  ASN 33  22  22  ASN ASN A . n 
A 1 34  LYS 34  23  23  LYS LYS A . n 
A 1 35  LEU 35  24  24  LEU LEU A . n 
A 1 36  VAL 36  25  25  VAL VAL A . n 
A 1 37  VAL 37  26  26  VAL VAL A . n 
A 1 38  VAL 38  27  27  VAL VAL A . n 
A 1 39  ASP 39  28  28  ASP ASP A . n 
A 1 40  PHE 40  29  29  PHE PHE A . n 
A 1 41  PHE 41  30  30  PHE PHE A . n 
A 1 42  ALA 42  31  31  ALA ALA A . n 
A 1 43  THR 43  32  32  THR THR A . n 
A 1 44  TRP 44  33  33  TRP TRP A . n 
A 1 45  CYS 45  34  34  CYS CYS A . n 
A 1 46  GLY 46  35  35  GLY GLY A . n 
A 1 47  PRO 47  36  36  PRO PRO A . n 
A 1 48  CYS 48  37  37  CYS CYS A . n 
A 1 49  LYS 49  38  38  LYS LYS A . n 
A 1 50  THR 50  39  39  THR THR A . n 
A 1 51  ILE 51  40  40  ILE ILE A . n 
A 1 52  ALA 52  41  41  ALA ALA A . n 
A 1 53  PRO 53  42  42  PRO PRO A . n 
A 1 54  LEU 54  43  43  LEU LEU A . n 
A 1 55  PHE 55  44  44  PHE PHE A . n 
A 1 56  LYS 56  45  45  LYS LYS A . n 
A 1 57  GLU 57  46  46  GLU GLU A . n 
A 1 58  LEU 58  47  47  LEU LEU A . n 
A 1 59  SER 59  48  48  SER SER A . n 
A 1 60  GLU 60  49  49  GLU GLU A . n 
A 1 61  LYS 61  50  50  LYS LYS A . n 
A 1 62  TYR 62  51  51  TYR TYR A . n 
A 1 63  ASP 63  52  52  ASP ASP A . n 
A 1 64  ALA 64  53  53  ALA ALA A . n 
A 1 65  ILE 65  54  54  ILE ILE A . n 
A 1 66  PHE 66  55  55  PHE PHE A . n 
A 1 67  VAL 67  56  56  VAL VAL A . n 
A 1 68  LYS 68  57  57  LYS LYS A . n 
A 1 69  VAL 69  58  58  VAL VAL A . n 
A 1 70  ASP 70  59  59  ASP ASP A . n 
A 1 71  VAL 71  60  60  VAL VAL A . n 
A 1 72  ASP 72  61  61  ASP ASP A . n 
A 1 73  LYS 73  62  62  LYS LYS A . n 
A 1 74  LEU 74  63  63  LEU LEU A . n 
A 1 75  GLU 75  64  64  GLU GLU A . n 
A 1 76  GLU 76  65  65  GLU GLU A . n 
A 1 77  THR 77  66  66  THR THR A . n 
A 1 78  ALA 78  67  67  ALA ALA A . n 
A 1 79  ARG 79  68  68  ARG ARG A . n 
A 1 80  LYS 80  69  69  LYS LYS A . n 
A 1 81  TYR 81  70  70  TYR TYR A . n 
A 1 82  ASN 82  71  71  ASN ASN A . n 
A 1 83  ILE 83  72  72  ILE ILE A . n 
A 1 84  SER 84  73  73  SER SER A . n 
A 1 85  ALA 85  74  74  ALA ALA A . n 
A 1 86  MET 86  75  75  MET MET A . n 
A 1 87  PRO 87  76  76  PRO PRO A . n 
A 1 88  THR 88  77  77  THR THR A . n 
A 1 89  PHE 89  78  78  PHE PHE A . n 
A 1 90  ILE 90  79  79  ILE ILE A . n 
A 1 91  ALA 91  80  80  ALA ALA A . n 
A 1 92  ILE 92  81  81  ILE ILE A . n 
A 1 93  LYS 93  82  82  LYS LYS A . n 
A 1 94  ASN 94  83  83  ASN ASN A . n 
A 1 95  GLY 95  84  84  GLY GLY A . n 
A 1 96  GLU 96  85  85  GLU GLU A . n 
A 1 97  LYS 97  86  86  LYS LYS A . n 
A 1 98  VAL 98  87  87  VAL VAL A . n 
A 1 99  GLY 99  88  88  GLY GLY A . n 
A 1 100 ASP 100 89  89  ASP ASP A . n 
A 1 101 VAL 101 90  90  VAL VAL A . n 
A 1 102 VAL 102 91  91  VAL VAL A . n 
A 1 103 GLY 103 92  92  GLY GLY A . n 
A 1 104 ALA 104 93  93  ALA ALA A . n 
A 1 105 SER 105 94  94  SER SER A . n 
A 1 106 ILE 106 95  95  ILE ILE A . n 
A 1 107 ALA 107 96  96  ALA ALA A . n 
A 1 108 LYS 108 97  97  LYS LYS A . n 
A 1 109 VAL 109 98  98  VAL VAL A . n 
A 1 110 GLU 110 99  99  GLU GLU A . n 
A 1 111 ASP 111 100 100 ASP ASP A . n 
A 1 112 MET 112 101 101 MET MET A . n 
A 1 113 ILE 113 102 102 ILE ILE A . n 
A 1 114 LYS 114 103 103 LYS LYS A . n 
A 1 115 LYS 115 104 104 LYS LYS A . n 
A 1 116 PHE 116 105 105 PHE PHE A . n 
A 1 117 ILE 117 106 106 ILE ILE A . n 
# 
loop_
_pdbx_nonpoly_scheme.asym_id 
_pdbx_nonpoly_scheme.entity_id 
_pdbx_nonpoly_scheme.mon_id 
_pdbx_nonpoly_scheme.ndb_seq_num 
_pdbx_nonpoly_scheme.pdb_seq_num 
_pdbx_nonpoly_scheme.auth_seq_num 
_pdbx_nonpoly_scheme.pdb_mon_id 
_pdbx_nonpoly_scheme.auth_mon_id 
_pdbx_nonpoly_scheme.pdb_strand_id 
_pdbx_nonpoly_scheme.pdb_ins_code 
B 2 CA  1   1107 1107 CA  CA  A . 
C 3 ZN  1   1108 1108 ZN  ZN  A . 
D 4 HOH 1   2001 2001 HOH HOH A . 
D 4 HOH 2   2002 2002 HOH HOH A . 
D 4 HOH 3   2003 2003 HOH HOH A . 
D 4 HOH 4   2004 2004 HOH HOH A . 
D 4 HOH 5   2005 2005 HOH HOH A . 
D 4 HOH 6   2006 2006 HOH HOH A . 
D 4 HOH 7   2007 2007 HOH HOH A . 
D 4 HOH 8   2008 2008 HOH HOH A . 
D 4 HOH 9   2009 2009 HOH HOH A . 
D 4 HOH 10  2010 2010 HOH HOH A . 
D 4 HOH 11  2011 2011 HOH HOH A . 
D 4 HOH 12  2012 2012 HOH HOH A . 
D 4 HOH 13  2013 2013 HOH HOH A . 
D 4 HOH 14  2014 2014 HOH HOH A . 
D 4 HOH 15  2015 2015 HOH HOH A . 
D 4 HOH 16  2016 2016 HOH HOH A . 
D 4 HOH 17  2017 2017 HOH HOH A . 
D 4 HOH 18  2018 2018 HOH HOH A . 
D 4 HOH 19  2019 2019 HOH HOH A . 
D 4 HOH 20  2020 2020 HOH HOH A . 
D 4 HOH 21  2021 2021 HOH HOH A . 
D 4 HOH 22  2022 2022 HOH HOH A . 
D 4 HOH 23  2023 2023 HOH HOH A . 
D 4 HOH 24  2024 2024 HOH HOH A . 
D 4 HOH 25  2025 2025 HOH HOH A . 
D 4 HOH 26  2026 2026 HOH HOH A . 
D 4 HOH 27  2027 2027 HOH HOH A . 
D 4 HOH 28  2028 2028 HOH HOH A . 
D 4 HOH 29  2029 2029 HOH HOH A . 
D 4 HOH 30  2030 2030 HOH HOH A . 
D 4 HOH 31  2031 2031 HOH HOH A . 
D 4 HOH 32  2032 2032 HOH HOH A . 
D 4 HOH 33  2033 2033 HOH HOH A . 
D 4 HOH 34  2034 2034 HOH HOH A . 
D 4 HOH 35  2035 2035 HOH HOH A . 
D 4 HOH 36  2036 2036 HOH HOH A . 
D 4 HOH 37  2037 2037 HOH HOH A . 
D 4 HOH 38  2038 2038 HOH HOH A . 
D 4 HOH 39  2039 2039 HOH HOH A . 
D 4 HOH 40  2040 2040 HOH HOH A . 
D 4 HOH 41  2041 2041 HOH HOH A . 
D 4 HOH 42  2042 2042 HOH HOH A . 
D 4 HOH 43  2043 2043 HOH HOH A . 
D 4 HOH 44  2044 2044 HOH HOH A . 
D 4 HOH 45  2045 2045 HOH HOH A . 
D 4 HOH 46  2046 2046 HOH HOH A . 
D 4 HOH 47  2047 2047 HOH HOH A . 
D 4 HOH 48  2048 2048 HOH HOH A . 
D 4 HOH 49  2049 2049 HOH HOH A . 
D 4 HOH 50  2050 2050 HOH HOH A . 
D 4 HOH 51  2051 2051 HOH HOH A . 
D 4 HOH 52  2052 2052 HOH HOH A . 
D 4 HOH 53  2053 2053 HOH HOH A . 
D 4 HOH 54  2054 2054 HOH HOH A . 
D 4 HOH 55  2055 2055 HOH HOH A . 
D 4 HOH 56  2056 2056 HOH HOH A . 
D 4 HOH 57  2057 2057 HOH HOH A . 
D 4 HOH 58  2058 2058 HOH HOH A . 
D 4 HOH 59  2059 2059 HOH HOH A . 
D 4 HOH 60  2060 2060 HOH HOH A . 
D 4 HOH 61  2061 2061 HOH HOH A . 
D 4 HOH 62  2062 2062 HOH HOH A . 
D 4 HOH 63  2063 2063 HOH HOH A . 
D 4 HOH 64  2064 2064 HOH HOH A . 
D 4 HOH 65  2065 2065 HOH HOH A . 
D 4 HOH 66  2066 2066 HOH HOH A . 
D 4 HOH 67  2067 2067 HOH HOH A . 
D 4 HOH 68  2068 2068 HOH HOH A . 
D 4 HOH 69  2069 2069 HOH HOH A . 
D 4 HOH 70  2070 2070 HOH HOH A . 
D 4 HOH 71  2071 2071 HOH HOH A . 
D 4 HOH 72  2072 2072 HOH HOH A . 
D 4 HOH 73  2073 2073 HOH HOH A . 
D 4 HOH 74  2074 2074 HOH HOH A . 
D 4 HOH 75  2075 2075 HOH HOH A . 
D 4 HOH 76  2076 2076 HOH HOH A . 
D 4 HOH 77  2077 2077 HOH HOH A . 
D 4 HOH 78  2078 2078 HOH HOH A . 
D 4 HOH 79  2079 2079 HOH HOH A . 
D 4 HOH 80  2080 2080 HOH HOH A . 
D 4 HOH 81  2081 2081 HOH HOH A . 
D 4 HOH 82  2082 2082 HOH HOH A . 
D 4 HOH 83  2083 2083 HOH HOH A . 
D 4 HOH 84  2084 2084 HOH HOH A . 
D 4 HOH 85  2085 2085 HOH HOH A . 
D 4 HOH 86  2086 2086 HOH HOH A . 
D 4 HOH 87  2087 2087 HOH HOH A . 
D 4 HOH 88  2088 2088 HOH HOH A . 
D 4 HOH 89  2089 2089 HOH HOH A . 
D 4 HOH 90  2090 2090 HOH HOH A . 
D 4 HOH 91  2091 2091 HOH HOH A . 
D 4 HOH 92  2092 2092 HOH HOH A . 
D 4 HOH 93  2093 2093 HOH HOH A . 
D 4 HOH 94  2094 2094 HOH HOH A . 
D 4 HOH 95  2095 2095 HOH HOH A . 
D 4 HOH 96  2096 2096 HOH HOH A . 
D 4 HOH 97  2097 2097 HOH HOH A . 
D 4 HOH 98  2098 2098 HOH HOH A . 
D 4 HOH 99  2099 2099 HOH HOH A . 
D 4 HOH 100 2100 2100 HOH HOH A . 
D 4 HOH 101 2101 2101 HOH HOH A . 
D 4 HOH 102 2102 2102 HOH HOH A . 
D 4 HOH 103 2103 2103 HOH HOH A . 
D 4 HOH 104 2104 2104 HOH HOH A . 
D 4 HOH 105 2105 2105 HOH HOH A . 
D 4 HOH 106 2106 2106 HOH HOH A . 
D 4 HOH 107 2107 2107 HOH HOH A . 
# 
loop_
_software.name 
_software.classification 
_software.version 
_software.citation_id 
_software.pdbx_ordinal 
REFMAC    refinement       5.5.0102 ? 1 
DENZO     'data reduction' .        ? 2 
SCALEPACK 'data scaling'   .        ? 3 
MOLREP    phasing          .        ? 4 
# 
_cell.entry_id           2XC2 
_cell.length_a           33.931 
_cell.length_b           51.998 
_cell.length_c           59.313 
_cell.angle_alpha        90.00 
_cell.angle_beta         90.00 
_cell.angle_gamma        90.00 
_cell.Z_PDB              4 
_cell.pdbx_unique_axis   ? 
# 
_symmetry.entry_id                         2XC2 
_symmetry.space_group_name_H-M             'P 21 21 21' 
_symmetry.pdbx_full_space_group_name_H-M   ? 
_symmetry.cell_setting                     ? 
_symmetry.Int_Tables_number                19 
# 
_exptl.entry_id          2XC2 
_exptl.method            'X-RAY DIFFRACTION' 
_exptl.crystals_number   1 
# 
_exptl_crystal.id                    1 
_exptl_crystal.density_meas          ? 
_exptl_crystal.density_Matthews      2.18 
_exptl_crystal.density_percent_sol   41.86 
_exptl_crystal.description           NONE 
# 
_exptl_crystal_grow.crystal_id      1 
_exptl_crystal_grow.method          ? 
_exptl_crystal_grow.temp            ? 
_exptl_crystal_grow.temp_details    ? 
_exptl_crystal_grow.pH              6.5 
_exptl_crystal_grow.pdbx_pH_range   ? 
_exptl_crystal_grow.pdbx_details    '0.1M SODIUM CACODYLATE PH 6.5, 10MM ZINC ACETATE, 24% (W/V) PEG 8000' 
# 
_diffrn.id                     1 
_diffrn.ambient_temp           100 
_diffrn.ambient_temp_details   ? 
_diffrn.crystal_id             1 
# 
_diffrn_detector.diffrn_id              1 
_diffrn_detector.detector               CCD 
_diffrn_detector.type                   MARRESEARCH 
_diffrn_detector.pdbx_collection_date   2006-04-06 
_diffrn_detector.details                ? 
# 
_diffrn_radiation.diffrn_id                        1 
_diffrn_radiation.wavelength_id                    1 
_diffrn_radiation.pdbx_monochromatic_or_laue_m_l   M 
_diffrn_radiation.monochromator                    ? 
_diffrn_radiation.pdbx_diffrn_protocol             'SINGLE WAVELENGTH' 
_diffrn_radiation.pdbx_scattering_type             x-ray 
# 
_diffrn_radiation_wavelength.id           1 
_diffrn_radiation_wavelength.wavelength   0.932 
_diffrn_radiation_wavelength.wt           1.0 
# 
_diffrn_source.diffrn_id                   1 
_diffrn_source.source                      SYNCHROTRON 
_diffrn_source.type                        'ELETTRA BEAMLINE 5.2R' 
_diffrn_source.pdbx_synchrotron_site       ELETTRA 
_diffrn_source.pdbx_synchrotron_beamline   5.2R 
_diffrn_source.pdbx_wavelength             0.932 
_diffrn_source.pdbx_wavelength_list        ? 
# 
_reflns.pdbx_diffrn_id               1 
_reflns.pdbx_ordinal                 1 
_reflns.entry_id                     2XC2 
_reflns.observed_criterion_sigma_I   2.0 
_reflns.observed_criterion_sigma_F   ? 
_reflns.d_resolution_low             39.10 
_reflns.d_resolution_high            1.56 
_reflns.number_obs                   15044 
_reflns.number_all                   ? 
_reflns.percent_possible_obs         100.0 
_reflns.pdbx_Rmerge_I_obs            0.06 
_reflns.pdbx_Rsym_value              ? 
_reflns.pdbx_netI_over_sigmaI        26.90 
_reflns.B_iso_Wilson_estimate        18.6 
_reflns.pdbx_redundancy              10.1 
# 
_reflns_shell.pdbx_diffrn_id         1 
_reflns_shell.pdbx_ordinal           1 
_reflns_shell.d_res_high             1.56 
_reflns_shell.d_res_low              1.61 
_reflns_shell.percent_possible_all   96.5 
_reflns_shell.Rmerge_I_obs           0.18 
_reflns_shell.pdbx_Rsym_value        ? 
_reflns_shell.meanI_over_sigI_obs    5.10 
_reflns_shell.pdbx_redundancy        9.2 
# 
_refine.pdbx_refine_id                           'X-RAY DIFFRACTION' 
_refine.entry_id                                 2XC2 
_refine.pdbx_diffrn_id                           1 
_refine.pdbx_TLS_residual_ADP_flag               ? 
_refine.ls_number_reflns_obs                     14281 
_refine.ls_number_reflns_all                     ? 
_refine.pdbx_ls_sigma_I                          ? 
_refine.pdbx_ls_sigma_F                          . 
_refine.pdbx_data_cutoff_high_absF               ? 
_refine.pdbx_data_cutoff_low_absF                ? 
_refine.pdbx_data_cutoff_high_rms_absF           ? 
_refine.ls_d_res_low                             39.10 
_refine.ls_d_res_high                            1.56 
_refine.ls_percent_reflns_obs                    96.52 
_refine.ls_R_factor_obs                          0.20653 
_refine.ls_R_factor_all                          ? 
_refine.ls_R_factor_R_work                       0.20460 
_refine.ls_R_factor_R_free                       0.24491 
_refine.ls_R_factor_R_free_error                 ? 
_refine.ls_R_factor_R_free_error_details         ? 
_refine.ls_percent_reflns_R_free                 5.1 
_refine.ls_number_reflns_R_free                  763 
_refine.ls_number_parameters                     ? 
_refine.ls_number_restraints                     ? 
_refine.occupancy_min                            ? 
_refine.occupancy_max                            ? 
_refine.correlation_coeff_Fo_to_Fc               0.954 
_refine.correlation_coeff_Fo_to_Fc_free          0.938 
_refine.B_iso_mean                               18.614 
_refine.aniso_B[1][1]                            -0.31 
_refine.aniso_B[2][2]                            1.00 
_refine.aniso_B[3][3]                            -0.69 
_refine.aniso_B[1][2]                            0.00 
_refine.aniso_B[1][3]                            0.00 
_refine.aniso_B[2][3]                            0.00 
_refine.solvent_model_details                    MASK 
_refine.solvent_model_param_ksol                 ? 
_refine.solvent_model_param_bsol                 ? 
_refine.pdbx_solvent_vdw_probe_radii             1.20 
_refine.pdbx_solvent_ion_probe_radii             0.80 
_refine.pdbx_solvent_shrinkage_radii             0.80 
_refine.pdbx_ls_cross_valid_method               THROUGHOUT 
_refine.details                                  'HYDROGENS HAVE BEEN ADDED IN THE RIDING POSITIONS.' 
_refine.pdbx_starting_model                      'PDB ENTRY 1XWA' 
_refine.pdbx_method_to_determine_struct          'MOLECULAR REPLACEMENT' 
_refine.pdbx_isotropic_thermal_model             ? 
_refine.pdbx_stereochemistry_target_values       'MAXIMUM LIKELIHOOD' 
_refine.pdbx_stereochem_target_val_spec_case     ? 
_refine.pdbx_R_Free_selection_details            RANDOM 
_refine.pdbx_overall_ESU_R                       0.102 
_refine.pdbx_overall_ESU_R_Free                  0.104 
_refine.overall_SU_ML                            0.143 
_refine.pdbx_overall_phase_error                 ? 
_refine.overall_SU_B                             3.830 
_refine.overall_SU_R_Cruickshank_DPI             ? 
_refine.pdbx_overall_SU_R_free_Cruickshank_DPI   ? 
_refine.pdbx_overall_SU_R_Blow_DPI               ? 
_refine.pdbx_overall_SU_R_free_Blow_DPI          ? 
# 
_refine_hist.pdbx_refine_id                   'X-RAY DIFFRACTION' 
_refine_hist.cycle_id                         LAST 
_refine_hist.pdbx_number_atoms_protein        869 
_refine_hist.pdbx_number_atoms_nucleic_acid   0 
_refine_hist.pdbx_number_atoms_ligand         2 
_refine_hist.number_atoms_solvent             107 
_refine_hist.number_atoms_total               978 
_refine_hist.d_res_high                       1.56 
_refine_hist.d_res_low                        39.10 
# 
loop_
_refine_ls_restr.type 
_refine_ls_restr.dev_ideal 
_refine_ls_restr.dev_ideal_target 
_refine_ls_restr.weight 
_refine_ls_restr.number 
_refine_ls_restr.pdbx_refine_id 
_refine_ls_restr.pdbx_restraint_function 
r_bond_refined_d             0.015  0.022  ? 905  'X-RAY DIFFRACTION' ? 
r_bond_other_d               ?      ?      ? ?    'X-RAY DIFFRACTION' ? 
r_angle_refined_deg          1.459  1.993  ? 1223 'X-RAY DIFFRACTION' ? 
r_angle_other_deg            ?      ?      ? ?    'X-RAY DIFFRACTION' ? 
r_dihedral_angle_1_deg       5.601  5.000  ? 115  'X-RAY DIFFRACTION' ? 
r_dihedral_angle_2_deg       34.216 26.571 ? 35   'X-RAY DIFFRACTION' ? 
r_dihedral_angle_3_deg       12.868 15.000 ? 186  'X-RAY DIFFRACTION' ? 
r_dihedral_angle_4_deg       21.435 15.000 ? 1    'X-RAY DIFFRACTION' ? 
r_chiral_restr               0.105  0.200  ? 144  'X-RAY DIFFRACTION' ? 
r_gen_planes_refined         0.007  0.021  ? 647  'X-RAY DIFFRACTION' ? 
r_gen_planes_other           ?      ?      ? ?    'X-RAY DIFFRACTION' ? 
r_nbd_refined                ?      ?      ? ?    'X-RAY DIFFRACTION' ? 
r_nbd_other                  ?      ?      ? ?    'X-RAY DIFFRACTION' ? 
r_nbtor_refined              ?      ?      ? ?    'X-RAY DIFFRACTION' ? 
r_nbtor_other                ?      ?      ? ?    'X-RAY DIFFRACTION' ? 
r_xyhbond_nbd_refined        ?      ?      ? ?    'X-RAY DIFFRACTION' ? 
r_xyhbond_nbd_other          ?      ?      ? ?    'X-RAY DIFFRACTION' ? 
r_metal_ion_refined          ?      ?      ? ?    'X-RAY DIFFRACTION' ? 
r_metal_ion_other            ?      ?      ? ?    'X-RAY DIFFRACTION' ? 
r_symmetry_vdw_refined       ?      ?      ? ?    'X-RAY DIFFRACTION' ? 
r_symmetry_vdw_other         ?      ?      ? ?    'X-RAY DIFFRACTION' ? 
r_symmetry_hbond_refined     ?      ?      ? ?    'X-RAY DIFFRACTION' ? 
r_symmetry_hbond_other       ?      ?      ? ?    'X-RAY DIFFRACTION' ? 
r_symmetry_metal_ion_refined ?      ?      ? ?    'X-RAY DIFFRACTION' ? 
r_symmetry_metal_ion_other   ?      ?      ? ?    'X-RAY DIFFRACTION' ? 
r_mcbond_it                  0.966  1.500  ? 560  'X-RAY DIFFRACTION' ? 
r_mcbond_other               ?      ?      ? ?    'X-RAY DIFFRACTION' ? 
r_mcangle_it                 1.692  2.000  ? 915  'X-RAY DIFFRACTION' ? 
r_mcangle_other              ?      ?      ? ?    'X-RAY DIFFRACTION' ? 
r_scbond_it                  2.545  3.000  ? 345  'X-RAY DIFFRACTION' ? 
r_scbond_other               ?      ?      ? ?    'X-RAY DIFFRACTION' ? 
r_scangle_it                 3.894  4.500  ? 306  'X-RAY DIFFRACTION' ? 
r_scangle_other              ?      ?      ? ?    'X-RAY DIFFRACTION' ? 
r_long_range_B_refined       ?      ?      ? ?    'X-RAY DIFFRACTION' ? 
r_long_range_B_other         ?      ?      ? ?    'X-RAY DIFFRACTION' ? 
r_rigid_bond_restr           ?      ?      ? ?    'X-RAY DIFFRACTION' ? 
r_sphericity_free            ?      ?      ? ?    'X-RAY DIFFRACTION' ? 
r_sphericity_bonded          ?      ?      ? ?    'X-RAY DIFFRACTION' ? 
# 
_refine_ls_shell.pdbx_refine_id                   'X-RAY DIFFRACTION' 
_refine_ls_shell.pdbx_total_number_of_bins_used   20 
_refine_ls_shell.d_res_high                       1.557 
_refine_ls_shell.d_res_low                        1.598 
_refine_ls_shell.number_reflns_R_work             973 
_refine_ls_shell.R_factor_R_work                  0.286 
_refine_ls_shell.percent_reflns_obs               92.29 
_refine_ls_shell.R_factor_R_free                  0.322 
_refine_ls_shell.R_factor_R_free_error            ? 
_refine_ls_shell.percent_reflns_R_free            ? 
_refine_ls_shell.number_reflns_R_free             56 
_refine_ls_shell.number_reflns_all                ? 
_refine_ls_shell.R_factor_all                     ? 
# 
_struct.entry_id                  2XC2 
_struct.title                     'Crystal structure of oxidized Schistosoma mansoni Thioredoxin pre- protein at 1.6 Angstrom' 
_struct.pdbx_model_details        ? 
_struct.pdbx_CASP_flag            ? 
_struct.pdbx_model_type_details   ? 
# 
_struct_keywords.entry_id        2XC2 
_struct_keywords.pdbx_keywords   OXIDOREDUCTASE 
_struct_keywords.text            'OXIDOREDUCTASE, PROTEIN DISULFIDE REDUCTASE' 
# 
loop_
_struct_asym.id 
_struct_asym.pdbx_blank_PDB_chainid_flag 
_struct_asym.pdbx_modified 
_struct_asym.entity_id 
_struct_asym.details 
A N N 1 ? 
B N N 2 ? 
C N N 3 ? 
D N N 4 ? 
# 
loop_
_struct_ref.id 
_struct_ref.db_name 
_struct_ref.db_code 
_struct_ref.entity_id 
_struct_ref.pdbx_seq_one_letter_code 
_struct_ref.pdbx_align_begin 
_struct_ref.pdbx_db_accession 
_struct_ref.pdbx_db_isoform 
1 PDB 2XC2         1 ? ? 2XC2   ? 
2 UNP Q8T9N5_SCHMA 1 ? ? Q8T9N5 ? 
# 
loop_
_struct_ref_seq.align_id 
_struct_ref_seq.ref_id 
_struct_ref_seq.pdbx_PDB_id_code 
_struct_ref_seq.pdbx_strand_id 
_struct_ref_seq.seq_align_beg 
_struct_ref_seq.pdbx_seq_align_beg_ins_code 
_struct_ref_seq.seq_align_end 
_struct_ref_seq.pdbx_seq_align_end_ins_code 
_struct_ref_seq.pdbx_db_accession 
_struct_ref_seq.db_align_beg 
_struct_ref_seq.pdbx_db_align_beg_ins_code 
_struct_ref_seq.db_align_end 
_struct_ref_seq.pdbx_db_align_end_ins_code 
_struct_ref_seq.pdbx_auth_seq_align_beg 
_struct_ref_seq.pdbx_auth_seq_align_end 
1 1 2XC2 A 8  ? 11  ? 2XC2   -3 ? 0   ? -3 0   
2 2 2XC2 A 12 ? 117 ? Q8T9N5 1  ? 106 ? 1  106 
# 
loop_
_struct_ref_seq_dif.align_id 
_struct_ref_seq_dif.pdbx_pdb_id_code 
_struct_ref_seq_dif.mon_id 
_struct_ref_seq_dif.pdbx_pdb_strand_id 
_struct_ref_seq_dif.seq_num 
_struct_ref_seq_dif.pdbx_pdb_ins_code 
_struct_ref_seq_dif.pdbx_seq_db_name 
_struct_ref_seq_dif.pdbx_seq_db_accession_code 
_struct_ref_seq_dif.db_mon_id 
_struct_ref_seq_dif.pdbx_seq_db_seq_num 
_struct_ref_seq_dif.details 
_struct_ref_seq_dif.pdbx_auth_seq_num 
_struct_ref_seq_dif.pdbx_ordinal 
1 2XC2 GLY A 1  ? UNP Q8T9N5 ?   ? 'expression tag'      -10 1 
1 2XC2 SER A 2  ? UNP Q8T9N5 ?   ? 'expression tag'      -9  2 
1 2XC2 PRO A 3  ? UNP Q8T9N5 ?   ? 'expression tag'      -8  3 
1 2XC2 GLU A 4  ? UNP Q8T9N5 ?   ? 'expression tag'      -7  4 
1 2XC2 PHE A 5  ? UNP Q8T9N5 ?   ? 'expression tag'      -6  5 
1 2XC2 THR A 6  ? UNP Q8T9N5 ?   ? 'expression tag'      -5  6 
1 2XC2 SER A 7  ? UNP Q8T9N5 ?   ? 'expression tag'      -4  7 
1 2XC2 GLU A 14 ? UNP Q8T9N5 LYS 3 'engineered mutation' 3   8 
# 
_pdbx_struct_assembly.id                   1 
_pdbx_struct_assembly.details              author_and_software_defined_assembly 
_pdbx_struct_assembly.method_details       PISA 
_pdbx_struct_assembly.oligomeric_details   monomeric 
_pdbx_struct_assembly.oligomeric_count     1 
# 
_pdbx_struct_assembly_gen.assembly_id       1 
_pdbx_struct_assembly_gen.oper_expression   1 
_pdbx_struct_assembly_gen.asym_id_list      A,B,C,D 
# 
_pdbx_struct_oper_list.id                   1 
_pdbx_struct_oper_list.type                 'identity operation' 
_pdbx_struct_oper_list.name                 1_555 
_pdbx_struct_oper_list.symmetry_operation   x,y,z 
_pdbx_struct_oper_list.matrix[1][1]         1.0000000000 
_pdbx_struct_oper_list.matrix[1][2]         0.0000000000 
_pdbx_struct_oper_list.matrix[1][3]         0.0000000000 
_pdbx_struct_oper_list.vector[1]            0.0000000000 
_pdbx_struct_oper_list.matrix[2][1]         0.0000000000 
_pdbx_struct_oper_list.matrix[2][2]         1.0000000000 
_pdbx_struct_oper_list.matrix[2][3]         0.0000000000 
_pdbx_struct_oper_list.vector[2]            0.0000000000 
_pdbx_struct_oper_list.matrix[3][1]         0.0000000000 
_pdbx_struct_oper_list.matrix[3][2]         0.0000000000 
_pdbx_struct_oper_list.matrix[3][3]         1.0000000000 
_pdbx_struct_oper_list.vector[3]            0.0000000000 
# 
_struct_biol.id   1 
# 
loop_
_struct_conf.conf_type_id 
_struct_conf.id 
_struct_conf.pdbx_PDB_helix_id 
_struct_conf.beg_label_comp_id 
_struct_conf.beg_label_asym_id 
_struct_conf.beg_label_seq_id 
_struct_conf.pdbx_beg_PDB_ins_code 
_struct_conf.end_label_comp_id 
_struct_conf.end_label_asym_id 
_struct_conf.end_label_seq_id 
_struct_conf.pdbx_end_PDB_ins_code 
_struct_conf.beg_auth_comp_id 
_struct_conf.beg_auth_asym_id 
_struct_conf.beg_auth_seq_id 
_struct_conf.end_auth_comp_id 
_struct_conf.end_auth_asym_id 
_struct_conf.end_auth_seq_id 
_struct_conf.pdbx_PDB_helix_class 
_struct_conf.details 
_struct_conf.pdbx_PDB_helix_length 
HELX_P HELX_P1 1 GLY A 22  ? HIS A 31  ? GLY A 11 HIS A 20  1 ? 10 
HELX_P HELX_P2 2 CYS A 45  ? GLU A 60  ? CYS A 34 GLU A 49  1 ? 16 
HELX_P HELX_P3 3 LEU A 74  ? TYR A 81  ? LEU A 63 TYR A 70  1 ? 8  
HELX_P HELX_P4 4 SER A 105 ? ILE A 117 ? SER A 94 ILE A 106 1 ? 13 
# 
_struct_conf_type.id          HELX_P 
_struct_conf_type.criteria    ? 
_struct_conf_type.reference   ? 
# 
loop_
_struct_conn.id 
_struct_conn.conn_type_id 
_struct_conn.pdbx_leaving_atom_flag 
_struct_conn.pdbx_PDB_id 
_struct_conn.ptnr1_label_asym_id 
_struct_conn.ptnr1_label_comp_id 
_struct_conn.ptnr1_label_seq_id 
_struct_conn.ptnr1_label_atom_id 
_struct_conn.pdbx_ptnr1_label_alt_id 
_struct_conn.pdbx_ptnr1_PDB_ins_code 
_struct_conn.pdbx_ptnr1_standard_comp_id 
_struct_conn.ptnr1_symmetry 
_struct_conn.ptnr2_label_asym_id 
_struct_conn.ptnr2_label_comp_id 
_struct_conn.ptnr2_label_seq_id 
_struct_conn.ptnr2_label_atom_id 
_struct_conn.pdbx_ptnr2_label_alt_id 
_struct_conn.pdbx_ptnr2_PDB_ins_code 
_struct_conn.ptnr1_auth_asym_id 
_struct_conn.ptnr1_auth_comp_id 
_struct_conn.ptnr1_auth_seq_id 
_struct_conn.ptnr2_auth_asym_id 
_struct_conn.ptnr2_auth_comp_id 
_struct_conn.ptnr2_auth_seq_id 
_struct_conn.ptnr2_symmetry 
_struct_conn.pdbx_ptnr3_label_atom_id 
_struct_conn.pdbx_ptnr3_label_seq_id 
_struct_conn.pdbx_ptnr3_label_comp_id 
_struct_conn.pdbx_ptnr3_label_asym_id 
_struct_conn.pdbx_ptnr3_label_alt_id 
_struct_conn.pdbx_ptnr3_PDB_ins_code 
_struct_conn.details 
_struct_conn.pdbx_dist_value 
_struct_conn.pdbx_value_order 
_struct_conn.pdbx_role 
disulf1 disulf ? ? A CYS 45 SG  ? ? ? 1_555 A CYS 48 SG ? ? A CYS 34   A CYS 37   1_555 ? ? ? ? ? ? ? 2.220 ? ? 
metalc1 metalc ? ? A GLU 14 OE1 ? ? ? 1_555 C ZN  .  ZN ? ? A GLU 3    A ZN  1108 1_555 ? ? ? ? ? ? ? 2.534 ? ? 
metalc2 metalc ? ? A GLU 14 OE2 ? ? ? 1_555 C ZN  .  ZN ? ? A GLU 3    A ZN  1108 1_555 ? ? ? ? ? ? ? 2.037 ? ? 
metalc3 metalc ? ? A HIS 31 NE2 ? ? ? 1_555 C ZN  .  ZN ? ? A HIS 20   A ZN  1108 1_555 ? ? ? ? ? ? ? 2.096 ? ? 
metalc4 metalc ? ? A GLU 57 OE1 ? ? ? 1_555 B CA  .  CA ? ? A GLU 46   A CA  1107 1_555 ? ? ? ? ? ? ? 2.726 ? ? 
metalc5 metalc ? ? A GLU 57 OE2 ? ? ? 1_555 B CA  .  CA ? ? A GLU 46   A CA  1107 1_555 ? ? ? ? ? ? ? 2.139 ? ? 
metalc6 metalc ? ? A GLU 60 OE1 ? ? ? 1_555 B CA  .  CA ? ? A GLU 49   A CA  1107 1_555 ? ? ? ? ? ? ? 2.057 ? ? 
metalc7 metalc ? ? A GLU 60 OE2 ? ? ? 1_555 B CA  .  CA ? ? A GLU 49   A CA  1107 1_555 ? ? ? ? ? ? ? 2.888 ? ? 
metalc8 metalc ? ? A GLU 76 OE1 ? ? ? 2_554 B CA  .  CA ? ? A GLU 65   A CA  1107 1_555 ? ? ? ? ? ? ? 2.418 ? ? 
metalc9 metalc ? ? C ZN  .  ZN  ? ? ? 1_555 D HOH .  O  ? ? A ZN  1108 A HOH 2106 1_555 ? ? ? ? ? ? ? 2.339 ? ? 
# 
loop_
_struct_conn_type.id 
_struct_conn_type.criteria 
_struct_conn_type.reference 
disulf ? ? 
metalc ? ? 
# 
loop_
_pdbx_struct_conn_angle.id 
_pdbx_struct_conn_angle.ptnr1_label_atom_id 
_pdbx_struct_conn_angle.ptnr1_label_alt_id 
_pdbx_struct_conn_angle.ptnr1_label_asym_id 
_pdbx_struct_conn_angle.ptnr1_label_comp_id 
_pdbx_struct_conn_angle.ptnr1_label_seq_id 
_pdbx_struct_conn_angle.ptnr1_auth_atom_id 
_pdbx_struct_conn_angle.ptnr1_auth_asym_id 
_pdbx_struct_conn_angle.ptnr1_auth_comp_id 
_pdbx_struct_conn_angle.ptnr1_auth_seq_id 
_pdbx_struct_conn_angle.ptnr1_PDB_ins_code 
_pdbx_struct_conn_angle.ptnr1_symmetry 
_pdbx_struct_conn_angle.ptnr2_label_atom_id 
_pdbx_struct_conn_angle.ptnr2_label_alt_id 
_pdbx_struct_conn_angle.ptnr2_label_asym_id 
_pdbx_struct_conn_angle.ptnr2_label_comp_id 
_pdbx_struct_conn_angle.ptnr2_label_seq_id 
_pdbx_struct_conn_angle.ptnr2_auth_atom_id 
_pdbx_struct_conn_angle.ptnr2_auth_asym_id 
_pdbx_struct_conn_angle.ptnr2_auth_comp_id 
_pdbx_struct_conn_angle.ptnr2_auth_seq_id 
_pdbx_struct_conn_angle.ptnr2_PDB_ins_code 
_pdbx_struct_conn_angle.ptnr2_symmetry 
_pdbx_struct_conn_angle.ptnr3_label_atom_id 
_pdbx_struct_conn_angle.ptnr3_label_alt_id 
_pdbx_struct_conn_angle.ptnr3_label_asym_id 
_pdbx_struct_conn_angle.ptnr3_label_comp_id 
_pdbx_struct_conn_angle.ptnr3_label_seq_id 
_pdbx_struct_conn_angle.ptnr3_auth_atom_id 
_pdbx_struct_conn_angle.ptnr3_auth_asym_id 
_pdbx_struct_conn_angle.ptnr3_auth_comp_id 
_pdbx_struct_conn_angle.ptnr3_auth_seq_id 
_pdbx_struct_conn_angle.ptnr3_PDB_ins_code 
_pdbx_struct_conn_angle.ptnr3_symmetry 
_pdbx_struct_conn_angle.value 
_pdbx_struct_conn_angle.value_esd 
1  OE1 ? A GLU 14 ? A GLU 3  ? 1_555 ZN ? C ZN . ? A ZN 1108 ? 1_555 OE2 ? A GLU 14 ? A GLU 3    ? 1_555 55.9  ? 
2  OE1 ? A GLU 14 ? A GLU 3  ? 1_555 ZN ? C ZN . ? A ZN 1108 ? 1_555 NE2 ? A HIS 31 ? A HIS 20   ? 1_555 96.5  ? 
3  OE2 ? A GLU 14 ? A GLU 3  ? 1_555 ZN ? C ZN . ? A ZN 1108 ? 1_555 NE2 ? A HIS 31 ? A HIS 20   ? 1_555 95.3  ? 
4  OE1 ? A GLU 14 ? A GLU 3  ? 1_555 ZN ? C ZN . ? A ZN 1108 ? 1_555 O   ? D HOH .  ? A HOH 2106 ? 1_555 143.0 ? 
5  OE2 ? A GLU 14 ? A GLU 3  ? 1_555 ZN ? C ZN . ? A ZN 1108 ? 1_555 O   ? D HOH .  ? A HOH 2106 ? 1_555 109.9 ? 
6  NE2 ? A HIS 31 ? A HIS 20 ? 1_555 ZN ? C ZN . ? A ZN 1108 ? 1_555 O   ? D HOH .  ? A HOH 2106 ? 1_555 119.8 ? 
7  OE1 ? A GLU 57 ? A GLU 46 ? 1_555 CA ? B CA . ? A CA 1107 ? 1_555 OE2 ? A GLU 57 ? A GLU 46   ? 1_555 51.4  ? 
8  OE1 ? A GLU 57 ? A GLU 46 ? 1_555 CA ? B CA . ? A CA 1107 ? 1_555 OE1 ? A GLU 60 ? A GLU 49   ? 1_555 87.6  ? 
9  OE2 ? A GLU 57 ? A GLU 46 ? 1_555 CA ? B CA . ? A CA 1107 ? 1_555 OE1 ? A GLU 60 ? A GLU 49   ? 1_555 100.7 ? 
10 OE1 ? A GLU 57 ? A GLU 46 ? 1_555 CA ? B CA . ? A CA 1107 ? 1_555 OE2 ? A GLU 60 ? A GLU 49   ? 1_555 111.9 ? 
11 OE2 ? A GLU 57 ? A GLU 46 ? 1_555 CA ? B CA . ? A CA 1107 ? 1_555 OE2 ? A GLU 60 ? A GLU 49   ? 1_555 83.9  ? 
12 OE1 ? A GLU 60 ? A GLU 49 ? 1_555 CA ? B CA . ? A CA 1107 ? 1_555 OE2 ? A GLU 60 ? A GLU 49   ? 1_555 49.0  ? 
13 OE1 ? A GLU 57 ? A GLU 46 ? 1_555 CA ? B CA . ? A CA 1107 ? 1_555 OE1 ? A GLU 76 ? A GLU 65   ? 2_554 84.5  ? 
14 OE2 ? A GLU 57 ? A GLU 46 ? 1_555 CA ? B CA . ? A CA 1107 ? 1_555 OE1 ? A GLU 76 ? A GLU 65   ? 2_554 113.4 ? 
15 OE1 ? A GLU 60 ? A GLU 49 ? 1_555 CA ? B CA . ? A CA 1107 ? 1_555 OE1 ? A GLU 76 ? A GLU 65   ? 2_554 127.8 ? 
16 OE2 ? A GLU 60 ? A GLU 49 ? 1_555 CA ? B CA . ? A CA 1107 ? 1_555 OE1 ? A GLU 76 ? A GLU 65   ? 2_554 161.8 ? 
# 
_pdbx_modification_feature.ordinal                            1 
_pdbx_modification_feature.label_comp_id                      CYS 
_pdbx_modification_feature.label_asym_id                      A 
_pdbx_modification_feature.label_seq_id                       45 
_pdbx_modification_feature.label_alt_id                       ? 
_pdbx_modification_feature.modified_residue_label_comp_id     CYS 
_pdbx_modification_feature.modified_residue_label_asym_id     A 
_pdbx_modification_feature.modified_residue_label_seq_id      48 
_pdbx_modification_feature.modified_residue_label_alt_id      ? 
_pdbx_modification_feature.auth_comp_id                       CYS 
_pdbx_modification_feature.auth_asym_id                       A 
_pdbx_modification_feature.auth_seq_id                        34 
_pdbx_modification_feature.PDB_ins_code                       ? 
_pdbx_modification_feature.symmetry                           1_555 
_pdbx_modification_feature.modified_residue_auth_comp_id      CYS 
_pdbx_modification_feature.modified_residue_auth_asym_id      A 
_pdbx_modification_feature.modified_residue_auth_seq_id       37 
_pdbx_modification_feature.modified_residue_PDB_ins_code      ? 
_pdbx_modification_feature.modified_residue_symmetry          1_555 
_pdbx_modification_feature.comp_id_linking_atom               SG 
_pdbx_modification_feature.modified_residue_id_linking_atom   SG 
_pdbx_modification_feature.modified_residue_id                . 
_pdbx_modification_feature.ref_pcm_id                         . 
_pdbx_modification_feature.ref_comp_id                        . 
_pdbx_modification_feature.type                               None 
_pdbx_modification_feature.category                           'Disulfide bridge' 
# 
loop_
_struct_mon_prot_cis.pdbx_id 
_struct_mon_prot_cis.label_comp_id 
_struct_mon_prot_cis.label_seq_id 
_struct_mon_prot_cis.label_asym_id 
_struct_mon_prot_cis.label_alt_id 
_struct_mon_prot_cis.pdbx_PDB_ins_code 
_struct_mon_prot_cis.auth_comp_id 
_struct_mon_prot_cis.auth_seq_id 
_struct_mon_prot_cis.auth_asym_id 
_struct_mon_prot_cis.pdbx_label_comp_id_2 
_struct_mon_prot_cis.pdbx_label_seq_id_2 
_struct_mon_prot_cis.pdbx_label_asym_id_2 
_struct_mon_prot_cis.pdbx_PDB_ins_code_2 
_struct_mon_prot_cis.pdbx_auth_comp_id_2 
_struct_mon_prot_cis.pdbx_auth_seq_id_2 
_struct_mon_prot_cis.pdbx_auth_asym_id_2 
_struct_mon_prot_cis.pdbx_PDB_model_num 
_struct_mon_prot_cis.pdbx_omega_angle 
1 MET 86 A . ? MET 75 A PRO 87 A ? PRO 76 A 1 3.65  
2 MET 86 A . ? MET 75 A PRO 87 A ? PRO 76 A 1 -9.20 
# 
_struct_sheet.id               AA 
_struct_sheet.type             ? 
_struct_sheet.number_strands   5 
_struct_sheet.details          ? 
# 
loop_
_struct_sheet_order.sheet_id 
_struct_sheet_order.range_id_1 
_struct_sheet_order.range_id_2 
_struct_sheet_order.offset 
_struct_sheet_order.sense 
AA 1 2 ? parallel      
AA 2 3 ? parallel      
AA 3 4 ? anti-parallel 
AA 4 5 ? anti-parallel 
# 
loop_
_struct_sheet_range.sheet_id 
_struct_sheet_range.id 
_struct_sheet_range.beg_label_comp_id 
_struct_sheet_range.beg_label_asym_id 
_struct_sheet_range.beg_label_seq_id 
_struct_sheet_range.pdbx_beg_PDB_ins_code 
_struct_sheet_range.end_label_comp_id 
_struct_sheet_range.end_label_asym_id 
_struct_sheet_range.end_label_seq_id 
_struct_sheet_range.pdbx_end_PDB_ins_code 
_struct_sheet_range.beg_auth_comp_id 
_struct_sheet_range.beg_auth_asym_id 
_struct_sheet_range.beg_auth_seq_id 
_struct_sheet_range.end_auth_comp_id 
_struct_sheet_range.end_auth_asym_id 
_struct_sheet_range.end_auth_seq_id 
AA 1 GLU A 14 ? GLU A 17  ? GLU A 3  GLU A 6  
AA 2 ILE A 65 ? ASP A 70  ? ILE A 54 ASP A 59 
AA 3 VAL A 36 ? PHE A 41  ? VAL A 25 PHE A 30 
AA 4 THR A 88 ? LYS A 93  ? THR A 77 LYS A 82 
AA 5 GLU A 96 ? VAL A 102 ? GLU A 85 VAL A 91 
# 
loop_
_pdbx_struct_sheet_hbond.sheet_id 
_pdbx_struct_sheet_hbond.range_id_1 
_pdbx_struct_sheet_hbond.range_id_2 
_pdbx_struct_sheet_hbond.range_1_label_atom_id 
_pdbx_struct_sheet_hbond.range_1_label_comp_id 
_pdbx_struct_sheet_hbond.range_1_label_asym_id 
_pdbx_struct_sheet_hbond.range_1_label_seq_id 
_pdbx_struct_sheet_hbond.range_1_PDB_ins_code 
_pdbx_struct_sheet_hbond.range_1_auth_atom_id 
_pdbx_struct_sheet_hbond.range_1_auth_comp_id 
_pdbx_struct_sheet_hbond.range_1_auth_asym_id 
_pdbx_struct_sheet_hbond.range_1_auth_seq_id 
_pdbx_struct_sheet_hbond.range_2_label_atom_id 
_pdbx_struct_sheet_hbond.range_2_label_comp_id 
_pdbx_struct_sheet_hbond.range_2_label_asym_id 
_pdbx_struct_sheet_hbond.range_2_label_seq_id 
_pdbx_struct_sheet_hbond.range_2_PDB_ins_code 
_pdbx_struct_sheet_hbond.range_2_auth_atom_id 
_pdbx_struct_sheet_hbond.range_2_auth_comp_id 
_pdbx_struct_sheet_hbond.range_2_auth_asym_id 
_pdbx_struct_sheet_hbond.range_2_auth_seq_id 
AA 1 2 N ILE A 16 ? N ILE A 5  O PHE A 66 ? O PHE A 55 
AA 2 3 N VAL A 67 ? N VAL A 56 O VAL A 37 ? O VAL A 26 
AA 3 4 N PHE A 40 ? N PHE A 29 O THR A 88 ? O THR A 77 
AA 4 5 N LYS A 93 ? N LYS A 82 O GLU A 96 ? O GLU A 85 
# 
loop_
_struct_site.id 
_struct_site.pdbx_evidence_code 
_struct_site.pdbx_auth_asym_id 
_struct_site.pdbx_auth_comp_id 
_struct_site.pdbx_auth_seq_id 
_struct_site.pdbx_auth_ins_code 
_struct_site.pdbx_num_residues 
_struct_site.details 
AC1 Software A CA 1107 ? 3 'BINDING SITE FOR RESIDUE CA A 1107' 
AC2 Software A ZN 1108 ? 5 'BINDING SITE FOR RESIDUE ZN A 1108' 
# 
loop_
_struct_site_gen.id 
_struct_site_gen.site_id 
_struct_site_gen.pdbx_num_res 
_struct_site_gen.label_comp_id 
_struct_site_gen.label_asym_id 
_struct_site_gen.label_seq_id 
_struct_site_gen.pdbx_auth_ins_code 
_struct_site_gen.auth_comp_id 
_struct_site_gen.auth_asym_id 
_struct_site_gen.auth_seq_id 
_struct_site_gen.label_atom_id 
_struct_site_gen.label_alt_id 
_struct_site_gen.symmetry 
_struct_site_gen.details 
1 AC1 3 GLU A 57 ? GLU A 46   . ? 1_555 ? 
2 AC1 3 GLU A 60 ? GLU A 49   . ? 1_555 ? 
3 AC1 3 GLU A 76 ? GLU A 65   . ? 2_554 ? 
4 AC2 5 GLU A 14 ? GLU A 3    . ? 1_555 ? 
5 AC2 5 HIS A 31 ? HIS A 20   . ? 1_555 ? 
6 AC2 5 HOH D .  ? HOH A 2033 . ? 1_555 ? 
7 AC2 5 HOH D .  ? HOH A 2106 . ? 1_555 ? 
8 AC2 5 HOH D .  ? HOH A 2107 . ? 1_555 ? 
# 
_pdbx_entry_details.entry_id                   2XC2 
_pdbx_entry_details.compound_details           'ENGINEERED RESIDUE IN CHAIN A, LYS 3 TO GLU' 
_pdbx_entry_details.source_details             ? 
_pdbx_entry_details.nonpolymer_details         ? 
_pdbx_entry_details.sequence_details           
;GSPEFTS AT N-TERMINUS CAME FROM THROMBIN CLEAVAGE OF THE
EXPRESSION PLASMID
;
_pdbx_entry_details.has_ligand_of_interest     ? 
_pdbx_entry_details.has_protein_modification   Y 
# 
_pdbx_validate_close_contact.id               1 
_pdbx_validate_close_contact.PDB_model_num    1 
_pdbx_validate_close_contact.auth_atom_id_1   NZ 
_pdbx_validate_close_contact.auth_asym_id_1   A 
_pdbx_validate_close_contact.auth_comp_id_1   LYS 
_pdbx_validate_close_contact.auth_seq_id_1    57 
_pdbx_validate_close_contact.PDB_ins_code_1   ? 
_pdbx_validate_close_contact.label_alt_id_1   ? 
_pdbx_validate_close_contact.auth_atom_id_2   O 
_pdbx_validate_close_contact.auth_asym_id_2   A 
_pdbx_validate_close_contact.auth_comp_id_2   HOH 
_pdbx_validate_close_contact.auth_seq_id_2    2059 
_pdbx_validate_close_contact.PDB_ins_code_2   ? 
_pdbx_validate_close_contact.label_alt_id_2   ? 
_pdbx_validate_close_contact.dist             2.19 
# 
_pdbx_validate_rmsd_angle.id                         1 
_pdbx_validate_rmsd_angle.PDB_model_num              1 
_pdbx_validate_rmsd_angle.auth_atom_id_1             CA 
_pdbx_validate_rmsd_angle.auth_asym_id_1             A 
_pdbx_validate_rmsd_angle.auth_comp_id_1             CYS 
_pdbx_validate_rmsd_angle.auth_seq_id_1              34 
_pdbx_validate_rmsd_angle.PDB_ins_code_1             ? 
_pdbx_validate_rmsd_angle.label_alt_id_1             ? 
_pdbx_validate_rmsd_angle.auth_atom_id_2             CB 
_pdbx_validate_rmsd_angle.auth_asym_id_2             A 
_pdbx_validate_rmsd_angle.auth_comp_id_2             CYS 
_pdbx_validate_rmsd_angle.auth_seq_id_2              34 
_pdbx_validate_rmsd_angle.PDB_ins_code_2             ? 
_pdbx_validate_rmsd_angle.label_alt_id_2             ? 
_pdbx_validate_rmsd_angle.auth_atom_id_3             SG 
_pdbx_validate_rmsd_angle.auth_asym_id_3             A 
_pdbx_validate_rmsd_angle.auth_comp_id_3             CYS 
_pdbx_validate_rmsd_angle.auth_seq_id_3              34 
_pdbx_validate_rmsd_angle.PDB_ins_code_3             ? 
_pdbx_validate_rmsd_angle.label_alt_id_3             ? 
_pdbx_validate_rmsd_angle.angle_value                120.91 
_pdbx_validate_rmsd_angle.angle_target_value         114.20 
_pdbx_validate_rmsd_angle.angle_deviation            6.71 
_pdbx_validate_rmsd_angle.angle_standard_deviation   1.10 
_pdbx_validate_rmsd_angle.linker_flag                N 
# 
loop_
_pdbx_unobs_or_zero_occ_residues.id 
_pdbx_unobs_or_zero_occ_residues.PDB_model_num 
_pdbx_unobs_or_zero_occ_residues.polymer_flag 
_pdbx_unobs_or_zero_occ_residues.occupancy_flag 
_pdbx_unobs_or_zero_occ_residues.auth_asym_id 
_pdbx_unobs_or_zero_occ_residues.auth_comp_id 
_pdbx_unobs_or_zero_occ_residues.auth_seq_id 
_pdbx_unobs_or_zero_occ_residues.PDB_ins_code 
_pdbx_unobs_or_zero_occ_residues.label_asym_id 
_pdbx_unobs_or_zero_occ_residues.label_comp_id 
_pdbx_unobs_or_zero_occ_residues.label_seq_id 
1 1 Y 1 A GLY -10 ? A GLY 1 
2 1 Y 1 A SER -9  ? A SER 2 
3 1 Y 1 A PRO -8  ? A PRO 3 
4 1 Y 1 A GLU -7  ? A GLU 4 
5 1 Y 1 A PHE -6  ? A PHE 5 
6 1 Y 1 A THR -5  ? A THR 6 
7 1 Y 1 A SER -4  ? A SER 7 
# 
loop_
_chem_comp_atom.comp_id 
_chem_comp_atom.atom_id 
_chem_comp_atom.type_symbol 
_chem_comp_atom.pdbx_aromatic_flag 
_chem_comp_atom.pdbx_stereo_config 
_chem_comp_atom.pdbx_ordinal 
ALA N    N  N N 1   
ALA CA   C  N S 2   
ALA C    C  N N 3   
ALA O    O  N N 4   
ALA CB   C  N N 5   
ALA OXT  O  N N 6   
ALA H    H  N N 7   
ALA H2   H  N N 8   
ALA HA   H  N N 9   
ALA HB1  H  N N 10  
ALA HB2  H  N N 11  
ALA HB3  H  N N 12  
ALA HXT  H  N N 13  
ARG N    N  N N 14  
ARG CA   C  N S 15  
ARG C    C  N N 16  
ARG O    O  N N 17  
ARG CB   C  N N 18  
ARG CG   C  N N 19  
ARG CD   C  N N 20  
ARG NE   N  N N 21  
ARG CZ   C  N N 22  
ARG NH1  N  N N 23  
ARG NH2  N  N N 24  
ARG OXT  O  N N 25  
ARG H    H  N N 26  
ARG H2   H  N N 27  
ARG HA   H  N N 28  
ARG HB2  H  N N 29  
ARG HB3  H  N N 30  
ARG HG2  H  N N 31  
ARG HG3  H  N N 32  
ARG HD2  H  N N 33  
ARG HD3  H  N N 34  
ARG HE   H  N N 35  
ARG HH11 H  N N 36  
ARG HH12 H  N N 37  
ARG HH21 H  N N 38  
ARG HH22 H  N N 39  
ARG HXT  H  N N 40  
ASN N    N  N N 41  
ASN CA   C  N S 42  
ASN C    C  N N 43  
ASN O    O  N N 44  
ASN CB   C  N N 45  
ASN CG   C  N N 46  
ASN OD1  O  N N 47  
ASN ND2  N  N N 48  
ASN OXT  O  N N 49  
ASN H    H  N N 50  
ASN H2   H  N N 51  
ASN HA   H  N N 52  
ASN HB2  H  N N 53  
ASN HB3  H  N N 54  
ASN HD21 H  N N 55  
ASN HD22 H  N N 56  
ASN HXT  H  N N 57  
ASP N    N  N N 58  
ASP CA   C  N S 59  
ASP C    C  N N 60  
ASP O    O  N N 61  
ASP CB   C  N N 62  
ASP CG   C  N N 63  
ASP OD1  O  N N 64  
ASP OD2  O  N N 65  
ASP OXT  O  N N 66  
ASP H    H  N N 67  
ASP H2   H  N N 68  
ASP HA   H  N N 69  
ASP HB2  H  N N 70  
ASP HB3  H  N N 71  
ASP HD2  H  N N 72  
ASP HXT  H  N N 73  
CA  CA   CA N N 74  
CYS N    N  N N 75  
CYS CA   C  N R 76  
CYS C    C  N N 77  
CYS O    O  N N 78  
CYS CB   C  N N 79  
CYS SG   S  N N 80  
CYS OXT  O  N N 81  
CYS H    H  N N 82  
CYS H2   H  N N 83  
CYS HA   H  N N 84  
CYS HB2  H  N N 85  
CYS HB3  H  N N 86  
CYS HG   H  N N 87  
CYS HXT  H  N N 88  
GLN N    N  N N 89  
GLN CA   C  N S 90  
GLN C    C  N N 91  
GLN O    O  N N 92  
GLN CB   C  N N 93  
GLN CG   C  N N 94  
GLN CD   C  N N 95  
GLN OE1  O  N N 96  
GLN NE2  N  N N 97  
GLN OXT  O  N N 98  
GLN H    H  N N 99  
GLN H2   H  N N 100 
GLN HA   H  N N 101 
GLN HB2  H  N N 102 
GLN HB3  H  N N 103 
GLN HG2  H  N N 104 
GLN HG3  H  N N 105 
GLN HE21 H  N N 106 
GLN HE22 H  N N 107 
GLN HXT  H  N N 108 
GLU N    N  N N 109 
GLU CA   C  N S 110 
GLU C    C  N N 111 
GLU O    O  N N 112 
GLU CB   C  N N 113 
GLU CG   C  N N 114 
GLU CD   C  N N 115 
GLU OE1  O  N N 116 
GLU OE2  O  N N 117 
GLU OXT  O  N N 118 
GLU H    H  N N 119 
GLU H2   H  N N 120 
GLU HA   H  N N 121 
GLU HB2  H  N N 122 
GLU HB3  H  N N 123 
GLU HG2  H  N N 124 
GLU HG3  H  N N 125 
GLU HE2  H  N N 126 
GLU HXT  H  N N 127 
GLY N    N  N N 128 
GLY CA   C  N N 129 
GLY C    C  N N 130 
GLY O    O  N N 131 
GLY OXT  O  N N 132 
GLY H    H  N N 133 
GLY H2   H  N N 134 
GLY HA2  H  N N 135 
GLY HA3  H  N N 136 
GLY HXT  H  N N 137 
HIS N    N  N N 138 
HIS CA   C  N S 139 
HIS C    C  N N 140 
HIS O    O  N N 141 
HIS CB   C  N N 142 
HIS CG   C  Y N 143 
HIS ND1  N  Y N 144 
HIS CD2  C  Y N 145 
HIS CE1  C  Y N 146 
HIS NE2  N  Y N 147 
HIS OXT  O  N N 148 
HIS H    H  N N 149 
HIS H2   H  N N 150 
HIS HA   H  N N 151 
HIS HB2  H  N N 152 
HIS HB3  H  N N 153 
HIS HD1  H  N N 154 
HIS HD2  H  N N 155 
HIS HE1  H  N N 156 
HIS HE2  H  N N 157 
HIS HXT  H  N N 158 
HOH O    O  N N 159 
HOH H1   H  N N 160 
HOH H2   H  N N 161 
ILE N    N  N N 162 
ILE CA   C  N S 163 
ILE C    C  N N 164 
ILE O    O  N N 165 
ILE CB   C  N S 166 
ILE CG1  C  N N 167 
ILE CG2  C  N N 168 
ILE CD1  C  N N 169 
ILE OXT  O  N N 170 
ILE H    H  N N 171 
ILE H2   H  N N 172 
ILE HA   H  N N 173 
ILE HB   H  N N 174 
ILE HG12 H  N N 175 
ILE HG13 H  N N 176 
ILE HG21 H  N N 177 
ILE HG22 H  N N 178 
ILE HG23 H  N N 179 
ILE HD11 H  N N 180 
ILE HD12 H  N N 181 
ILE HD13 H  N N 182 
ILE HXT  H  N N 183 
LEU N    N  N N 184 
LEU CA   C  N S 185 
LEU C    C  N N 186 
LEU O    O  N N 187 
LEU CB   C  N N 188 
LEU CG   C  N N 189 
LEU CD1  C  N N 190 
LEU CD2  C  N N 191 
LEU OXT  O  N N 192 
LEU H    H  N N 193 
LEU H2   H  N N 194 
LEU HA   H  N N 195 
LEU HB2  H  N N 196 
LEU HB3  H  N N 197 
LEU HG   H  N N 198 
LEU HD11 H  N N 199 
LEU HD12 H  N N 200 
LEU HD13 H  N N 201 
LEU HD21 H  N N 202 
LEU HD22 H  N N 203 
LEU HD23 H  N N 204 
LEU HXT  H  N N 205 
LYS N    N  N N 206 
LYS CA   C  N S 207 
LYS C    C  N N 208 
LYS O    O  N N 209 
LYS CB   C  N N 210 
LYS CG   C  N N 211 
LYS CD   C  N N 212 
LYS CE   C  N N 213 
LYS NZ   N  N N 214 
LYS OXT  O  N N 215 
LYS H    H  N N 216 
LYS H2   H  N N 217 
LYS HA   H  N N 218 
LYS HB2  H  N N 219 
LYS HB3  H  N N 220 
LYS HG2  H  N N 221 
LYS HG3  H  N N 222 
LYS HD2  H  N N 223 
LYS HD3  H  N N 224 
LYS HE2  H  N N 225 
LYS HE3  H  N N 226 
LYS HZ1  H  N N 227 
LYS HZ2  H  N N 228 
LYS HZ3  H  N N 229 
LYS HXT  H  N N 230 
MET N    N  N N 231 
MET CA   C  N S 232 
MET C    C  N N 233 
MET O    O  N N 234 
MET CB   C  N N 235 
MET CG   C  N N 236 
MET SD   S  N N 237 
MET CE   C  N N 238 
MET OXT  O  N N 239 
MET H    H  N N 240 
MET H2   H  N N 241 
MET HA   H  N N 242 
MET HB2  H  N N 243 
MET HB3  H  N N 244 
MET HG2  H  N N 245 
MET HG3  H  N N 246 
MET HE1  H  N N 247 
MET HE2  H  N N 248 
MET HE3  H  N N 249 
MET HXT  H  N N 250 
PHE N    N  N N 251 
PHE CA   C  N S 252 
PHE C    C  N N 253 
PHE O    O  N N 254 
PHE CB   C  N N 255 
PHE CG   C  Y N 256 
PHE CD1  C  Y N 257 
PHE CD2  C  Y N 258 
PHE CE1  C  Y N 259 
PHE CE2  C  Y N 260 
PHE CZ   C  Y N 261 
PHE OXT  O  N N 262 
PHE H    H  N N 263 
PHE H2   H  N N 264 
PHE HA   H  N N 265 
PHE HB2  H  N N 266 
PHE HB3  H  N N 267 
PHE HD1  H  N N 268 
PHE HD2  H  N N 269 
PHE HE1  H  N N 270 
PHE HE2  H  N N 271 
PHE HZ   H  N N 272 
PHE HXT  H  N N 273 
PRO N    N  N N 274 
PRO CA   C  N S 275 
PRO C    C  N N 276 
PRO O    O  N N 277 
PRO CB   C  N N 278 
PRO CG   C  N N 279 
PRO CD   C  N N 280 
PRO OXT  O  N N 281 
PRO H    H  N N 282 
PRO HA   H  N N 283 
PRO HB2  H  N N 284 
PRO HB3  H  N N 285 
PRO HG2  H  N N 286 
PRO HG3  H  N N 287 
PRO HD2  H  N N 288 
PRO HD3  H  N N 289 
PRO HXT  H  N N 290 
SER N    N  N N 291 
SER CA   C  N S 292 
SER C    C  N N 293 
SER O    O  N N 294 
SER CB   C  N N 295 
SER OG   O  N N 296 
SER OXT  O  N N 297 
SER H    H  N N 298 
SER H2   H  N N 299 
SER HA   H  N N 300 
SER HB2  H  N N 301 
SER HB3  H  N N 302 
SER HG   H  N N 303 
SER HXT  H  N N 304 
THR N    N  N N 305 
THR CA   C  N S 306 
THR C    C  N N 307 
THR O    O  N N 308 
THR CB   C  N R 309 
THR OG1  O  N N 310 
THR CG2  C  N N 311 
THR OXT  O  N N 312 
THR H    H  N N 313 
THR H2   H  N N 314 
THR HA   H  N N 315 
THR HB   H  N N 316 
THR HG1  H  N N 317 
THR HG21 H  N N 318 
THR HG22 H  N N 319 
THR HG23 H  N N 320 
THR HXT  H  N N 321 
TRP N    N  N N 322 
TRP CA   C  N S 323 
TRP C    C  N N 324 
TRP O    O  N N 325 
TRP CB   C  N N 326 
TRP CG   C  Y N 327 
TRP CD1  C  Y N 328 
TRP CD2  C  Y N 329 
TRP NE1  N  Y N 330 
TRP CE2  C  Y N 331 
TRP CE3  C  Y N 332 
TRP CZ2  C  Y N 333 
TRP CZ3  C  Y N 334 
TRP CH2  C  Y N 335 
TRP OXT  O  N N 336 
TRP H    H  N N 337 
TRP H2   H  N N 338 
TRP HA   H  N N 339 
TRP HB2  H  N N 340 
TRP HB3  H  N N 341 
TRP HD1  H  N N 342 
TRP HE1  H  N N 343 
TRP HE3  H  N N 344 
TRP HZ2  H  N N 345 
TRP HZ3  H  N N 346 
TRP HH2  H  N N 347 
TRP HXT  H  N N 348 
TYR N    N  N N 349 
TYR CA   C  N S 350 
TYR C    C  N N 351 
TYR O    O  N N 352 
TYR CB   C  N N 353 
TYR CG   C  Y N 354 
TYR CD1  C  Y N 355 
TYR CD2  C  Y N 356 
TYR CE1  C  Y N 357 
TYR CE2  C  Y N 358 
TYR CZ   C  Y N 359 
TYR OH   O  N N 360 
TYR OXT  O  N N 361 
TYR H    H  N N 362 
TYR H2   H  N N 363 
TYR HA   H  N N 364 
TYR HB2  H  N N 365 
TYR HB3  H  N N 366 
TYR HD1  H  N N 367 
TYR HD2  H  N N 368 
TYR HE1  H  N N 369 
TYR HE2  H  N N 370 
TYR HH   H  N N 371 
TYR HXT  H  N N 372 
VAL N    N  N N 373 
VAL CA   C  N S 374 
VAL C    C  N N 375 
VAL O    O  N N 376 
VAL CB   C  N N 377 
VAL CG1  C  N N 378 
VAL CG2  C  N N 379 
VAL OXT  O  N N 380 
VAL H    H  N N 381 
VAL H2   H  N N 382 
VAL HA   H  N N 383 
VAL HB   H  N N 384 
VAL HG11 H  N N 385 
VAL HG12 H  N N 386 
VAL HG13 H  N N 387 
VAL HG21 H  N N 388 
VAL HG22 H  N N 389 
VAL HG23 H  N N 390 
VAL HXT  H  N N 391 
ZN  ZN   ZN N N 392 
# 
loop_
_chem_comp_bond.comp_id 
_chem_comp_bond.atom_id_1 
_chem_comp_bond.atom_id_2 
_chem_comp_bond.value_order 
_chem_comp_bond.pdbx_aromatic_flag 
_chem_comp_bond.pdbx_stereo_config 
_chem_comp_bond.pdbx_ordinal 
ALA N   CA   sing N N 1   
ALA N   H    sing N N 2   
ALA N   H2   sing N N 3   
ALA CA  C    sing N N 4   
ALA CA  CB   sing N N 5   
ALA CA  HA   sing N N 6   
ALA C   O    doub N N 7   
ALA C   OXT  sing N N 8   
ALA CB  HB1  sing N N 9   
ALA CB  HB2  sing N N 10  
ALA CB  HB3  sing N N 11  
ALA OXT HXT  sing N N 12  
ARG N   CA   sing N N 13  
ARG N   H    sing N N 14  
ARG N   H2   sing N N 15  
ARG CA  C    sing N N 16  
ARG CA  CB   sing N N 17  
ARG CA  HA   sing N N 18  
ARG C   O    doub N N 19  
ARG C   OXT  sing N N 20  
ARG CB  CG   sing N N 21  
ARG CB  HB2  sing N N 22  
ARG CB  HB3  sing N N 23  
ARG CG  CD   sing N N 24  
ARG CG  HG2  sing N N 25  
ARG CG  HG3  sing N N 26  
ARG CD  NE   sing N N 27  
ARG CD  HD2  sing N N 28  
ARG CD  HD3  sing N N 29  
ARG NE  CZ   sing N N 30  
ARG NE  HE   sing N N 31  
ARG CZ  NH1  sing N N 32  
ARG CZ  NH2  doub N N 33  
ARG NH1 HH11 sing N N 34  
ARG NH1 HH12 sing N N 35  
ARG NH2 HH21 sing N N 36  
ARG NH2 HH22 sing N N 37  
ARG OXT HXT  sing N N 38  
ASN N   CA   sing N N 39  
ASN N   H    sing N N 40  
ASN N   H2   sing N N 41  
ASN CA  C    sing N N 42  
ASN CA  CB   sing N N 43  
ASN CA  HA   sing N N 44  
ASN C   O    doub N N 45  
ASN C   OXT  sing N N 46  
ASN CB  CG   sing N N 47  
ASN CB  HB2  sing N N 48  
ASN CB  HB3  sing N N 49  
ASN CG  OD1  doub N N 50  
ASN CG  ND2  sing N N 51  
ASN ND2 HD21 sing N N 52  
ASN ND2 HD22 sing N N 53  
ASN OXT HXT  sing N N 54  
ASP N   CA   sing N N 55  
ASP N   H    sing N N 56  
ASP N   H2   sing N N 57  
ASP CA  C    sing N N 58  
ASP CA  CB   sing N N 59  
ASP CA  HA   sing N N 60  
ASP C   O    doub N N 61  
ASP C   OXT  sing N N 62  
ASP CB  CG   sing N N 63  
ASP CB  HB2  sing N N 64  
ASP CB  HB3  sing N N 65  
ASP CG  OD1  doub N N 66  
ASP CG  OD2  sing N N 67  
ASP OD2 HD2  sing N N 68  
ASP OXT HXT  sing N N 69  
CYS N   CA   sing N N 70  
CYS N   H    sing N N 71  
CYS N   H2   sing N N 72  
CYS CA  C    sing N N 73  
CYS CA  CB   sing N N 74  
CYS CA  HA   sing N N 75  
CYS C   O    doub N N 76  
CYS C   OXT  sing N N 77  
CYS CB  SG   sing N N 78  
CYS CB  HB2  sing N N 79  
CYS CB  HB3  sing N N 80  
CYS SG  HG   sing N N 81  
CYS OXT HXT  sing N N 82  
GLN N   CA   sing N N 83  
GLN N   H    sing N N 84  
GLN N   H2   sing N N 85  
GLN CA  C    sing N N 86  
GLN CA  CB   sing N N 87  
GLN CA  HA   sing N N 88  
GLN C   O    doub N N 89  
GLN C   OXT  sing N N 90  
GLN CB  CG   sing N N 91  
GLN CB  HB2  sing N N 92  
GLN CB  HB3  sing N N 93  
GLN CG  CD   sing N N 94  
GLN CG  HG2  sing N N 95  
GLN CG  HG3  sing N N 96  
GLN CD  OE1  doub N N 97  
GLN CD  NE2  sing N N 98  
GLN NE2 HE21 sing N N 99  
GLN NE2 HE22 sing N N 100 
GLN OXT HXT  sing N N 101 
GLU N   CA   sing N N 102 
GLU N   H    sing N N 103 
GLU N   H2   sing N N 104 
GLU CA  C    sing N N 105 
GLU CA  CB   sing N N 106 
GLU CA  HA   sing N N 107 
GLU C   O    doub N N 108 
GLU C   OXT  sing N N 109 
GLU CB  CG   sing N N 110 
GLU CB  HB2  sing N N 111 
GLU CB  HB3  sing N N 112 
GLU CG  CD   sing N N 113 
GLU CG  HG2  sing N N 114 
GLU CG  HG3  sing N N 115 
GLU CD  OE1  doub N N 116 
GLU CD  OE2  sing N N 117 
GLU OE2 HE2  sing N N 118 
GLU OXT HXT  sing N N 119 
GLY N   CA   sing N N 120 
GLY N   H    sing N N 121 
GLY N   H2   sing N N 122 
GLY CA  C    sing N N 123 
GLY CA  HA2  sing N N 124 
GLY CA  HA3  sing N N 125 
GLY C   O    doub N N 126 
GLY C   OXT  sing N N 127 
GLY OXT HXT  sing N N 128 
HIS N   CA   sing N N 129 
HIS N   H    sing N N 130 
HIS N   H2   sing N N 131 
HIS CA  C    sing N N 132 
HIS CA  CB   sing N N 133 
HIS CA  HA   sing N N 134 
HIS C   O    doub N N 135 
HIS C   OXT  sing N N 136 
HIS CB  CG   sing N N 137 
HIS CB  HB2  sing N N 138 
HIS CB  HB3  sing N N 139 
HIS CG  ND1  sing Y N 140 
HIS CG  CD2  doub Y N 141 
HIS ND1 CE1  doub Y N 142 
HIS ND1 HD1  sing N N 143 
HIS CD2 NE2  sing Y N 144 
HIS CD2 HD2  sing N N 145 
HIS CE1 NE2  sing Y N 146 
HIS CE1 HE1  sing N N 147 
HIS NE2 HE2  sing N N 148 
HIS OXT HXT  sing N N 149 
HOH O   H1   sing N N 150 
HOH O   H2   sing N N 151 
ILE N   CA   sing N N 152 
ILE N   H    sing N N 153 
ILE N   H2   sing N N 154 
ILE CA  C    sing N N 155 
ILE CA  CB   sing N N 156 
ILE CA  HA   sing N N 157 
ILE C   O    doub N N 158 
ILE C   OXT  sing N N 159 
ILE CB  CG1  sing N N 160 
ILE CB  CG2  sing N N 161 
ILE CB  HB   sing N N 162 
ILE CG1 CD1  sing N N 163 
ILE CG1 HG12 sing N N 164 
ILE CG1 HG13 sing N N 165 
ILE CG2 HG21 sing N N 166 
ILE CG2 HG22 sing N N 167 
ILE CG2 HG23 sing N N 168 
ILE CD1 HD11 sing N N 169 
ILE CD1 HD12 sing N N 170 
ILE CD1 HD13 sing N N 171 
ILE OXT HXT  sing N N 172 
LEU N   CA   sing N N 173 
LEU N   H    sing N N 174 
LEU N   H2   sing N N 175 
LEU CA  C    sing N N 176 
LEU CA  CB   sing N N 177 
LEU CA  HA   sing N N 178 
LEU C   O    doub N N 179 
LEU C   OXT  sing N N 180 
LEU CB  CG   sing N N 181 
LEU CB  HB2  sing N N 182 
LEU CB  HB3  sing N N 183 
LEU CG  CD1  sing N N 184 
LEU CG  CD2  sing N N 185 
LEU CG  HG   sing N N 186 
LEU CD1 HD11 sing N N 187 
LEU CD1 HD12 sing N N 188 
LEU CD1 HD13 sing N N 189 
LEU CD2 HD21 sing N N 190 
LEU CD2 HD22 sing N N 191 
LEU CD2 HD23 sing N N 192 
LEU OXT HXT  sing N N 193 
LYS N   CA   sing N N 194 
LYS N   H    sing N N 195 
LYS N   H2   sing N N 196 
LYS CA  C    sing N N 197 
LYS CA  CB   sing N N 198 
LYS CA  HA   sing N N 199 
LYS C   O    doub N N 200 
LYS C   OXT  sing N N 201 
LYS CB  CG   sing N N 202 
LYS CB  HB2  sing N N 203 
LYS CB  HB3  sing N N 204 
LYS CG  CD   sing N N 205 
LYS CG  HG2  sing N N 206 
LYS CG  HG3  sing N N 207 
LYS CD  CE   sing N N 208 
LYS CD  HD2  sing N N 209 
LYS CD  HD3  sing N N 210 
LYS CE  NZ   sing N N 211 
LYS CE  HE2  sing N N 212 
LYS CE  HE3  sing N N 213 
LYS NZ  HZ1  sing N N 214 
LYS NZ  HZ2  sing N N 215 
LYS NZ  HZ3  sing N N 216 
LYS OXT HXT  sing N N 217 
MET N   CA   sing N N 218 
MET N   H    sing N N 219 
MET N   H2   sing N N 220 
MET CA  C    sing N N 221 
MET CA  CB   sing N N 222 
MET CA  HA   sing N N 223 
MET C   O    doub N N 224 
MET C   OXT  sing N N 225 
MET CB  CG   sing N N 226 
MET CB  HB2  sing N N 227 
MET CB  HB3  sing N N 228 
MET CG  SD   sing N N 229 
MET CG  HG2  sing N N 230 
MET CG  HG3  sing N N 231 
MET SD  CE   sing N N 232 
MET CE  HE1  sing N N 233 
MET CE  HE2  sing N N 234 
MET CE  HE3  sing N N 235 
MET OXT HXT  sing N N 236 
PHE N   CA   sing N N 237 
PHE N   H    sing N N 238 
PHE N   H2   sing N N 239 
PHE CA  C    sing N N 240 
PHE CA  CB   sing N N 241 
PHE CA  HA   sing N N 242 
PHE C   O    doub N N 243 
PHE C   OXT  sing N N 244 
PHE CB  CG   sing N N 245 
PHE CB  HB2  sing N N 246 
PHE CB  HB3  sing N N 247 
PHE CG  CD1  doub Y N 248 
PHE CG  CD2  sing Y N 249 
PHE CD1 CE1  sing Y N 250 
PHE CD1 HD1  sing N N 251 
PHE CD2 CE2  doub Y N 252 
PHE CD2 HD2  sing N N 253 
PHE CE1 CZ   doub Y N 254 
PHE CE1 HE1  sing N N 255 
PHE CE2 CZ   sing Y N 256 
PHE CE2 HE2  sing N N 257 
PHE CZ  HZ   sing N N 258 
PHE OXT HXT  sing N N 259 
PRO N   CA   sing N N 260 
PRO N   CD   sing N N 261 
PRO N   H    sing N N 262 
PRO CA  C    sing N N 263 
PRO CA  CB   sing N N 264 
PRO CA  HA   sing N N 265 
PRO C   O    doub N N 266 
PRO C   OXT  sing N N 267 
PRO CB  CG   sing N N 268 
PRO CB  HB2  sing N N 269 
PRO CB  HB3  sing N N 270 
PRO CG  CD   sing N N 271 
PRO CG  HG2  sing N N 272 
PRO CG  HG3  sing N N 273 
PRO CD  HD2  sing N N 274 
PRO CD  HD3  sing N N 275 
PRO OXT HXT  sing N N 276 
SER N   CA   sing N N 277 
SER N   H    sing N N 278 
SER N   H2   sing N N 279 
SER CA  C    sing N N 280 
SER CA  CB   sing N N 281 
SER CA  HA   sing N N 282 
SER C   O    doub N N 283 
SER C   OXT  sing N N 284 
SER CB  OG   sing N N 285 
SER CB  HB2  sing N N 286 
SER CB  HB3  sing N N 287 
SER OG  HG   sing N N 288 
SER OXT HXT  sing N N 289 
THR N   CA   sing N N 290 
THR N   H    sing N N 291 
THR N   H2   sing N N 292 
THR CA  C    sing N N 293 
THR CA  CB   sing N N 294 
THR CA  HA   sing N N 295 
THR C   O    doub N N 296 
THR C   OXT  sing N N 297 
THR CB  OG1  sing N N 298 
THR CB  CG2  sing N N 299 
THR CB  HB   sing N N 300 
THR OG1 HG1  sing N N 301 
THR CG2 HG21 sing N N 302 
THR CG2 HG22 sing N N 303 
THR CG2 HG23 sing N N 304 
THR OXT HXT  sing N N 305 
TRP N   CA   sing N N 306 
TRP N   H    sing N N 307 
TRP N   H2   sing N N 308 
TRP CA  C    sing N N 309 
TRP CA  CB   sing N N 310 
TRP CA  HA   sing N N 311 
TRP C   O    doub N N 312 
TRP C   OXT  sing N N 313 
TRP CB  CG   sing N N 314 
TRP CB  HB2  sing N N 315 
TRP CB  HB3  sing N N 316 
TRP CG  CD1  doub Y N 317 
TRP CG  CD2  sing Y N 318 
TRP CD1 NE1  sing Y N 319 
TRP CD1 HD1  sing N N 320 
TRP CD2 CE2  doub Y N 321 
TRP CD2 CE3  sing Y N 322 
TRP NE1 CE2  sing Y N 323 
TRP NE1 HE1  sing N N 324 
TRP CE2 CZ2  sing Y N 325 
TRP CE3 CZ3  doub Y N 326 
TRP CE3 HE3  sing N N 327 
TRP CZ2 CH2  doub Y N 328 
TRP CZ2 HZ2  sing N N 329 
TRP CZ3 CH2  sing Y N 330 
TRP CZ3 HZ3  sing N N 331 
TRP CH2 HH2  sing N N 332 
TRP OXT HXT  sing N N 333 
TYR N   CA   sing N N 334 
TYR N   H    sing N N 335 
TYR N   H2   sing N N 336 
TYR CA  C    sing N N 337 
TYR CA  CB   sing N N 338 
TYR CA  HA   sing N N 339 
TYR C   O    doub N N 340 
TYR C   OXT  sing N N 341 
TYR CB  CG   sing N N 342 
TYR CB  HB2  sing N N 343 
TYR CB  HB3  sing N N 344 
TYR CG  CD1  doub Y N 345 
TYR CG  CD2  sing Y N 346 
TYR CD1 CE1  sing Y N 347 
TYR CD1 HD1  sing N N 348 
TYR CD2 CE2  doub Y N 349 
TYR CD2 HD2  sing N N 350 
TYR CE1 CZ   doub Y N 351 
TYR CE1 HE1  sing N N 352 
TYR CE2 CZ   sing Y N 353 
TYR CE2 HE2  sing N N 354 
TYR CZ  OH   sing N N 355 
TYR OH  HH   sing N N 356 
TYR OXT HXT  sing N N 357 
VAL N   CA   sing N N 358 
VAL N   H    sing N N 359 
VAL N   H2   sing N N 360 
VAL CA  C    sing N N 361 
VAL CA  CB   sing N N 362 
VAL CA  HA   sing N N 363 
VAL C   O    doub N N 364 
VAL C   OXT  sing N N 365 
VAL CB  CG1  sing N N 366 
VAL CB  CG2  sing N N 367 
VAL CB  HB   sing N N 368 
VAL CG1 HG11 sing N N 369 
VAL CG1 HG12 sing N N 370 
VAL CG1 HG13 sing N N 371 
VAL CG2 HG21 sing N N 372 
VAL CG2 HG22 sing N N 373 
VAL CG2 HG23 sing N N 374 
VAL OXT HXT  sing N N 375 
# 
_pdbx_initial_refinement_model.id               1 
_pdbx_initial_refinement_model.entity_id_list   ? 
_pdbx_initial_refinement_model.type             'experimental model' 
_pdbx_initial_refinement_model.source_name      PDB 
_pdbx_initial_refinement_model.accession_code   1XWA 
_pdbx_initial_refinement_model.details          'PDB ENTRY 1XWA' 
# 
_atom_sites.entry_id                    2XC2 
_atom_sites.fract_transf_matrix[1][1]   -0.02353531 
_atom_sites.fract_transf_matrix[1][2]   -0.01200124 
_atom_sites.fract_transf_matrix[1][3]   0.01306363 
_atom_sites.fract_transf_matrix[2][1]   -0.01096356 
_atom_sites.fract_transf_matrix[2][2]   0.00529518 
_atom_sites.fract_transf_matrix[2][3]   -0.01488729 
_atom_sites.fract_transf_matrix[3][1]   0.00325690 
_atom_sites.fract_transf_matrix[3][2]   -0.01468248 
_atom_sites.fract_transf_matrix[3][3]   -0.00762083 
_atom_sites.fract_transf_vector[1]      0.218866 
_atom_sites.fract_transf_vector[2]      0.105678 
_atom_sites.fract_transf_vector[3]      0.249063 
# 
loop_
_atom_type.symbol 
C  
CA 
N  
O  
S  
ZN 
# 
loop_
_atom_site.group_PDB 
_atom_site.id 
_atom_site.type_symbol 
_atom_site.label_atom_id 
_atom_site.label_alt_id 
_atom_site.label_comp_id 
_atom_site.label_asym_id 
_atom_site.label_entity_id 
_atom_site.label_seq_id 
_atom_site.pdbx_PDB_ins_code 
_atom_site.Cartn_x 
_atom_site.Cartn_y 
_atom_site.Cartn_z 
_atom_site.occupancy 
_atom_site.B_iso_or_equiv 
_atom_site.pdbx_formal_charge 
_atom_site.auth_seq_id 
_atom_site.auth_comp_id 
_atom_site.auth_asym_id 
_atom_site.auth_atom_id 
_atom_site.pdbx_PDB_model_num 
ATOM   1   N  N   . GLN A 1 8   ? -20.908 2.827   15.518  1.00 26.28 ? -3   GLN A N   1 
ATOM   2   C  CA  . GLN A 1 8   ? -21.803 1.847   14.839  1.00 24.19 ? -3   GLN A CA  1 
ATOM   3   C  C   . GLN A 1 8   ? -21.176 0.624   14.132  1.00 22.22 ? -3   GLN A C   1 
ATOM   4   O  O   . GLN A 1 8   ? -21.858 -0.376  14.021  1.00 18.95 ? -3   GLN A O   1 
ATOM   5   C  CB  . GLN A 1 8   ? -22.891 2.548   13.981  1.00 24.87 ? -3   GLN A CB  1 
ATOM   6   C  CG  . GLN A 1 8   ? -23.379 1.809   12.749  1.00 28.89 ? -3   GLN A CG  1 
ATOM   7   C  CD  . GLN A 1 8   ? -24.906 1.810   12.587  1.00 33.47 ? -3   GLN A CD  1 
ATOM   8   O  OE1 . GLN A 1 8   ? -25.635 2.468   13.334  1.00 36.96 ? -3   GLN A OE1 1 
ATOM   9   N  NE2 . GLN A 1 8   ? -25.385 1.054   11.608  1.00 31.79 ? -3   GLN A NE2 1 
ATOM   10  N  N   . LEU A 1 9   ? -19.922 0.689   13.667  1.00 20.70 ? -2   LEU A N   1 
ATOM   11  C  CA  . LEU A 1 9   ? -19.218 -0.518  13.198  1.00 19.46 ? -2   LEU A CA  1 
ATOM   12  C  C   . LEU A 1 9   ? -17.699 -0.392  13.183  1.00 19.65 ? -2   LEU A C   1 
ATOM   13  O  O   . LEU A 1 9   ? -17.175 0.706   13.257  1.00 19.43 ? -2   LEU A O   1 
ATOM   14  C  CB  . LEU A 1 9   ? -19.688 -0.924  11.802  1.00 19.55 ? -2   LEU A CB  1 
ATOM   15  C  CG  . LEU A 1 9   ? -19.449 -0.022  10.598  1.00 19.32 ? -2   LEU A CG  1 
ATOM   16  C  CD1 . LEU A 1 9   ? -18.005 -0.030  10.124  1.00 18.57 ? -2   LEU A CD1 1 
ATOM   17  C  CD2 . LEU A 1 9   ? -20.277 -0.602  9.551   1.00 18.12 ? -2   LEU A CD2 1 
ATOM   18  N  N   . VAL A 1 10  ? -17.024 -1.536  13.111  1.00 17.88 ? -1   VAL A N   1 
ATOM   19  C  CA  . VAL A 1 10  ? -15.592 -1.617  12.869  1.00 18.74 ? -1   VAL A CA  1 
ATOM   20  C  C   . VAL A 1 10  ? -15.352 -2.517  11.670  1.00 18.69 ? -1   VAL A C   1 
ATOM   21  O  O   . VAL A 1 10  ? -16.109 -3.440  11.418  1.00 18.16 ? -1   VAL A O   1 
ATOM   22  C  CB  . VAL A 1 10  ? -14.784 -2.143  14.081  1.00 19.04 ? -1   VAL A CB  1 
ATOM   23  C  CG1 . VAL A 1 10  ? -14.985 -1.273  15.328  1.00 20.71 ? -1   VAL A CG1 1 
ATOM   24  C  CG2 . VAL A 1 10  ? -15.118 -3.566  14.379  1.00 20.28 ? -1   VAL A CG2 1 
ATOM   25  N  N   . ILE A 1 11  ? -14.294 -2.224  10.922  1.00 19.74 ? 0    ILE A N   1 
ATOM   26  C  CA  . ILE A 1 11  ? -13.982 -2.969  9.712   1.00 22.25 ? 0    ILE A CA  1 
ATOM   27  C  C   . ILE A 1 11  ? -13.000 -4.052  10.077  1.00 22.41 ? 0    ILE A C   1 
ATOM   28  O  O   . ILE A 1 11  ? -12.136 -3.848  10.922  1.00 22.97 ? 0    ILE A O   1 
ATOM   29  C  CB  . ILE A 1 11  ? -13.333 -2.049  8.670   1.00 22.66 ? 0    ILE A CB  1 
ATOM   30  C  CG1 . ILE A 1 11  ? -14.231 -0.847  8.436   1.00 24.66 ? 0    ILE A CG1 1 
ATOM   31  C  CG2 . ILE A 1 11  ? -13.100 -2.818  7.374   1.00 24.27 ? 0    ILE A CG2 1 
ATOM   32  C  CD1 . ILE A 1 11  ? -15.302 -1.083  7.387   1.00 26.26 ? 0    ILE A CD1 1 
ATOM   33  N  N   . MET A 1 12  ? -13.145 -5.212  9.449   1.00 23.52 ? 1    MET A N   1 
ATOM   34  C  CA  . MET A 1 12  ? -12.144 -6.257  9.574   1.00 25.13 ? 1    MET A CA  1 
ATOM   35  C  C   . MET A 1 12  ? -10.922 -5.826  8.738   1.00 25.92 ? 1    MET A C   1 
ATOM   36  O  O   . MET A 1 12  ? -10.863 -6.043  7.536   1.00 27.04 ? 1    MET A O   1 
ATOM   37  C  CB  . MET A 1 12  ? -12.750 -7.578  9.106   1.00 25.79 ? 1    MET A CB  1 
ATOM   38  C  CG  . MET A 1 12  ? -12.000 -8.820  9.549   1.00 28.78 ? 1    MET A CG  1 
ATOM   39  S  SD  . MET A 1 12  ? -12.638 -10.265 8.706   1.00 37.21 ? 1    MET A SD  1 
ATOM   40  C  CE  . MET A 1 12  ? -14.049 -10.681 9.751   1.00 32.18 ? 1    MET A CE  1 
ATOM   41  N  N   . SER A 1 13  ? -9.976  -5.164  9.395   1.00 25.96 ? 2    SER A N   1 
ATOM   42  C  CA  . SER A 1 13  ? -8.897  -4.490  8.685   1.00 25.57 ? 2    SER A CA  1 
ATOM   43  C  C   . SER A 1 13  ? -7.617  -5.308  8.727   1.00 24.04 ? 2    SER A C   1 
ATOM   44  O  O   . SER A 1 13  ? -7.505  -6.240  9.521   1.00 24.86 ? 2    SER A O   1 
ATOM   45  C  CB  . SER A 1 13  ? -8.670  -3.093  9.252   1.00 25.72 ? 2    SER A CB  1 
ATOM   46  O  OG  . SER A 1 13  ? -8.125  -3.142  10.568  1.00 28.15 ? 2    SER A OG  1 
ATOM   47  N  N   . GLU A 1 14  ? -6.677  -4.976  7.844   1.00 22.34 ? 3    GLU A N   1 
ATOM   48  C  CA  . GLU A 1 14  ? -5.348  -5.576  7.850   1.00 19.25 ? 3    GLU A CA  1 
ATOM   49  C  C   . GLU A 1 14  ? -4.289  -4.576  7.406   1.00 17.23 ? 3    GLU A C   1 
ATOM   50  O  O   . GLU A 1 14  ? -4.399  -3.984  6.347   1.00 15.86 ? 3    GLU A O   1 
ATOM   51  C  CB  . GLU A 1 14  ? -5.283  -6.816  6.964   1.00 20.01 ? 3    GLU A CB  1 
ATOM   52  C  CG  . GLU A 1 14  ? -4.221  -7.787  7.355   1.00 23.55 ? 3    GLU A CG  1 
ATOM   53  C  CD  . GLU A 1 14  ? -4.326  -9.115  6.591   1.00 24.11 ? 3    GLU A CD  1 
ATOM   54  O  OE1 . GLU A 1 14  ? -5.447  -9.634  6.405   0.50 26.37 ? 3    GLU A OE1 1 
ATOM   55  O  OE2 . GLU A 1 14  ? -3.271  -9.626  6.182   0.50 25.96 ? 3    GLU A OE2 1 
ATOM   56  N  N   . LEU A 1 15  ? -3.268  -4.412  8.231   1.00 15.89 ? 4    LEU A N   1 
ATOM   57  C  CA  . LEU A 1 15  ? -2.125  -3.554  7.945   1.00 15.25 ? 4    LEU A CA  1 
ATOM   58  C  C   . LEU A 1 15  ? -0.886  -4.374  8.194   1.00 15.58 ? 4    LEU A C   1 
ATOM   59  O  O   . LEU A 1 15  ? -0.627  -4.810  9.314   1.00 16.37 ? 4    LEU A O   1 
ATOM   60  C  CB  . LEU A 1 15  ? -2.143  -2.261  8.796   1.00 14.59 ? 4    LEU A CB  1 
ATOM   61  C  CG  . LEU A 1 15  ? -0.987  -1.263  8.630   1.00 15.26 ? 4    LEU A CG  1 
ATOM   62  C  CD1 . LEU A 1 15  ? -0.865  -0.713  7.182   1.00 15.75 ? 4    LEU A CD1 1 
ATOM   63  C  CD2 . LEU A 1 15  ? -1.109  -0.103  9.627   1.00 16.77 ? 4    LEU A CD2 1 
ATOM   64  N  N   . ILE A 1 16  ? -0.112  -4.605  7.133   1.00 15.23 ? 5    ILE A N   1 
ATOM   65  C  CA  A ILE A 1 16  ? 0.999   -5.571  7.141   0.50 15.48 ? 5    ILE A CA  1 
ATOM   66  C  CA  B ILE A 1 16  ? 1.040   -5.484  7.274   0.50 15.77 ? 5    ILE A CA  1 
ATOM   67  C  C   . ILE A 1 16  ? 2.278   -4.917  6.603   1.00 15.55 ? 5    ILE A C   1 
ATOM   68  O  O   . ILE A 1 16  ? 2.228   -4.348  5.527   1.00 15.64 ? 5    ILE A O   1 
ATOM   69  C  CB  A ILE A 1 16  ? 0.666   -6.801  6.227   0.50 15.60 ? 5    ILE A CB  1 
ATOM   70  C  CB  B ILE A 1 16  ? 0.761   -6.938  6.798   0.50 16.13 ? 5    ILE A CB  1 
ATOM   71  C  CG1 A ILE A 1 16  ? -0.708  -7.402  6.567   0.50 15.47 ? 5    ILE A CG1 1 
ATOM   72  C  CG1 B ILE A 1 16  ? 0.398   -6.989  5.319   0.50 15.62 ? 5    ILE A CG1 1 
ATOM   73  C  CG2 A ILE A 1 16  ? 1.773   -7.875  6.308   0.50 15.89 ? 5    ILE A CG2 1 
ATOM   74  C  CG2 B ILE A 1 16  ? -0.297  -7.654  7.659   0.50 17.42 ? 5    ILE A CG2 1 
ATOM   75  C  CD1 A ILE A 1 16  ? -1.010  -8.711  5.891   0.50 18.30 ? 5    ILE A CD1 1 
ATOM   76  C  CD1 B ILE A 1 16  ? -0.739  -7.963  5.025   0.50 21.19 ? 5    ILE A CD1 1 
ATOM   77  N  N   . GLU A 1 17  ? 3.404   -5.048  7.299   1.00 15.43 ? 6    GLU A N   1 
ATOM   78  C  CA  . GLU A 1 17  ? 4.680   -4.592  6.777   1.00 15.05 ? 6    GLU A CA  1 
ATOM   79  C  C   . GLU A 1 17  ? 5.453   -5.796  6.263   1.00 15.38 ? 6    GLU A C   1 
ATOM   80  O  O   . GLU A 1 17  ? 5.668   -6.724  7.026   1.00 15.85 ? 6    GLU A O   1 
ATOM   81  C  CB  . GLU A 1 17  ? 5.459   -3.934  7.896   1.00 17.57 ? 6    GLU A CB  1 
ATOM   82  C  CG  . GLU A 1 17  ? 6.487   -3.034  7.403   1.00 19.14 ? 6    GLU A CG  1 
ATOM   83  C  CD  . GLU A 1 17  ? 6.760   -1.905  8.372   1.00 22.12 ? 6    GLU A CD  1 
ATOM   84  O  OE1 . GLU A 1 17  ? 5.870   -1.537  9.184   1.00 27.18 ? 6    GLU A OE1 1 
ATOM   85  O  OE2 . GLU A 1 17  ? 7.882   -1.403  8.344   1.00 24.17 ? 6    GLU A OE2 1 
ATOM   86  N  N   . LEU A 1 18  ? 5.917   -5.757  5.004   1.00 13.24 ? 7    LEU A N   1 
ATOM   87  C  CA  . LEU A 1 18  ? 6.653   -6.896  4.400   1.00 13.87 ? 7    LEU A CA  1 
ATOM   88  C  C   . LEU A 1 18  ? 8.154   -6.839  4.713   1.00 14.74 ? 7    LEU A C   1 
ATOM   89  O  O   . LEU A 1 18  ? 8.690   -5.808  5.100   1.00 13.93 ? 7    LEU A O   1 
ATOM   90  C  CB  . LEU A 1 18  ? 6.424   -6.959  2.887   1.00 14.15 ? 7    LEU A CB  1 
ATOM   91  C  CG  . LEU A 1 18  ? 4.948   -6.998  2.453   1.00 11.17 ? 7    LEU A CG  1 
ATOM   92  C  CD1 . LEU A 1 18  ? 4.782   -7.222  0.917   1.00 12.24 ? 7    LEU A CD1 1 
ATOM   93  C  CD2 . LEU A 1 18  ? 4.132   -8.025  3.239   1.00 16.22 ? 7    LEU A CD2 1 
ATOM   94  N  N   . LYS A 1 19  ? 8.842   -7.961  4.512   1.00 15.04 ? 8    LYS A N   1 
ATOM   95  C  CA  . LYS A 1 19  ? 10.226  -8.087  4.991   1.00 16.85 ? 8    LYS A CA  1 
ATOM   96  C  C   . LYS A 1 19  ? 11.249  -8.390  3.900   1.00 16.55 ? 8    LYS A C   1 
ATOM   97  O  O   . LYS A 1 19  ? 12.419  -7.990  4.029   1.00 17.48 ? 8    LYS A O   1 
ATOM   98  C  CB  . LYS A 1 19  ? 10.345  -9.142  6.110   1.00 17.67 ? 8    LYS A CB  1 
ATOM   99  C  CG  . LYS A 1 19  ? 9.696   -8.760  7.421   1.00 19.24 ? 8    LYS A CG  1 
ATOM   100 C  CD  . LYS A 1 19  ? 9.981   -9.813  8.497   1.00 21.63 ? 8    LYS A CD  1 
ATOM   101 C  CE  . LYS A 1 19  ? 9.000   -9.746  9.664   1.00 25.32 ? 8    LYS A CE  1 
ATOM   102 N  NZ  . LYS A 1 19  ? 8.937   -8.398  10.269  1.00 29.49 ? 8    LYS A NZ  1 
ATOM   103 N  N   . GLN A 1 20  ? 10.848  -9.098  2.842   1.00 16.65 ? 9    GLN A N   1 
ATOM   104 C  CA  . GLN A 1 20  ? 11.800  -9.437  1.771   1.00 16.64 ? 9    GLN A CA  1 
ATOM   105 C  C   . GLN A 1 20  ? 11.058  -9.724  0.466   1.00 15.45 ? 9    GLN A C   1 
ATOM   106 O  O   . GLN A 1 20  ? 9.862   -10.091 0.496   1.00 14.20 ? 9    GLN A O   1 
ATOM   107 C  CB  . GLN A 1 20  ? 12.635  -10.661 2.172   1.00 18.16 ? 9    GLN A CB  1 
ATOM   108 C  CG  . GLN A 1 20  ? 11.810  -11.924 2.301   1.00 20.29 ? 9    GLN A CG  1 
ATOM   109 C  CD  . GLN A 1 20  ? 12.594  -13.075 2.905   0.50 22.77 ? 9    GLN A CD  1 
ATOM   110 O  OE1 . GLN A 1 20  ? 12.912  -13.068 4.091   0.50 25.33 ? 9    GLN A OE1 1 
ATOM   111 N  NE2 . GLN A 1 20  ? 12.886  -14.081 2.090   0.50 23.38 ? 9    GLN A NE2 1 
ATOM   112 N  N   . ASP A 1 21  ? 11.754  -9.578  -0.665  1.00 15.45 ? 10   ASP A N   1 
ATOM   113 C  CA  . ASP A 1 21  ? 11.182  -9.908  -1.965  1.00 15.91 ? 10   ASP A CA  1 
ATOM   114 C  C   . ASP A 1 21  ? 10.557  -11.310 -1.973  1.00 16.49 ? 10   ASP A C   1 
ATOM   115 O  O   . ASP A 1 21  ? 11.119  -12.274 -1.405  1.00 17.42 ? 10   ASP A O   1 
ATOM   116 C  CB  . ASP A 1 21  ? 12.236  -9.781  -3.061  1.00 15.79 ? 10   ASP A CB  1 
ATOM   117 C  CG  . ASP A 1 21  ? 12.599  -8.353  -3.341  1.00 17.14 ? 10   ASP A CG  1 
ATOM   118 O  OD1 . ASP A 1 21  ? 11.669  -7.502  -3.419  1.00 18.47 ? 10   ASP A OD1 1 
ATOM   119 O  OD2 . ASP A 1 21  ? 13.809  -8.076  -3.505  1.00 17.46 ? 10   ASP A OD2 1 
ATOM   120 N  N   . GLY A 1 22  ? 9.416   -11.407 -2.628  1.00 16.39 ? 11   GLY A N   1 
ATOM   121 C  CA  . GLY A 1 22  ? 8.565   -12.577 -2.609  1.00 15.00 ? 11   GLY A CA  1 
ATOM   122 C  C   . GLY A 1 22  ? 7.356   -12.385 -1.713  1.00 14.32 ? 11   GLY A C   1 
ATOM   123 O  O   . GLY A 1 22  ? 6.305   -12.934 -1.989  1.00 13.62 ? 11   GLY A O   1 
ATOM   124 N  N   . ASP A 1 23  ? 7.489   -11.563 -0.662  1.00 13.54 ? 12   ASP A N   1 
ATOM   125 C  CA  . ASP A 1 23  ? 6.376   -11.426 0.309   1.00 13.62 ? 12   ASP A CA  1 
ATOM   126 C  C   . ASP A 1 23  ? 5.123   -10.781 -0.326  1.00 12.49 ? 12   ASP A C   1 
ATOM   127 O  O   . ASP A 1 23  ? 4.018   -11.072 0.093   1.00 11.46 ? 12   ASP A O   1 
ATOM   128 C  CB  . ASP A 1 23  ? 6.751   -10.553 1.517   1.00 13.08 ? 12   ASP A CB  1 
ATOM   129 C  CG  . ASP A 1 23  ? 7.686   -11.225 2.508   1.00 17.67 ? 12   ASP A CG  1 
ATOM   130 O  OD1 . ASP A 1 23  ? 7.905   -12.457 2.421   1.00 20.87 ? 12   ASP A OD1 1 
ATOM   131 O  OD2 . ASP A 1 23  ? 8.178   -10.495 3.408   1.00 18.36 ? 12   ASP A OD2 1 
ATOM   132 N  N   . LEU A 1 24  ? 5.282   -9.857  -1.283  1.00 12.55 ? 13   LEU A N   1 
ATOM   133 C  CA  . LEU A 1 24  ? 4.085   -9.250  -1.875  1.00 12.28 ? 13   LEU A CA  1 
ATOM   134 C  C   . LEU A 1 24  ? 3.309   -10.238 -2.716  1.00 12.29 ? 13   LEU A C   1 
ATOM   135 O  O   . LEU A 1 24  ? 2.083   -10.327 -2.617  1.00 12.67 ? 13   LEU A O   1 
ATOM   136 C  CB  . LEU A 1 24  ? 4.419   -7.968  -2.660  1.00 11.61 ? 13   LEU A CB  1 
ATOM   137 C  CG  . LEU A 1 24  ? 3.207   -7.225  -3.238  1.00 11.29 ? 13   LEU A CG  1 
ATOM   138 C  CD1 . LEU A 1 24  ? 2.119   -6.822  -2.248  1.00 11.08 ? 13   LEU A CD1 1 
ATOM   139 C  CD2 . LEU A 1 24  ? 3.676   -5.959  -4.031  1.00 12.91 ? 13   LEU A CD2 1 
ATOM   140 N  N   . GLU A 1 25  ? 4.047   -10.995 -3.537  1.00 12.17 ? 14   GLU A N   1 
ATOM   141 C  CA  . GLU A 1 25  ? 3.439   -12.006 -4.389  1.00 13.71 ? 14   GLU A CA  1 
ATOM   142 C  C   . GLU A 1 25  ? 2.708   -13.037 -3.527  1.00 14.55 ? 14   GLU A C   1 
ATOM   143 O  O   . GLU A 1 25  ? 1.602   -13.458 -3.864  1.00 15.05 ? 14   GLU A O   1 
ATOM   144 C  CB  . GLU A 1 25  ? 4.502   -12.696 -5.249  1.00 12.68 ? 14   GLU A CB  1 
ATOM   145 C  CG  . GLU A 1 25  ? 5.038   -11.807 -6.416  1.00 14.89 ? 14   GLU A CG  1 
ATOM   146 C  CD  . GLU A 1 25  ? 5.910   -10.686 -5.931  1.00 17.60 ? 14   GLU A CD  1 
ATOM   147 O  OE1 . GLU A 1 25  ? 6.609   -10.835 -4.910  1.00 15.54 ? 14   GLU A OE1 1 
ATOM   148 O  OE2 . GLU A 1 25  ? 5.878   -9.616  -6.575  1.00 20.72 ? 14   GLU A OE2 1 
ATOM   149 N  N   . SER A 1 26  ? 3.335   -13.420 -2.406  1.00 14.49 ? 15   SER A N   1 
ATOM   150 C  CA  . SER A 1 26  ? 2.713   -14.358 -1.465  1.00 14.79 ? 15   SER A CA  1 
ATOM   151 C  C   . SER A 1 26  ? 1.440   -13.753 -0.878  1.00 15.21 ? 15   SER A C   1 
ATOM   152 O  O   . SER A 1 26  ? 0.395   -14.407 -0.772  1.00 16.43 ? 15   SER A O   1 
ATOM   153 C  CB  . SER A 1 26  ? 3.701   -14.757 -0.377  1.00 15.14 ? 15   SER A CB  1 
ATOM   154 O  OG  . SER A 1 26  ? 3.003   -15.462 0.642   1.00 16.99 ? 15   SER A OG  1 
ATOM   155 N  N   . LEU A 1 27  ? 1.504   -12.471 -0.532  1.00 14.38 ? 16   LEU A N   1 
ATOM   156 C  CA  . LEU A 1 27  ? 0.359   -11.815 0.062   1.00 15.26 ? 16   LEU A CA  1 
ATOM   157 C  C   . LEU A 1 27  ? -0.797  -11.700 -0.918  1.00 15.52 ? 16   LEU A C   1 
ATOM   158 O  O   . LEU A 1 27  ? -1.955  -11.854 -0.540  1.00 15.98 ? 16   LEU A O   1 
ATOM   159 C  CB  . LEU A 1 27  ? 0.769   -10.426 0.596   1.00 14.89 ? 16   LEU A CB  1 
ATOM   160 C  CG  . LEU A 1 27  ? -0.315  -9.523  1.206   1.00 15.31 ? 16   LEU A CG  1 
ATOM   161 C  CD1 . LEU A 1 27  ? 0.369   -8.567  2.169   1.00 19.53 ? 16   LEU A CD1 1 
ATOM   162 C  CD2 . LEU A 1 27  ? -1.076  -8.707  0.164   1.00 18.11 ? 16   LEU A CD2 1 
ATOM   163 N  N   . LEU A 1 28  ? -0.475  -11.388 -2.171  1.00 17.10 ? 17   LEU A N   1 
ATOM   164 C  CA  . LEU A 1 28  ? -1.489  -11.270 -3.203  1.00 17.26 ? 17   LEU A CA  1 
ATOM   165 C  C   . LEU A 1 28  ? -2.219  -12.593 -3.425  1.00 19.98 ? 17   LEU A C   1 
ATOM   166 O  O   . LEU A 1 28  ? -3.424  -12.601 -3.632  1.00 21.31 ? 17   LEU A O   1 
ATOM   167 C  CB  . LEU A 1 28  ? -0.884  -10.744 -4.508  1.00 16.68 ? 17   LEU A CB  1 
ATOM   168 C  CG  . LEU A 1 28  ? -0.386  -9.295  -4.483  1.00 17.60 ? 17   LEU A CG  1 
ATOM   169 C  CD1 . LEU A 1 28  ? 0.308   -9.009  -5.804  1.00 18.07 ? 17   LEU A CD1 1 
ATOM   170 C  CD2 . LEU A 1 28  ? -1.567  -8.353  -4.309  1.00 15.97 ? 17   LEU A CD2 1 
ATOM   171 N  N   . GLU A 1 29  ? -1.487  -13.700 -3.331  1.00 20.65 ? 18   GLU A N   1 
ATOM   172 C  CA  . GLU A 1 29  ? -2.063  -15.031 -3.507  1.00 22.49 ? 18   GLU A CA  1 
ATOM   173 C  C   . GLU A 1 29  ? -2.900  -15.442 -2.306  1.00 23.99 ? 18   GLU A C   1 
ATOM   174 O  O   . GLU A 1 29  ? -3.870  -16.196 -2.433  1.00 25.72 ? 18   GLU A O   1 
ATOM   175 C  CB  . GLU A 1 29  ? -0.936  -16.035 -3.747  1.00 22.22 ? 18   GLU A CB  1 
ATOM   176 C  CG  . GLU A 1 29  ? -0.428  -15.976 -5.159  1.00 22.97 ? 18   GLU A CG  1 
ATOM   177 C  CD  . GLU A 1 29  ? -1.460  -16.528 -6.120  1.00 27.29 ? 18   GLU A CD  1 
ATOM   178 O  OE1 . GLU A 1 29  ? -1.544  -17.761 -6.245  1.00 26.84 ? 18   GLU A OE1 1 
ATOM   179 O  OE2 . GLU A 1 29  ? -2.223  -15.736 -6.712  1.00 28.26 ? 18   GLU A OE2 1 
ATOM   180 N  N   . GLN A 1 30  ? -2.510  -14.940 -1.140  1.00 24.61 ? 19   GLN A N   1 
ATOM   181 C  CA  . GLN A 1 30  ? -3.164  -15.260 0.123   1.00 25.67 ? 19   GLN A CA  1 
ATOM   182 C  C   . GLN A 1 30  ? -4.479  -14.497 0.258   1.00 26.11 ? 19   GLN A C   1 
ATOM   183 O  O   . GLN A 1 30  ? -5.395  -14.943 0.961   1.00 26.87 ? 19   GLN A O   1 
ATOM   184 C  CB  . GLN A 1 30  ? -2.210  -14.947 1.282   1.00 25.77 ? 19   GLN A CB  1 
ATOM   185 C  CG  . GLN A 1 30  ? -2.785  -15.157 2.684   1.00 25.48 ? 19   GLN A CG  1 
ATOM   186 C  CD  . GLN A 1 30  ? -1.831  -14.703 3.769   0.50 25.04 ? 19   GLN A CD  1 
ATOM   187 O  OE1 . GLN A 1 30  ? -0.871  -13.972 3.511   0.50 24.12 ? 19   GLN A OE1 1 
ATOM   188 N  NE2 . GLN A 1 30  ? -2.088  -15.138 4.995   0.10 24.21 ? 19   GLN A NE2 1 
ATOM   189 N  N   . HIS A 1 31  ? -4.570  -13.348 -0.415  1.00 26.68 ? 20   HIS A N   1 
ATOM   190 C  CA  . HIS A 1 31  ? -5.724  -12.451 -0.331  1.00 27.63 ? 20   HIS A CA  1 
ATOM   191 C  C   . HIS A 1 31  ? -6.346  -12.171 -1.702  1.00 28.01 ? 20   HIS A C   1 
ATOM   192 O  O   . HIS A 1 31  ? -6.485  -11.003 -2.127  1.00 28.09 ? 20   HIS A O   1 
ATOM   193 C  CB  . HIS A 1 31  ? -5.306  -11.128 0.318   1.00 27.31 ? 20   HIS A CB  1 
ATOM   194 C  CG  . HIS A 1 31  ? -4.948  -11.248 1.760   1.00 29.12 ? 20   HIS A CG  1 
ATOM   195 N  ND1 . HIS A 1 31  ? -5.878  -11.542 2.733   1.00 30.55 ? 20   HIS A ND1 1 
ATOM   196 C  CD2 . HIS A 1 31  ? -3.765  -11.096 2.399   1.00 29.87 ? 20   HIS A CD2 1 
ATOM   197 C  CE1 . HIS A 1 31  ? -5.281  -11.573 3.910   1.00 31.46 ? 20   HIS A CE1 1 
ATOM   198 N  NE2 . HIS A 1 31  ? -3.998  -11.305 3.735   1.00 30.48 ? 20   HIS A NE2 1 
ATOM   199 N  N   . LYS A 1 32  ? -6.754  -13.242 -2.384  1.00 29.30 ? 21   LYS A N   1 
ATOM   200 C  CA  . LYS A 1 32  ? -7.117  -13.156 -3.805  1.00 30.02 ? 21   LYS A CA  1 
ATOM   201 C  C   . LYS A 1 32  ? -8.236  -12.185 -4.167  1.00 30.40 ? 21   LYS A C   1 
ATOM   202 O  O   . LYS A 1 32  ? -8.166  -11.528 -5.212  1.00 31.45 ? 21   LYS A O   1 
ATOM   203 C  CB  . LYS A 1 32  ? -7.410  -14.540 -4.391  0.20 29.93 ? 21   LYS A CB  1 
ATOM   204 C  CG  . LYS A 1 32  ? -6.222  -15.142 -5.109  0.50 30.05 ? 21   LYS A CG  1 
ATOM   205 C  CD  . LYS A 1 32  ? -6.617  -16.345 -5.935  0.20 30.03 ? 21   LYS A CD  1 
ATOM   206 C  CE  . LYS A 1 32  ? -5.385  -17.102 -6.387  0.20 29.89 ? 21   LYS A CE  1 
ATOM   207 N  NZ  . LYS A 1 32  ? -4.563  -17.522 -5.215  0.20 29.84 ? 21   LYS A NZ  1 
ATOM   208 N  N   . ASN A 1 33  ? -9.258  -12.083 -3.322  1.00 30.96 ? 22   ASN A N   1 
ATOM   209 C  CA  . ASN A 1 33  ? -10.422 -11.247 -3.660  1.00 30.65 ? 22   ASN A CA  1 
ATOM   210 C  C   . ASN A 1 33  ? -10.565 -9.914  -2.885  1.00 29.80 ? 22   ASN A C   1 
ATOM   211 O  O   . ASN A 1 33  ? -11.648 -9.305  -2.841  1.00 30.04 ? 22   ASN A O   1 
ATOM   212 C  CB  . ASN A 1 33  ? -11.729 -12.074 -3.659  1.00 31.95 ? 22   ASN A CB  1 
ATOM   213 C  CG  . ASN A 1 33  ? -12.180 -12.487 -2.263  1.00 34.27 ? 22   ASN A CG  1 
ATOM   214 O  OD1 . ASN A 1 33  ? -11.666 -12.007 -1.251  1.00 37.07 ? 22   ASN A OD1 1 
ATOM   215 N  ND2 . ASN A 1 33  ? -13.168 -13.388 -2.208  1.00 38.13 ? 22   ASN A ND2 1 
ATOM   216 N  N   . LYS A 1 34  ? -9.457  -9.472  -2.291  1.00 27.31 ? 23   LYS A N   1 
ATOM   217 C  CA  . LYS A 1 34  ? -9.373  -8.148  -1.659  1.00 25.77 ? 23   LYS A CA  1 
ATOM   218 C  C   . LYS A 1 34  ? -8.646  -7.135  -2.550  1.00 22.79 ? 23   LYS A C   1 
ATOM   219 O  O   . LYS A 1 34  ? -7.757  -7.499  -3.319  1.00 22.31 ? 23   LYS A O   1 
ATOM   220 C  CB  . LYS A 1 34  ? -8.614  -8.237  -0.322  1.00 26.87 ? 23   LYS A CB  1 
ATOM   221 C  CG  . LYS A 1 34  ? -9.276  -9.076  0.786   1.00 29.75 ? 23   LYS A CG  1 
ATOM   222 C  CD  . LYS A 1 34  ? -10.496 -8.379  1.380   1.00 33.12 ? 23   LYS A CD  1 
ATOM   223 C  CE  . LYS A 1 34  ? -11.054 -9.189  2.540   1.00 36.63 ? 23   LYS A CE  1 
ATOM   224 N  NZ  . LYS A 1 34  ? -12.468 -8.861  2.853   1.00 38.79 ? 23   LYS A NZ  1 
ATOM   225 N  N   . LEU A 1 35  ? -9.027  -5.862  -2.443  1.00 19.40 ? 24   LEU A N   1 
ATOM   226 C  CA  . LEU A 1 35  ? -8.201  -4.776  -2.949  1.00 16.19 ? 24   LEU A CA  1 
ATOM   227 C  C   . LEU A 1 35  ? -6.981  -4.720  -2.030  1.00 14.69 ? 24   LEU A C   1 
ATOM   228 O  O   . LEU A 1 35  ? -7.110  -4.838  -0.820  1.00 14.17 ? 24   LEU A O   1 
ATOM   229 C  CB  . LEU A 1 35  ? -8.970  -3.446  -2.941  1.00 16.98 ? 24   LEU A CB  1 
ATOM   230 C  CG  . LEU A 1 35  ? -8.215  -2.175  -3.343  1.00 17.01 ? 24   LEU A CG  1 
ATOM   231 C  CD1 . LEU A 1 35  ? -7.932  -2.150  -4.864  1.00 21.03 ? 24   LEU A CD1 1 
ATOM   232 C  CD2 . LEU A 1 35  ? -8.996  -0.914  -2.949  1.00 17.09 ? 24   LEU A CD2 1 
ATOM   233 N  N   . VAL A 1 36  ? -5.797  -4.556  -2.619  1.00 12.79 ? 25   VAL A N   1 
ATOM   234 C  CA  . VAL A 1 36  ? -4.568  -4.448  -1.864  1.00 12.80 ? 25   VAL A CA  1 
ATOM   235 C  C   . VAL A 1 36  ? -3.984  -3.072  -2.149  1.00 12.13 ? 25   VAL A C   1 
ATOM   236 O  O   . VAL A 1 36  ? -3.892  -2.659  -3.307  1.00 13.74 ? 25   VAL A O   1 
ATOM   237 C  CB  . VAL A 1 36  ? -3.597  -5.562  -2.250  1.00 12.20 ? 25   VAL A CB  1 
ATOM   238 C  CG1 . VAL A 1 36  ? -2.250  -5.378  -1.570  1.00 13.10 ? 25   VAL A CG1 1 
ATOM   239 C  CG2 . VAL A 1 36  ? -4.194  -6.968  -1.951  1.00 13.96 ? 25   VAL A CG2 1 
ATOM   240 N  N   . VAL A 1 37  ? -3.615  -2.337  -1.109  1.00 11.26 ? 26   VAL A N   1 
ATOM   241 C  CA  . VAL A 1 37  ? -3.114  -0.984  -1.263  1.00 11.31 ? 26   VAL A CA  1 
ATOM   242 C  C   . VAL A 1 37  ? -1.705  -0.970  -0.656  1.00 10.41 ? 26   VAL A C   1 
ATOM   243 O  O   . VAL A 1 37  ? -1.539  -1.169  0.555   1.00 10.96 ? 26   VAL A O   1 
ATOM   244 C  CB  . VAL A 1 37  ? -4.038  0.075   -0.567  1.00 11.95 ? 26   VAL A CB  1 
ATOM   245 C  CG1 . VAL A 1 37  ? -3.534  1.493   -0.858  1.00 13.86 ? 26   VAL A CG1 1 
ATOM   246 C  CG2 . VAL A 1 37  ? -5.512  -0.080  -0.982  1.00 15.52 ? 26   VAL A CG2 1 
ATOM   247 N  N   . VAL A 1 38  ? -0.697  -0.745  -1.488  1.00 9.96  ? 27   VAL A N   1 
ATOM   248 C  CA  . VAL A 1 38  ? 0.699   -0.865  -1.081  1.00 9.64  ? 27   VAL A CA  1 
ATOM   249 C  C   . VAL A 1 38  ? 1.365   0.516   -1.004  1.00 10.84 ? 27   VAL A C   1 
ATOM   250 O  O   . VAL A 1 38  ? 1.436   1.261   -1.985  1.00 10.76 ? 27   VAL A O   1 
ATOM   251 C  CB  . VAL A 1 38  ? 1.520   -1.768  -2.043  1.00 9.35  ? 27   VAL A CB  1 
ATOM   252 C  CG1 . VAL A 1 38  ? 2.894   -2.017  -1.421  1.00 10.91 ? 27   VAL A CG1 1 
ATOM   253 C  CG2 . VAL A 1 38  ? 0.798   -3.061  -2.316  1.00 9.74  ? 27   VAL A CG2 1 
ATOM   254 N  N   . ASP A 1 39  ? 1.869   0.817   0.180   1.00 10.33 ? 28   ASP A N   1 
ATOM   255 C  CA  . ASP A 1 39  ? 2.692   1.992   0.431   1.00 9.74  ? 28   ASP A CA  1 
ATOM   256 C  C   . ASP A 1 39  ? 4.183   1.601   0.279   1.00 9.47  ? 28   ASP A C   1 
ATOM   257 O  O   . ASP A 1 39  ? 4.770   0.977   1.170   1.00 10.28 ? 28   ASP A O   1 
ATOM   258 C  CB  . ASP A 1 39  ? 2.413   2.486   1.856   1.00 10.78 ? 28   ASP A CB  1 
ATOM   259 C  CG  . ASP A 1 39  ? 3.234   3.695   2.256   1.00 10.87 ? 28   ASP A CG  1 
ATOM   260 O  OD1 . ASP A 1 39  ? 4.078   4.183   1.499   1.00 11.21 ? 28   ASP A OD1 1 
ATOM   261 O  OD2 . ASP A 1 39  ? 3.016   4.161   3.426   1.00 13.76 ? 28   ASP A OD2 1 
ATOM   262 N  N   . PHE A 1 40  ? 4.782   2.001   -0.854  1.00 8.48  ? 29   PHE A N   1 
ATOM   263 C  CA  . PHE A 1 40  ? 6.208   1.883   -1.063  1.00 9.14  ? 29   PHE A CA  1 
ATOM   264 C  C   . PHE A 1 40  ? 6.900   3.100   -0.460  1.00 9.63  ? 29   PHE A C   1 
ATOM   265 O  O   . PHE A 1 40  ? 6.673   4.248   -0.924  1.00 10.46 ? 29   PHE A O   1 
ATOM   266 C  CB  . PHE A 1 40  ? 6.511   1.800   -2.556  1.00 9.31  ? 29   PHE A CB  1 
ATOM   267 C  CG  . PHE A 1 40  ? 6.112   0.489   -3.187  1.00 10.75 ? 29   PHE A CG  1 
ATOM   268 C  CD1 . PHE A 1 40  ? 4.842   0.311   -3.698  1.00 11.10 ? 29   PHE A CD1 1 
ATOM   269 C  CD2 . PHE A 1 40  ? 7.021   -0.561  -3.269  1.00 11.05 ? 29   PHE A CD2 1 
ATOM   270 C  CE1 . PHE A 1 40  ? 4.446   -0.912  -4.294  1.00 12.82 ? 29   PHE A CE1 1 
ATOM   271 C  CE2 . PHE A 1 40  ? 6.661   -1.766  -3.889  1.00 12.67 ? 29   PHE A CE2 1 
ATOM   272 C  CZ  . PHE A 1 40  ? 5.375   -1.948  -4.386  1.00 11.28 ? 29   PHE A CZ  1 
ATOM   273 N  N   . PHE A 1 41  ? 7.696   2.863   0.575   1.00 9.78  ? 30   PHE A N   1 
ATOM   274 C  CA  . PHE A 1 41  ? 8.329   3.931   1.372   1.00 10.82 ? 30   PHE A CA  1 
ATOM   275 C  C   . PHE A 1 41  ? 9.825   3.708   1.564   1.00 12.18 ? 30   PHE A C   1 
ATOM   276 O  O   . PHE A 1 41  ? 10.344  2.627   1.241   1.00 11.61 ? 30   PHE A O   1 
ATOM   277 C  CB  . PHE A 1 41  ? 7.626   4.035   2.738   1.00 10.96 ? 30   PHE A CB  1 
ATOM   278 C  CG  . PHE A 1 41  ? 7.991   2.947   3.689   1.00 9.45  ? 30   PHE A CG  1 
ATOM   279 C  CD1 . PHE A 1 41  ? 8.978   3.165   4.642   1.00 11.81 ? 30   PHE A CD1 1 
ATOM   280 C  CD2 . PHE A 1 41  ? 7.334   1.726   3.653   1.00 10.65 ? 30   PHE A CD2 1 
ATOM   281 C  CE1 . PHE A 1 41  ? 9.314   2.181   5.563   1.00 12.50 ? 30   PHE A CE1 1 
ATOM   282 C  CE2 . PHE A 1 41  ? 7.653   0.719   4.573   1.00 10.16 ? 30   PHE A CE2 1 
ATOM   283 C  CZ  . PHE A 1 41  ? 8.658   0.948   5.533   1.00 12.38 ? 30   PHE A CZ  1 
ATOM   284 N  N   . ALA A 1 42  ? 10.507  4.727   2.090   1.00 12.79 ? 31   ALA A N   1 
ATOM   285 C  CA  . ALA A 1 42  ? 11.893  4.562   2.495   1.00 14.97 ? 31   ALA A CA  1 
ATOM   286 C  C   . ALA A 1 42  ? 12.065  5.023   3.925   1.00 14.96 ? 31   ALA A C   1 
ATOM   287 O  O   . ALA A 1 42  ? 11.372  5.915   4.398   1.00 13.89 ? 31   ALA A O   1 
ATOM   288 C  CB  . ALA A 1 42  ? 12.815  5.327   1.570   1.00 15.79 ? 31   ALA A CB  1 
ATOM   289 N  N   . THR A 1 43  ? 12.996  4.377   4.610   1.00 16.75 ? 32   THR A N   1 
ATOM   290 C  CA  . THR A 1 43  ? 13.359  4.721   5.988   1.00 18.71 ? 32   THR A CA  1 
ATOM   291 C  C   . THR A 1 43  ? 13.800  6.180   6.154   1.00 18.87 ? 32   THR A C   1 
ATOM   292 O  O   . THR A 1 43  ? 13.489  6.809   7.152   1.00 20.31 ? 32   THR A O   1 
ATOM   293 C  CB  . THR A 1 43  ? 14.512  3.810   6.474   1.00 18.52 ? 32   THR A CB  1 
ATOM   294 O  OG1 . THR A 1 43  ? 14.106  2.440   6.355   1.00 22.80 ? 32   THR A OG1 1 
ATOM   295 C  CG2 . THR A 1 43  ? 14.891  4.106   7.928   1.00 20.97 ? 32   THR A CG2 1 
ATOM   296 N  N   . TRP A 1 44  ? 14.484  6.716   5.150   1.00 18.56 ? 33   TRP A N   1 
ATOM   297 C  CA  . TRP A 1 44  ? 15.056  8.064   5.182   1.00 19.67 ? 33   TRP A CA  1 
ATOM   298 C  C   . TRP A 1 44  ? 14.159  9.124   4.553   1.00 19.41 ? 33   TRP A C   1 
ATOM   299 O  O   . TRP A 1 44  ? 14.622  10.239  4.269   1.00 21.91 ? 33   TRP A O   1 
ATOM   300 C  CB  . TRP A 1 44  ? 16.393  8.043   4.430   1.00 19.52 ? 33   TRP A CB  1 
ATOM   301 C  CG  . TRP A 1 44  ? 16.325  7.316   3.116   1.00 20.72 ? 33   TRP A CG  1 
ATOM   302 C  CD1 . TRP A 1 44  ? 16.541  5.991   2.909   1.00 20.76 ? 33   TRP A CD1 1 
ATOM   303 C  CD2 . TRP A 1 44  ? 15.966  7.870   1.836   1.00 25.30 ? 33   TRP A CD2 1 
ATOM   304 N  NE1 . TRP A 1 44  ? 16.370  5.677   1.581   1.00 25.50 ? 33   TRP A NE1 1 
ATOM   305 C  CE2 . TRP A 1 44  ? 16.017  6.812   0.900   1.00 26.04 ? 33   TRP A CE2 1 
ATOM   306 C  CE3 . TRP A 1 44  ? 15.611  9.153   1.392   1.00 28.57 ? 33   TRP A CE3 1 
ATOM   307 C  CZ2 . TRP A 1 44  ? 15.713  6.992   -0.462  1.00 28.71 ? 33   TRP A CZ2 1 
ATOM   308 C  CZ3 . TRP A 1 44  ? 15.336  9.337   0.036   1.00 29.04 ? 33   TRP A CZ3 1 
ATOM   309 C  CH2 . TRP A 1 44  ? 15.391  8.257   -0.873  1.00 28.47 ? 33   TRP A CH2 1 
ATOM   310 N  N   . CYS A 1 45  ? 12.898  8.782   4.329   1.00 17.85 ? 34   CYS A N   1 
ATOM   311 C  CA  . CYS A 1 45  ? 11.974  9.661   3.626   1.00 16.29 ? 34   CYS A CA  1 
ATOM   312 C  C   . CYS A 1 45  ? 11.069  10.366  4.660   1.00 15.90 ? 34   CYS A C   1 
ATOM   313 O  O   . CYS A 1 45  ? 10.239  9.708   5.311   1.00 17.23 ? 34   CYS A O   1 
ATOM   314 C  CB  . CYS A 1 45  ? 11.162  8.794   2.643   1.00 15.66 ? 34   CYS A CB  1 
ATOM   315 S  SG  . CYS A 1 45  ? 9.593   9.399   1.934   1.00 17.86 ? 34   CYS A SG  1 
ATOM   316 N  N   . GLY A 1 46  ? 11.231  11.683  4.814   1.00 15.94 ? 35   GLY A N   1 
ATOM   317 C  CA  . GLY A 1 46  ? 10.411  12.454  5.752   1.00 16.13 ? 35   GLY A CA  1 
ATOM   318 C  C   . GLY A 1 46  ? 8.924   12.356  5.459   1.00 15.36 ? 35   GLY A C   1 
ATOM   319 O  O   . GLY A 1 46  ? 8.124   12.073  6.358   1.00 15.95 ? 35   GLY A O   1 
ATOM   320 N  N   . PRO A 1 47  ? 8.535   12.603  4.203   1.00 14.85 ? 36   PRO A N   1 
ATOM   321 C  CA  . PRO A 1 47  ? 7.112   12.539  3.860   1.00 13.32 ? 36   PRO A CA  1 
ATOM   322 C  C   . PRO A 1 47  ? 6.501   11.178  4.152   1.00 13.43 ? 36   PRO A C   1 
ATOM   323 O  O   . PRO A 1 47  ? 5.333   11.106  4.527   1.00 12.48 ? 36   PRO A O   1 
ATOM   324 C  CB  . PRO A 1 47  ? 7.102   12.788  2.368   1.00 13.59 ? 36   PRO A CB  1 
ATOM   325 C  CG  . PRO A 1 47  ? 8.259   13.752  2.181   1.00 15.96 ? 36   PRO A CG  1 
ATOM   326 C  CD  . PRO A 1 47  ? 9.323   13.219  3.118   1.00 15.27 ? 36   PRO A CD  1 
ATOM   327 N  N   . CYS A 1 48  ? 7.289   10.115  4.002   1.00 12.15 ? 37   CYS A N   1 
ATOM   328 C  CA  . CYS A 1 48  ? 6.821   8.750   4.330   1.00 12.26 ? 37   CYS A CA  1 
ATOM   329 C  C   . CYS A 1 48  ? 6.445   8.644   5.805   1.00 12.43 ? 37   CYS A C   1 
ATOM   330 O  O   . CYS A 1 48  ? 5.367   8.112   6.150   1.00 12.62 ? 37   CYS A O   1 
ATOM   331 C  CB  . CYS A 1 48  ? 7.873   7.688   3.976   1.00 12.23 ? 37   CYS A CB  1 
ATOM   332 S  SG  . CYS A 1 48  ? 8.221   7.672   2.183   1.00 15.09 ? 37   CYS A SG  1 
ATOM   333 N  N   . LYS A 1 49  ? 7.311   9.147   6.681   1.00 13.29 ? 38   LYS A N   1 
ATOM   334 C  CA  . LYS A 1 49  ? 7.057   9.047   8.128   1.00 14.30 ? 38   LYS A CA  1 
ATOM   335 C  C   . LYS A 1 49  ? 5.839   9.851   8.551   1.00 14.16 ? 38   LYS A C   1 
ATOM   336 O  O   . LYS A 1 49  ? 5.020   9.412   9.372   1.00 15.34 ? 38   LYS A O   1 
ATOM   337 C  CB  . LYS A 1 49  ? 8.280   9.527   8.884   1.00 15.47 ? 38   LYS A CB  1 
ATOM   338 C  CG  . LYS A 1 49  ? 9.488   8.642   8.688   1.00 18.80 ? 38   LYS A CG  1 
ATOM   339 C  CD  . LYS A 1 49  ? 10.669  9.315   9.308   1.00 22.96 ? 38   LYS A CD  1 
ATOM   340 C  CE  . LYS A 1 49  ? 11.940  8.638   8.880   1.00 23.89 ? 38   LYS A CE  1 
ATOM   341 N  NZ  . LYS A 1 49  ? 13.091  9.573   9.058   0.50 17.88 ? 38   LYS A NZ  1 
ATOM   342 N  N   . THR A 1 50  ? 5.700   11.013  7.948   1.00 13.35 ? 39   THR A N   1 
ATOM   343 C  CA  . THR A 1 50  ? 4.561   11.888  8.193   1.00 14.56 ? 39   THR A CA  1 
ATOM   344 C  C   . THR A 1 50  ? 3.237   11.262  7.791   1.00 13.13 ? 39   THR A C   1 
ATOM   345 O  O   . THR A 1 50  ? 2.222   11.360  8.534   1.00 13.83 ? 39   THR A O   1 
ATOM   346 C  CB  . THR A 1 50  ? 4.789   13.225  7.503   1.00 14.04 ? 39   THR A CB  1 
ATOM   347 O  OG1 . THR A 1 50  ? 5.997   13.799  8.032   1.00 17.15 ? 39   THR A OG1 1 
ATOM   348 C  CG2 . THR A 1 50  ? 3.636   14.168  7.758   1.00 17.58 ? 39   THR A CG2 1 
ATOM   349 N  N   . ILE A 1 51  ? 3.193   10.618  6.622   1.00 11.61 ? 40   ILE A N   1 
ATOM   350 C  CA  . ILE A 1 51  ? 1.933   10.011  6.179   1.00 11.08 ? 40   ILE A CA  1 
ATOM   351 C  C   . ILE A 1 51  ? 1.595   8.657   6.819   1.00 9.89  ? 40   ILE A C   1 
ATOM   352 O  O   . ILE A 1 51  ? 0.431   8.245   6.803   1.00 10.86 ? 40   ILE A O   1 
ATOM   353 C  CB  . ILE A 1 51  ? 1.832   9.928   4.625   1.00 9.68  ? 40   ILE A CB  1 
ATOM   354 C  CG1 . ILE A 1 51  ? 0.382   9.816   4.187   1.00 10.45 ? 40   ILE A CG1 1 
ATOM   355 C  CG2 . ILE A 1 51  ? 2.739   8.795   4.055   1.00 11.57 ? 40   ILE A CG2 1 
ATOM   356 C  CD1 . ILE A 1 51  ? 0.143   10.112  2.686   1.00 12.18 ? 40   ILE A CD1 1 
ATOM   357 N  N   . ALA A 1 52  ? 2.592   7.985   7.393   1.00 10.58 ? 41   ALA A N   1 
ATOM   358 C  CA  . ALA A 1 52  ? 2.375   6.615   7.855   1.00 10.03 ? 41   ALA A CA  1 
ATOM   359 C  C   . ALA A 1 52  ? 1.210   6.545   8.860   1.00 10.95 ? 41   ALA A C   1 
ATOM   360 O  O   . ALA A 1 52  ? 0.361   5.676   8.697   1.00 11.27 ? 41   ALA A O   1 
ATOM   361 C  CB  . ALA A 1 52  ? 3.676   6.017   8.434   1.00 11.08 ? 41   ALA A CB  1 
ATOM   362 N  N   . PRO A 1 53  ? 1.127   7.476   9.847   1.00 11.66 ? 42   PRO A N   1 
ATOM   363 C  CA  . PRO A 1 53  ? -0.057  7.311   10.718  1.00 12.12 ? 42   PRO A CA  1 
ATOM   364 C  C   . PRO A 1 53  ? -1.410  7.534   10.058  1.00 12.38 ? 42   PRO A C   1 
ATOM   365 O  O   . PRO A 1 53  ? -2.422  6.976   10.519  1.00 12.03 ? 42   PRO A O   1 
ATOM   366 C  CB  . PRO A 1 53  ? 0.191   8.341   11.847  1.00 11.32 ? 42   PRO A CB  1 
ATOM   367 C  CG  . PRO A 1 53  ? 1.679   8.580   11.817  1.00 14.12 ? 42   PRO A CG  1 
ATOM   368 C  CD  . PRO A 1 53  ? 2.050   8.501   10.355  1.00 13.17 ? 42   PRO A CD  1 
ATOM   369 N  N   . LEU A 1 54  ? -1.444  8.306   8.973   1.00 10.74 ? 43   LEU A N   1 
ATOM   370 C  CA  . LEU A 1 54  ? -2.672  8.563   8.243   1.00 11.14 ? 43   LEU A CA  1 
ATOM   371 C  C   . LEU A 1 54  ? -3.050  7.336   7.447   1.00 10.45 ? 43   LEU A C   1 
ATOM   372 O  O   . LEU A 1 54  ? -4.230  7.031   7.307   1.00 12.42 ? 43   LEU A O   1 
ATOM   373 C  CB  . LEU A 1 54  ? -2.532  9.812   7.339   1.00 11.58 ? 43   LEU A CB  1 
ATOM   374 C  CG  . LEU A 1 54  ? -2.056  11.082  8.035   1.00 14.78 ? 43   LEU A CG  1 
ATOM   375 C  CD1 . LEU A 1 54  ? -2.112  12.207  7.008   1.00 16.53 ? 43   LEU A CD1 1 
ATOM   376 C  CD2 . LEU A 1 54  ? -2.974  11.380  9.220   1.00 17.61 ? 43   LEU A CD2 1 
ATOM   377 N  N   . PHE A 1 55  ? -2.040  6.654   6.888   1.00 10.07 ? 44   PHE A N   1 
ATOM   378 C  CA  . PHE A 1 55  ? -2.260  5.397   6.166   1.00 10.80 ? 44   PHE A CA  1 
ATOM   379 C  C   . PHE A 1 55  ? -2.817  4.361   7.127   1.00 11.00 ? 44   PHE A C   1 
ATOM   380 O  O   . PHE A 1 55  ? -3.786  3.657   6.793   1.00 11.92 ? 44   PHE A O   1 
ATOM   381 C  CB  . PHE A 1 55  ? -0.945  4.935   5.538   1.00 9.97  ? 44   PHE A CB  1 
ATOM   382 C  CG  . PHE A 1 55  ? -1.077  3.753   4.593   1.00 9.48  ? 44   PHE A CG  1 
ATOM   383 C  CD1 . PHE A 1 55  ? -1.691  3.901   3.363   1.00 11.44 ? 44   PHE A CD1 1 
ATOM   384 C  CD2 . PHE A 1 55  ? -0.521  2.530   4.923   1.00 11.05 ? 44   PHE A CD2 1 
ATOM   385 C  CE1 . PHE A 1 55  ? -1.806  2.823   2.459   1.00 13.42 ? 44   PHE A CE1 1 
ATOM   386 C  CE2 . PHE A 1 55  ? -0.586  1.458   4.015   1.00 13.45 ? 44   PHE A CE2 1 
ATOM   387 C  CZ  . PHE A 1 55  ? -1.227  1.587   2.803   1.00 13.41 ? 44   PHE A CZ  1 
ATOM   388 N  N   . LYS A 1 56  ? -2.247  4.325   8.324   1.00 11.48 ? 45   LYS A N   1 
ATOM   389 C  CA  . LYS A 1 56  ? -2.769  3.450   9.411   1.00 12.11 ? 45   LYS A CA  1 
ATOM   390 C  C   . LYS A 1 56  ? -4.250  3.783   9.665   1.00 12.59 ? 45   LYS A C   1 
ATOM   391 O  O   . LYS A 1 56  ? -5.095  2.892   9.730   1.00 12.99 ? 45   LYS A O   1 
ATOM   392 C  CB  . LYS A 1 56  ? -1.965  3.603   10.699  1.00 12.23 ? 45   LYS A CB  1 
ATOM   393 C  CG  . LYS A 1 56  ? -2.522  2.687   11.803  1.00 15.20 ? 45   LYS A CG  1 
ATOM   394 C  CD  . LYS A 1 56  ? -1.597  2.587   12.989  0.50 17.33 ? 45   LYS A CD  1 
ATOM   395 C  CE  . LYS A 1 56  ? -2.241  1.746   14.100  0.50 19.85 ? 45   LYS A CE  1 
ATOM   396 N  NZ  . LYS A 1 56  ? -3.441  2.384   14.723  0.50 20.41 ? 45   LYS A NZ  1 
ATOM   397 N  N   . GLU A 1 57  ? -4.591  5.064   9.806   1.00 12.91 ? 46   GLU A N   1 
ATOM   398 C  CA  . GLU A 1 57  ? -5.993  5.432   10.040  1.00 14.25 ? 46   GLU A CA  1 
ATOM   399 C  C   . GLU A 1 57  ? -6.924  5.011   8.918   1.00 14.66 ? 46   GLU A C   1 
ATOM   400 O  O   . GLU A 1 57  ? -8.035  4.539   9.143   1.00 15.53 ? 46   GLU A O   1 
ATOM   401 C  CB  . GLU A 1 57  ? -6.101  6.949   10.311  1.00 15.07 ? 46   GLU A CB  1 
ATOM   402 C  CG  . GLU A 1 57  ? -5.689  7.304   11.698  1.00 20.39 ? 46   GLU A CG  1 
ATOM   403 C  CD  . GLU A 1 57  ? -6.592  6.657   12.743  1.00 22.12 ? 46   GLU A CD  1 
ATOM   404 O  OE1 . GLU A 1 57  ? -7.805  6.913   12.730  1.00 24.28 ? 46   GLU A OE1 1 
ATOM   405 O  OE2 . GLU A 1 57  ? -6.087  5.871   13.560  1.00 29.41 ? 46   GLU A OE2 1 
ATOM   406 N  N   . LEU A 1 58  ? -6.465  5.149   7.677   1.00 13.90 ? 47   LEU A N   1 
ATOM   407 C  CA  . LEU A 1 58  ? -7.216  4.749   6.546   1.00 14.86 ? 47   LEU A CA  1 
ATOM   408 C  C   . LEU A 1 58  ? -7.493  3.265   6.572   1.00 15.53 ? 47   LEU A C   1 
ATOM   409 O  O   . LEU A 1 58  ? -8.555  2.833   6.175   1.00 15.52 ? 47   LEU A O   1 
ATOM   410 C  CB  . LEU A 1 58  ? -6.403  5.116   5.300   1.00 16.94 ? 47   LEU A CB  1 
ATOM   411 C  CG  . LEU A 1 58  ? -7.173  5.391   4.045   1.00 18.67 ? 47   LEU A CG  1 
ATOM   412 C  CD1 . LEU A 1 58  ? -8.250  6.479   4.330   1.00 19.38 ? 47   LEU A CD1 1 
ATOM   413 C  CD2 . LEU A 1 58  ? -6.199  5.880   2.996   1.00 14.81 ? 47   LEU A CD2 1 
ATOM   414 N  N   . SER A 1 59  ? -6.527  2.483   7.055   1.00 15.55 ? 48   SER A N   1 
ATOM   415 C  CA  . SER A 1 59  ? -6.680  1.022   7.055   1.00 16.35 ? 48   SER A CA  1 
ATOM   416 C  C   . SER A 1 59  ? -7.831  0.576   7.942   1.00 17.04 ? 48   SER A C   1 
ATOM   417 O  O   . SER A 1 59  ? -8.356  -0.534  7.784   1.00 18.48 ? 48   SER A O   1 
ATOM   418 C  CB  . SER A 1 59  ? -5.387  0.311   7.470   1.00 15.52 ? 48   SER A CB  1 
ATOM   419 O  OG  . SER A 1 59  ? -5.121  0.371   8.864   1.00 15.50 ? 48   SER A OG  1 
ATOM   420 N  N   . GLU A 1 60  ? -8.231  1.447   8.860   1.00 16.98 ? 49   GLU A N   1 
ATOM   421 C  CA  . GLU A 1 60  ? -9.363  1.179   9.764   1.00 18.21 ? 49   GLU A CA  1 
ATOM   422 C  C   . GLU A 1 60  ? -10.726 1.462   9.119   1.00 18.32 ? 49   GLU A C   1 
ATOM   423 O  O   . GLU A 1 60  ? -11.766 1.153   9.707   1.00 19.89 ? 49   GLU A O   1 
ATOM   424 C  CB  . GLU A 1 60  ? -9.214  1.999   11.050  1.00 18.40 ? 49   GLU A CB  1 
ATOM   425 C  CG  . GLU A 1 60  ? -8.077  1.583   11.955  1.00 20.42 ? 49   GLU A CG  1 
ATOM   426 C  CD  . GLU A 1 60  ? -7.671  2.656   12.986  1.00 24.57 ? 49   GLU A CD  1 
ATOM   427 O  OE1 . GLU A 1 60  ? -8.408  3.655   13.194  1.00 26.59 ? 49   GLU A OE1 1 
ATOM   428 O  OE2 . GLU A 1 60  ? -6.589  2.502   13.576  1.00 28.39 ? 49   GLU A OE2 1 
ATOM   429 N  N   . LYS A 1 61  ? -10.731 2.069   7.932   1.00 17.77 ? 50   LYS A N   1 
ATOM   430 C  CA  . LYS A 1 61  ? -11.965 2.574   7.341   1.00 17.11 ? 50   LYS A CA  1 
ATOM   431 C  C   . LYS A 1 61  ? -12.442 1.753   6.160   1.00 17.07 ? 50   LYS A C   1 
ATOM   432 O  O   . LYS A 1 61  ? -13.592 1.897   5.717   1.00 17.76 ? 50   LYS A O   1 
ATOM   433 C  CB  . LYS A 1 61  ? -11.782 4.032   6.899   1.00 17.48 ? 50   LYS A CB  1 
ATOM   434 C  CG  . LYS A 1 61  ? -11.235 4.934   8.005   1.00 18.57 ? 50   LYS A CG  1 
ATOM   435 C  CD  . LYS A 1 61  ? -11.488 6.419   7.754   1.00 22.70 ? 50   LYS A CD  1 
ATOM   436 C  CE  . LYS A 1 61  ? -11.101 7.255   8.991   0.10 21.96 ? 50   LYS A CE  1 
ATOM   437 N  NZ  . LYS A 1 61  ? -11.913 7.000   10.241  0.50 23.02 ? 50   LYS A NZ  1 
ATOM   438 N  N   . TYR A 1 62  ? -11.544 0.945   5.604   1.00 16.34 ? 51   TYR A N   1 
ATOM   439 C  CA  . TYR A 1 62  ? -11.841 0.188   4.375   1.00 16.18 ? 51   TYR A CA  1 
ATOM   440 C  C   . TYR A 1 62  ? -11.459 -1.257  4.490   1.00 16.73 ? 51   TYR A C   1 
ATOM   441 O  O   . TYR A 1 62  ? -10.374 -1.572  5.000   1.00 16.16 ? 51   TYR A O   1 
ATOM   442 C  CB  . TYR A 1 62  ? -11.091 0.813   3.186   1.00 15.18 ? 51   TYR A CB  1 
ATOM   443 C  CG  . TYR A 1 62  ? -11.584 2.192   2.892   1.00 15.15 ? 51   TYR A CG  1 
ATOM   444 C  CD1 . TYR A 1 62  ? -10.945 3.312   3.423   1.00 15.57 ? 51   TYR A CD1 1 
ATOM   445 C  CD2 . TYR A 1 62  ? -12.740 2.374   2.131   1.00 17.00 ? 51   TYR A CD2 1 
ATOM   446 C  CE1 . TYR A 1 62  ? -11.430 4.606   3.164   1.00 16.79 ? 51   TYR A CE1 1 
ATOM   447 C  CE2 . TYR A 1 62  ? -13.212 3.619   1.869   1.00 18.44 ? 51   TYR A CE2 1 
ATOM   448 C  CZ  . TYR A 1 62  ? -12.581 4.725   2.391   1.00 17.42 ? 51   TYR A CZ  1 
ATOM   449 O  OH  . TYR A 1 62  ? -13.126 5.947   2.102   1.00 20.56 ? 51   TYR A OH  1 
ATOM   450 N  N   . ASP A 1 63  ? -12.350 -2.130  3.999   1.00 16.67 ? 52   ASP A N   1 
ATOM   451 C  CA  . ASP A 1 63  ? -12.107 -3.573  3.947   1.00 18.48 ? 52   ASP A CA  1 
ATOM   452 C  C   . ASP A 1 63  ? -11.170 -3.881  2.766   1.00 18.20 ? 52   ASP A C   1 
ATOM   453 O  O   . ASP A 1 63  ? -11.571 -4.395  1.726   1.00 19.84 ? 52   ASP A O   1 
ATOM   454 C  CB  . ASP A 1 63  ? -13.425 -4.359  3.894   1.00 20.93 ? 52   ASP A CB  1 
ATOM   455 C  CG  . ASP A 1 63  ? -13.214 -5.808  3.577   1.00 22.56 ? 52   ASP A CG  1 
ATOM   456 O  OD1 . ASP A 1 63  ? -12.157 -6.373  3.960   1.00 26.79 ? 52   ASP A OD1 1 
ATOM   457 O  OD2 . ASP A 1 63  ? -14.101 -6.383  2.894   1.00 30.98 ? 52   ASP A OD2 1 
ATOM   458 N  N   . ALA A 1 64  ? -9.914  -3.488  2.947   1.00 17.49 ? 53   ALA A N   1 
ATOM   459 C  CA  . ALA A 1 64  ? -8.853  -3.742  1.982   1.00 16.52 ? 53   ALA A CA  1 
ATOM   460 C  C   . ALA A 1 64  ? -7.644  -4.255  2.771   1.00 16.22 ? 53   ALA A C   1 
ATOM   461 O  O   . ALA A 1 64  ? -7.655  -4.236  4.009   1.00 16.69 ? 53   ALA A O   1 
ATOM   462 C  CB  . ALA A 1 64  ? -8.525  -2.455  1.218   1.00 16.36 ? 53   ALA A CB  1 
ATOM   463 N  N   . ILE A 1 65  ? -6.626  -4.765  2.087   1.00 13.97 ? 54   ILE A N   1 
ATOM   464 C  CA  . ILE A 1 65  ? -5.363  -5.121  2.735   1.00 13.74 ? 54   ILE A CA  1 
ATOM   465 C  C   . ILE A 1 65  ? -4.382  -3.985  2.513   1.00 13.59 ? 54   ILE A C   1 
ATOM   466 O  O   . ILE A 1 65  ? -4.038  -3.650  1.372   1.00 12.55 ? 54   ILE A O   1 
ATOM   467 C  CB  . ILE A 1 65  ? -4.738  -6.456  2.172   1.00 14.04 ? 54   ILE A CB  1 
ATOM   468 C  CG1 . ILE A 1 65  ? -5.802  -7.572  2.062   1.00 14.25 ? 54   ILE A CG1 1 
ATOM   469 C  CG2 . ILE A 1 65  ? -3.526  -6.876  2.980   1.00 15.04 ? 54   ILE A CG2 1 
ATOM   470 C  CD1 . ILE A 1 65  ? -6.545  -7.910  3.399   1.00 17.89 ? 54   ILE A CD1 1 
ATOM   471 N  N   . PHE A 1 66  ? -3.958  -3.370  3.602   1.00 12.03 ? 55   PHE A N   1 
ATOM   472 C  CA  . PHE A 1 66  ? -3.025  -2.258  3.547   1.00 10.95 ? 55   PHE A CA  1 
ATOM   473 C  C   . PHE A 1 66  ? -1.630  -2.781  3.803   1.00 11.43 ? 55   PHE A C   1 
ATOM   474 O  O   . PHE A 1 66  ? -1.401  -3.498  4.793   1.00 11.81 ? 55   PHE A O   1 
ATOM   475 C  CB  . PHE A 1 66  ? -3.451  -1.239  4.606   1.00 10.04 ? 55   PHE A CB  1 
ATOM   476 C  CG  . PHE A 1 66  ? -4.726  -0.497  4.220   1.00 10.65 ? 55   PHE A CG  1 
ATOM   477 C  CD1 . PHE A 1 66  ? -5.978  -1.128  4.289   1.00 13.29 ? 55   PHE A CD1 1 
ATOM   478 C  CD2 . PHE A 1 66  ? -4.667  0.816   3.749   1.00 12.86 ? 55   PHE A CD2 1 
ATOM   479 C  CE1 . PHE A 1 66  ? -7.158  -0.418  3.930   1.00 12.90 ? 55   PHE A CE1 1 
ATOM   480 C  CE2 . PHE A 1 66  ? -5.829  1.509   3.377   1.00 14.22 ? 55   PHE A CE2 1 
ATOM   481 C  CZ  . PHE A 1 66  ? -7.063  0.897   3.452   1.00 15.06 ? 55   PHE A CZ  1 
ATOM   482 N  N   . VAL A 1 67  ? -0.692  -2.441  2.902   1.00 9.48  ? 56   VAL A N   1 
ATOM   483 C  CA  . VAL A 1 67  ? 0.648   -3.054  2.949   1.00 10.85 ? 56   VAL A CA  1 
ATOM   484 C  C   . VAL A 1 67  ? 1.716   -1.973  2.986   1.00 10.77 ? 56   VAL A C   1 
ATOM   485 O  O   . VAL A 1 67  ? 1.574   -0.960  2.296   1.00 10.56 ? 56   VAL A O   1 
ATOM   486 C  CB  . VAL A 1 67  ? 0.873   -3.964  1.735   1.00 9.99  ? 56   VAL A CB  1 
ATOM   487 C  CG1 . VAL A 1 67  ? 2.201   -4.707  1.885   1.00 10.74 ? 56   VAL A CG1 1 
ATOM   488 C  CG2 . VAL A 1 67  ? -0.265  -4.947  1.580   1.00 14.27 ? 56   VAL A CG2 1 
ATOM   489 N  N   . LYS A 1 68  ? 2.770   -2.172  3.760   1.00 10.76 ? 57   LYS A N   1 
ATOM   490 C  CA  . LYS A 1 68  ? 3.905   -1.271  3.764   1.00 11.13 ? 57   LYS A CA  1 
ATOM   491 C  C   . LYS A 1 68  ? 5.121   -2.021  3.217   1.00 11.65 ? 57   LYS A C   1 
ATOM   492 O  O   . LYS A 1 68  ? 5.395   -3.149  3.639   1.00 11.60 ? 57   LYS A O   1 
ATOM   493 C  CB  . LYS A 1 68  ? 4.167   -0.737  5.179   1.00 11.71 ? 57   LYS A CB  1 
ATOM   494 C  CG  . LYS A 1 68  ? 2.987   0.094   5.693   1.00 15.86 ? 57   LYS A CG  1 
ATOM   495 C  CD  . LYS A 1 68  ? 2.981   0.374   7.199   1.00 21.46 ? 57   LYS A CD  1 
ATOM   496 C  CE  . LYS A 1 68  ? 4.209   1.165   7.643   1.00 22.20 ? 57   LYS A CE  1 
ATOM   497 N  NZ  . LYS A 1 68  ? 4.584   2.245   6.666   0.50 23.52 ? 57   LYS A NZ  1 
ATOM   498 N  N   . VAL A 1 69  ? 5.790   -1.420  2.236   1.00 10.76 ? 58   VAL A N   1 
ATOM   499 C  CA  . VAL A 1 69  ? 6.988   -2.008  1.600   1.00 11.12 ? 58   VAL A CA  1 
ATOM   500 C  C   . VAL A 1 69  ? 8.156   -1.004  1.622   1.00 11.58 ? 58   VAL A C   1 
ATOM   501 O  O   . VAL A 1 69  ? 8.103   0.046   0.984   1.00 11.64 ? 58   VAL A O   1 
ATOM   502 C  CB  . VAL A 1 69  ? 6.696   -2.478  0.167   1.00 11.12 ? 58   VAL A CB  1 
ATOM   503 C  CG1 . VAL A 1 69  ? 7.988   -2.952  -0.529  1.00 12.66 ? 58   VAL A CG1 1 
ATOM   504 C  CG2 . VAL A 1 69  ? 5.642   -3.598  0.176   1.00 13.15 ? 58   VAL A CG2 1 
ATOM   505 N  N   . ASP A 1 70  ? 9.215   -1.338  2.362   1.00 11.09 ? 59   ASP A N   1 
ATOM   506 C  CA  . ASP A 1 70  ? 10.431  -0.516  2.379   1.00 12.19 ? 59   ASP A CA  1 
ATOM   507 C  C   . ASP A 1 70  ? 11.170  -0.874  1.099   1.00 12.03 ? 59   ASP A C   1 
ATOM   508 O  O   . ASP A 1 70  ? 11.518  -2.059  0.884   1.00 12.20 ? 59   ASP A O   1 
ATOM   509 C  CB  . ASP A 1 70  ? 11.246  -0.874  3.628   1.00 12.89 ? 59   ASP A CB  1 
ATOM   510 C  CG  . ASP A 1 70  ? 12.516  -0.100  3.760   1.00 15.11 ? 59   ASP A CG  1 
ATOM   511 O  OD1 . ASP A 1 70  ? 13.149  0.243   2.755   1.00 16.93 ? 59   ASP A OD1 1 
ATOM   512 O  OD2 . ASP A 1 70  ? 12.924  0.128   4.924   1.00 19.86 ? 59   ASP A OD2 1 
ATOM   513 N  N   . VAL A 1 71  ? 11.359  0.122   0.230   1.00 12.34 ? 60   VAL A N   1 
ATOM   514 C  CA  . VAL A 1 71  ? 11.988  -0.080  -1.070  1.00 12.29 ? 60   VAL A CA  1 
ATOM   515 C  C   . VAL A 1 71  ? 13.420  -0.637  -0.975  1.00 12.78 ? 60   VAL A C   1 
ATOM   516 O  O   . VAL A 1 71  ? 13.906  -1.238  -1.937  1.00 15.01 ? 60   VAL A O   1 
ATOM   517 C  CB  . VAL A 1 71  ? 11.986  1.188   -1.939  1.00 11.29 ? 60   VAL A CB  1 
ATOM   518 C  CG1 . VAL A 1 71  ? 10.527  1.645   -2.270  1.00 12.49 ? 60   VAL A CG1 1 
ATOM   519 C  CG2 . VAL A 1 71  ? 12.783  2.321   -1.286  1.00 13.44 ? 60   VAL A CG2 1 
ATOM   520 N  N   . ASP A 1 72  ? 14.096  -0.431  0.153   1.00 13.32 ? 61   ASP A N   1 
ATOM   521 C  CA  . ASP A 1 72  ? 15.460  -0.973  0.315   1.00 14.10 ? 61   ASP A CA  1 
ATOM   522 C  C   . ASP A 1 72  ? 15.486  -2.402  0.855   1.00 15.22 ? 61   ASP A C   1 
ATOM   523 O  O   . ASP A 1 72  ? 16.497  -3.109  0.742   1.00 16.52 ? 61   ASP A O   1 
ATOM   524 C  CB  . ASP A 1 72  ? 16.292  -0.031  1.191   1.00 14.14 ? 61   ASP A CB  1 
ATOM   525 C  CG  . ASP A 1 72  ? 16.498  1.338   0.547   1.00 16.74 ? 61   ASP A CG  1 
ATOM   526 O  OD1 . ASP A 1 72  ? 16.663  1.399   -0.697  1.00 21.36 ? 61   ASP A OD1 1 
ATOM   527 O  OD2 . ASP A 1 72  ? 16.493  2.355   1.269   1.00 20.37 ? 61   ASP A OD2 1 
ATOM   528 N  N   . LYS A 1 73  ? 14.385  -2.852  1.436   1.00 15.13 ? 62   LYS A N   1 
ATOM   529 C  CA  . LYS A 1 73  ? 14.259  -4.245  1.855   1.00 15.77 ? 62   LYS A CA  1 
ATOM   530 C  C   . LYS A 1 73  ? 13.654  -5.166  0.792   1.00 15.63 ? 62   LYS A C   1 
ATOM   531 O  O   . LYS A 1 73  ? 13.926  -6.382  0.807   1.00 16.94 ? 62   LYS A O   1 
ATOM   532 C  CB  . LYS A 1 73  ? 13.480  -4.356  3.179   1.00 15.29 ? 62   LYS A CB  1 
ATOM   533 C  CG  . LYS A 1 73  ? 14.127  -3.557  4.307   1.00 16.53 ? 62   LYS A CG  1 
ATOM   534 C  CD  . LYS A 1 73  ? 13.422  -3.799  5.665   1.00 18.28 ? 62   LYS A CD  1 
ATOM   535 C  CE  . LYS A 1 73  ? 14.288  -3.244  6.828   1.00 22.10 ? 62   LYS A CE  1 
ATOM   536 N  NZ  . LYS A 1 73  ? 13.440  -3.051  8.028   1.00 25.46 ? 62   LYS A NZ  1 
ATOM   537 N  N   . LEU A 1 74  ? 12.861  -4.605  -0.127  1.00 14.83 ? 63   LEU A N   1 
ATOM   538 C  CA  . LEU A 1 74  ? 12.255  -5.393  -1.185  1.00 15.07 ? 63   LEU A CA  1 
ATOM   539 C  C   . LEU A 1 74  ? 12.628  -4.748  -2.494  1.00 16.26 ? 63   LEU A C   1 
ATOM   540 O  O   . LEU A 1 74  ? 11.777  -4.215  -3.213  1.00 15.54 ? 63   LEU A O   1 
ATOM   541 C  CB  . LEU A 1 74  ? 10.730  -5.436  -1.012  1.00 15.22 ? 63   LEU A CB  1 
ATOM   542 C  CG  . LEU A 1 74  ? 10.219  -6.342  0.118   1.00 14.21 ? 63   LEU A CG  1 
ATOM   543 C  CD1 . LEU A 1 74  ? 10.156  -5.568  1.454   1.00 14.50 ? 63   LEU A CD1 1 
ATOM   544 C  CD2 . LEU A 1 74  ? 8.853   -6.969  -0.203  1.00 15.93 ? 63   LEU A CD2 1 
ATOM   545 N  N   . GLU A 1 75  ? 13.928  -4.751  -2.800  1.00 17.20 ? 64   GLU A N   1 
ATOM   546 C  CA  . GLU A 1 75  ? 14.411  -4.045  -3.969  1.00 17.82 ? 64   GLU A CA  1 
ATOM   547 C  C   . GLU A 1 75  ? 13.832  -4.526  -5.291  1.00 17.86 ? 64   GLU A C   1 
ATOM   548 O  O   . GLU A 1 75  ? 13.553  -3.697  -6.172  1.00 19.15 ? 64   GLU A O   1 
ATOM   549 C  CB  . GLU A 1 75  ? 15.925  -4.103  -4.059  1.00 18.34 ? 64   GLU A CB  1 
ATOM   550 C  CG  . GLU A 1 75  ? 16.618  -3.464  -2.938  1.00 20.98 ? 64   GLU A CG  1 
ATOM   551 C  CD  . GLU A 1 75  ? 18.098  -3.615  -3.059  0.50 22.40 ? 64   GLU A CD  1 
ATOM   552 O  OE1 . GLU A 1 75  ? 18.569  -4.773  -3.068  0.50 23.28 ? 64   GLU A OE1 1 
ATOM   553 O  OE2 . GLU A 1 75  ? 18.779  -2.566  -3.145  0.50 23.98 ? 64   GLU A OE2 1 
ATOM   554 N  N   . GLU A 1 76  ? 13.669  -5.851  -5.424  1.00 19.12 ? 65   GLU A N   1 
ATOM   555 C  CA  . GLU A 1 76  ? 13.164  -6.448  -6.658  1.00 18.22 ? 65   GLU A CA  1 
ATOM   556 C  C   . GLU A 1 76  ? 11.702  -6.038  -6.846  1.00 16.75 ? 65   GLU A C   1 
ATOM   557 O  O   . GLU A 1 76  ? 11.273  -5.779  -7.947  1.00 16.96 ? 65   GLU A O   1 
ATOM   558 C  CB  . GLU A 1 76  ? 13.279  -7.985  -6.673  1.00 20.00 ? 65   GLU A CB  1 
ATOM   559 C  CG  . GLU A 1 76  ? 14.687  -8.573  -6.477  1.00 23.05 ? 65   GLU A CG  1 
ATOM   560 C  CD  . GLU A 1 76  ? 14.705  -10.114 -6.507  1.00 28.81 ? 65   GLU A CD  1 
ATOM   561 O  OE1 . GLU A 1 76  ? 13.626  -10.758 -6.715  1.00 30.18 ? 65   GLU A OE1 1 
ATOM   562 O  OE2 . GLU A 1 76  ? 15.803  -10.685 -6.325  0.30 26.24 ? 65   GLU A OE2 1 
ATOM   563 N  N   . THR A 1 77  ? 10.954  -5.958  -5.742  1.00 15.47 ? 66   THR A N   1 
ATOM   564 C  CA  . THR A 1 77  ? 9.541   -5.607  -5.800  1.00 14.29 ? 66   THR A CA  1 
ATOM   565 C  C   . THR A 1 77  ? 9.399   -4.124  -6.187  1.00 13.92 ? 66   THR A C   1 
ATOM   566 O  O   . THR A 1 77  ? 8.548   -3.772  -6.981  1.00 14.02 ? 66   THR A O   1 
ATOM   567 C  CB  . THR A 1 77  ? 8.864   -5.900  -4.452  1.00 13.80 ? 66   THR A CB  1 
ATOM   568 O  OG1 . THR A 1 77  ? 9.147   -7.258  -4.073  1.00 14.38 ? 66   THR A OG1 1 
ATOM   569 C  CG2 . THR A 1 77  ? 7.337   -5.694  -4.507  1.00 13.47 ? 66   THR A CG2 1 
ATOM   570 N  N   . ALA A 1 78  ? 10.252  -3.269  -5.625  1.00 14.16 ? 67   ALA A N   1 
ATOM   571 C  CA  . ALA A 1 78  ? 10.239  -1.848  -5.997  1.00 13.99 ? 67   ALA A CA  1 
ATOM   572 C  C   . ALA A 1 78  ? 10.549  -1.682  -7.484  1.00 14.89 ? 67   ALA A C   1 
ATOM   573 O  O   . ALA A 1 78  ? 9.898   -0.894  -8.169  1.00 14.76 ? 67   ALA A O   1 
ATOM   574 C  CB  . ALA A 1 78  ? 11.200  -1.064  -5.146  1.00 13.88 ? 67   ALA A CB  1 
ATOM   575 N  N   . ARG A 1 79  ? 11.533  -2.447  -7.971  1.00 16.50 ? 68   ARG A N   1 
ATOM   576 C  CA  . ARG A 1 79  ? 11.945  -2.394  -9.379  1.00 18.08 ? 68   ARG A CA  1 
ATOM   577 C  C   . ARG A 1 79  ? 10.777  -2.850  -10.239 1.00 17.20 ? 68   ARG A C   1 
ATOM   578 O  O   . ARG A 1 79  ? 10.467  -2.219  -11.236 1.00 17.78 ? 68   ARG A O   1 
ATOM   579 C  CB  . ARG A 1 79  ? 13.162  -3.307  -9.589  1.00 18.43 ? 68   ARG A CB  1 
ATOM   580 C  CG  . ARG A 1 79  ? 13.835  -3.266  -10.965 1.00 23.20 ? 68   ARG A CG  1 
ATOM   581 C  CD  . ARG A 1 79  ? 15.313  -3.686  -10.862 1.00 26.26 ? 68   ARG A CD  1 
ATOM   582 N  NE  . ARG A 1 79  ? 15.524  -4.927  -10.111 0.20 24.28 ? 68   ARG A NE  1 
ATOM   583 C  CZ  . ARG A 1 79  ? 16.120  -5.003  -8.922  0.20 23.83 ? 68   ARG A CZ  1 
ATOM   584 N  NH1 . ARG A 1 79  ? 16.584  -3.913  -8.324  0.20 24.10 ? 68   ARG A NH1 1 
ATOM   585 N  NH2 . ARG A 1 79  ? 16.256  -6.178  -8.331  0.20 23.07 ? 68   ARG A NH2 1 
ATOM   586 N  N   . LYS A 1 80  ? 10.111  -3.926  -9.820  1.00 16.93 ? 69   LYS A N   1 
ATOM   587 C  CA  . LYS A 1 80  ? 9.010   -4.530  -10.568 1.00 18.10 ? 69   LYS A CA  1 
ATOM   588 C  C   . LYS A 1 80  ? 7.841   -3.552  -10.716 1.00 17.15 ? 69   LYS A C   1 
ATOM   589 O  O   . LYS A 1 80  ? 7.171   -3.482  -11.769 1.00 18.56 ? 69   LYS A O   1 
ATOM   590 C  CB  . LYS A 1 80  ? 8.563   -5.837  -9.883  1.00 19.48 ? 69   LYS A CB  1 
ATOM   591 C  CG  . LYS A 1 80  ? 7.255   -6.391  -10.389 1.00 22.64 ? 69   LYS A CG  1 
ATOM   592 C  CD  . LYS A 1 80  ? 7.051   -7.773  -9.810  1.00 26.23 ? 69   LYS A CD  1 
ATOM   593 C  CE  . LYS A 1 80  ? 5.645   -8.260  -10.037 1.00 28.76 ? 69   LYS A CE  1 
ATOM   594 N  NZ  . LYS A 1 80  ? 5.628   -9.755  -9.925  1.00 31.86 ? 69   LYS A NZ  1 
ATOM   595 N  N   . TYR A 1 81  ? 7.610   -2.764  -9.667  1.00 15.83 ? 70   TYR A N   1 
ATOM   596 C  CA  . TYR A 1 81  ? 6.541   -1.784  -9.697  1.00 14.68 ? 70   TYR A CA  1 
ATOM   597 C  C   . TYR A 1 81  ? 6.987   -0.393  -10.161 1.00 15.78 ? 70   TYR A C   1 
ATOM   598 O  O   . TYR A 1 81  ? 6.216   0.578   -10.086 1.00 15.80 ? 70   TYR A O   1 
ATOM   599 C  CB  . TYR A 1 81  ? 5.829   -1.766  -8.324  1.00 14.69 ? 70   TYR A CB  1 
ATOM   600 C  CG  . TYR A 1 81  ? 4.934   -2.971  -8.172  1.00 13.25 ? 70   TYR A CG  1 
ATOM   601 C  CD1 . TYR A 1 81  ? 5.423   -4.185  -7.689  1.00 12.88 ? 70   TYR A CD1 1 
ATOM   602 C  CD2 . TYR A 1 81  ? 3.594   -2.893  -8.550  1.00 13.92 ? 70   TYR A CD2 1 
ATOM   603 C  CE1 . TYR A 1 81  ? 4.584   -5.291  -7.592  1.00 12.83 ? 70   TYR A CE1 1 
ATOM   604 C  CE2 . TYR A 1 81  ? 2.763   -3.980  -8.466  1.00 16.30 ? 70   TYR A CE2 1 
ATOM   605 C  CZ  . TYR A 1 81  ? 3.282   -5.184  -7.973  1.00 13.18 ? 70   TYR A CZ  1 
ATOM   606 O  OH  . TYR A 1 81  ? 2.419   -6.248  -7.899  1.00 15.72 ? 70   TYR A OH  1 
ATOM   607 N  N   . ASN A 1 82  ? 8.228   -0.310  -10.648 1.00 16.46 ? 71   ASN A N   1 
ATOM   608 C  CA  . ASN A 1 82  ? 8.783   0.935   -11.222 1.00 16.53 ? 71   ASN A CA  1 
ATOM   609 C  C   . ASN A 1 82  ? 8.739   2.131   -10.250 1.00 16.93 ? 71   ASN A C   1 
ATOM   610 O  O   . ASN A 1 82  ? 8.442   3.277   -10.642 1.00 18.66 ? 71   ASN A O   1 
ATOM   611 C  CB  . ASN A 1 82  ? 8.075   1.286   -12.531 1.00 16.74 ? 71   ASN A CB  1 
ATOM   612 C  CG  . ASN A 1 82  ? 8.920   2.159   -13.439 0.50 17.41 ? 71   ASN A CG  1 
ATOM   613 O  OD1 . ASN A 1 82  ? 10.143  2.023   -13.500 0.20 16.59 ? 71   ASN A OD1 1 
ATOM   614 N  ND2 . ASN A 1 82  ? 8.266   3.059   -14.152 0.20 16.65 ? 71   ASN A ND2 1 
ATOM   615 N  N   . ILE A 1 83  ? 9.040   1.855   -8.982  1.00 16.02 ? 72   ILE A N   1 
ATOM   616 C  CA  . ILE A 1 83  ? 9.037   2.911   -7.984  1.00 15.54 ? 72   ILE A CA  1 
ATOM   617 C  C   . ILE A 1 83  ? 10.188  3.879   -8.205  1.00 16.53 ? 72   ILE A C   1 
ATOM   618 O  O   . ILE A 1 83  ? 11.355  3.468   -8.233  1.00 17.38 ? 72   ILE A O   1 
ATOM   619 C  CB  . ILE A 1 83  ? 9.053   2.352   -6.541  1.00 14.39 ? 72   ILE A CB  1 
ATOM   620 C  CG1 . ILE A 1 83  ? 7.946   1.304   -6.345  1.00 11.54 ? 72   ILE A CG1 1 
ATOM   621 C  CG2 . ILE A 1 83  ? 8.898   3.522   -5.526  1.00 16.33 ? 72   ILE A CG2 1 
ATOM   622 C  CD1 . ILE A 1 83  ? 6.497   1.860   -6.555  1.00 12.46 ? 72   ILE A CD1 1 
ATOM   623 N  N   . SER A 1 84  ? 9.877   5.154   -8.377  1.00 17.24 ? 73   SER A N   1 
ATOM   624 C  CA  . SER A 1 84  ? 10.955  6.130   -8.515  1.00 18.74 ? 73   SER A CA  1 
ATOM   625 C  C   . SER A 1 84  ? 10.885  7.328   -7.581  1.00 17.57 ? 73   SER A C   1 
ATOM   626 O  O   . SER A 1 84  ? 11.766  8.192   -7.639  1.00 18.58 ? 73   SER A O   1 
ATOM   627 C  CB  . SER A 1 84  ? 11.064  6.614   -9.945  1.00 18.71 ? 73   SER A CB  1 
ATOM   628 O  OG  . SER A 1 84  ? 9.889   7.288   -10.310 1.00 22.78 ? 73   SER A OG  1 
ATOM   629 N  N   . ALA A 1 85  ? 9.857   7.374   -6.727  1.00 16.11 ? 74   ALA A N   1 
ATOM   630 C  CA  . ALA A 1 85  ? 9.717   8.411   -5.711  1.00 14.74 ? 74   ALA A CA  1 
ATOM   631 C  C   . ALA A 1 85  ? 8.903   7.815   -4.600  1.00 13.69 ? 74   ALA A C   1 
ATOM   632 O  O   . ALA A 1 85  ? 8.227   6.802   -4.803  1.00 14.27 ? 74   ALA A O   1 
ATOM   633 C  CB  . ALA A 1 85  ? 9.038   9.708   -6.259  1.00 15.49 ? 74   ALA A CB  1 
ATOM   634 N  N   A MET A 1 86  ? 9.022   8.393   -3.395  0.50 12.45 ? 75   MET A N   1 
ATOM   635 N  N   B MET A 1 86  ? 8.955   8.448   -3.441  0.50 13.04 ? 75   MET A N   1 
ATOM   636 C  CA  A MET A 1 86  ? 8.453   7.812   -2.159  0.50 11.51 ? 75   MET A CA  1 
ATOM   637 C  CA  B MET A 1 86  ? 8.253   7.905   -2.312  0.50 12.85 ? 75   MET A CA  1 
ATOM   638 C  C   A MET A 1 86  ? 7.812   8.928   -1.315  0.50 11.49 ? 75   MET A C   1 
ATOM   639 C  C   B MET A 1 86  ? 7.665   9.017   -1.499  0.50 12.00 ? 75   MET A C   1 
ATOM   640 O  O   A MET A 1 86  ? 8.409   9.977   -1.142  0.50 11.85 ? 75   MET A O   1 
ATOM   641 O  O   B MET A 1 86  ? 8.105   10.155  -1.576  0.50 11.46 ? 75   MET A O   1 
ATOM   642 C  CB  A MET A 1 86  ? 9.537   7.126   -1.319  0.50 11.45 ? 75   MET A CB  1 
ATOM   643 C  CB  B MET A 1 86  ? 9.178   7.069   -1.456  0.50 13.51 ? 75   MET A CB  1 
ATOM   644 C  CG  A MET A 1 86  ? 10.024  5.762   -1.857  0.50 9.91  ? 75   MET A CG  1 
ATOM   645 C  CG  B MET A 1 86  ? 9.448   5.731   -2.091  0.50 16.66 ? 75   MET A CG  1 
ATOM   646 S  SD  A MET A 1 86  ? 11.167  5.844   -3.242  0.50 9.79  ? 75   MET A SD  1 
ATOM   647 S  SD  B MET A 1 86  ? 10.944  5.053   -1.460  0.50 26.22 ? 75   MET A SD  1 
ATOM   648 C  CE  A MET A 1 86  ? 12.581  6.623   -2.467  0.50 14.66 ? 75   MET A CE  1 
ATOM   649 C  CE  B MET A 1 86  ? 12.151  5.941   -2.431  0.50 22.78 ? 75   MET A CE  1 
ATOM   650 N  N   . PRO A 1 87  ? 6.606   8.693   -0.769  1.00 11.19 ? 76   PRO A N   1 
ATOM   651 C  CA  . PRO A 1 87  ? 5.883   7.422   -0.852  1.00 10.72 ? 76   PRO A CA  1 
ATOM   652 C  C   . PRO A 1 87  ? 5.157   7.298   -2.188  1.00 11.08 ? 76   PRO A C   1 
ATOM   653 O  O   . PRO A 1 87  ? 4.699   8.315   -2.747  1.00 10.53 ? 76   PRO A O   1 
ATOM   654 C  CB  . PRO A 1 87  ? 4.879   7.527   0.310   1.00 9.76  ? 76   PRO A CB  1 
ATOM   655 C  CG  . PRO A 1 87  ? 4.594   9.023   0.375   1.00 10.62 ? 76   PRO A CG  1 
ATOM   656 C  CD  . PRO A 1 87  ? 5.938   9.658   0.118   1.00 11.05 ? 76   PRO A CD  1 
ATOM   657 N  N   . THR A 1 88  ? 5.061   6.074   -2.717  1.00 9.90  ? 77   THR A N   1 
ATOM   658 C  CA  . THR A 1 88  ? 4.180   5.772   -3.834  1.00 10.64 ? 77   THR A CA  1 
ATOM   659 C  C   . THR A 1 88  ? 3.190   4.720   -3.366  1.00 9.80  ? 77   THR A C   1 
ATOM   660 O  O   . THR A 1 88  ? 3.596   3.684   -2.801  1.00 10.47 ? 77   THR A O   1 
ATOM   661 C  CB  . THR A 1 88  ? 4.931   5.257   -5.104  1.00 11.01 ? 77   THR A CB  1 
ATOM   662 O  OG1 . THR A 1 88  ? 5.706   6.332   -5.670  1.00 12.19 ? 77   THR A OG1 1 
ATOM   663 C  CG2 . THR A 1 88  ? 3.980   4.703   -6.170  1.00 12.55 ? 77   THR A CG2 1 
ATOM   664 N  N   . PHE A 1 89  ? 1.915   4.986   -3.561  1.00 9.49  ? 78   PHE A N   1 
ATOM   665 C  CA  . PHE A 1 89  ? 0.843   4.063   -3.176  1.00 9.40  ? 78   PHE A CA  1 
ATOM   666 C  C   . PHE A 1 89  ? 0.278   3.401   -4.399  1.00 10.30 ? 78   PHE A C   1 
ATOM   667 O  O   . PHE A 1 89  ? -0.146  4.066   -5.323  1.00 10.54 ? 78   PHE A O   1 
ATOM   668 C  CB  . PHE A 1 89  ? -0.279  4.769   -2.419  1.00 9.10  ? 78   PHE A CB  1 
ATOM   669 C  CG  . PHE A 1 89  ? 0.193   5.508   -1.203  1.00 8.31  ? 78   PHE A CG  1 
ATOM   670 C  CD1 . PHE A 1 89  ? 0.729   6.819   -1.291  1.00 8.06  ? 78   PHE A CD1 1 
ATOM   671 C  CD2 . PHE A 1 89  ? 0.107   4.921   0.041   1.00 7.52  ? 78   PHE A CD2 1 
ATOM   672 C  CE1 . PHE A 1 89  ? 1.181   7.476   -0.141  1.00 8.07  ? 78   PHE A CE1 1 
ATOM   673 C  CE2 . PHE A 1 89  ? 0.566   5.575   1.166   1.00 9.02  ? 78   PHE A CE2 1 
ATOM   674 C  CZ  . PHE A 1 89  ? 1.093   6.849   1.080   1.00 9.38  ? 78   PHE A CZ  1 
ATOM   675 N  N   . ILE A 1 90  ? 0.289   2.072   -4.419  1.00 10.67 ? 79   ILE A N   1 
ATOM   676 C  CA  . ILE A 1 90  ? -0.227  1.283   -5.557  1.00 10.93 ? 79   ILE A CA  1 
ATOM   677 C  C   . ILE A 1 90  ? -1.458  0.471   -5.135  1.00 11.22 ? 79   ILE A C   1 
ATOM   678 O  O   . ILE A 1 90  ? -1.389  -0.283  -4.150  1.00 11.99 ? 79   ILE A O   1 
ATOM   679 C  CB  . ILE A 1 90  ? 0.881   0.353   -6.172  1.00 12.28 ? 79   ILE A CB  1 
ATOM   680 C  CG1 . ILE A 1 90  ? 2.088   1.213   -6.599  1.00 14.65 ? 79   ILE A CG1 1 
ATOM   681 C  CG2 . ILE A 1 90  ? 0.289   -0.522  -7.332  1.00 13.87 ? 79   ILE A CG2 1 
ATOM   682 C  CD1 . ILE A 1 90  ? 3.144   0.535   -7.460  1.00 20.93 ? 79   ILE A CD1 1 
ATOM   683 N  N   . ALA A 1 91  ? -2.556  0.595   -5.890  1.00 11.63 ? 80   ALA A N   1 
ATOM   684 C  CA  . ALA A 1 91  ? -3.745  -0.226  -5.710  1.00 11.28 ? 80   ALA A CA  1 
ATOM   685 C  C   . ALA A 1 91  ? -3.694  -1.397  -6.678  1.00 12.04 ? 80   ALA A C   1 
ATOM   686 O  O   . ALA A 1 91  ? -3.443  -1.228  -7.888  1.00 12.96 ? 80   ALA A O   1 
ATOM   687 C  CB  . ALA A 1 91  ? -5.028  0.601   -5.928  1.00 12.39 ? 80   ALA A CB  1 
ATOM   688 N  N   . ILE A 1 92  ? -3.873  -2.592  -6.120  1.00 13.15 ? 81   ILE A N   1 
ATOM   689 C  CA  . ILE A 1 92  ? -3.769  -3.835  -6.862  1.00 13.67 ? 81   ILE A CA  1 
ATOM   690 C  C   . ILE A 1 92  ? -5.083  -4.582  -6.663  1.00 15.01 ? 81   ILE A C   1 
ATOM   691 O  O   . ILE A 1 92  ? -5.490  -4.855  -5.516  1.00 15.74 ? 81   ILE A O   1 
ATOM   692 C  CB  . ILE A 1 92  ? -2.589  -4.688  -6.347  1.00 13.45 ? 81   ILE A CB  1 
ATOM   693 C  CG1 . ILE A 1 92  ? -1.282  -3.913  -6.492  1.00 12.11 ? 81   ILE A CG1 1 
ATOM   694 C  CG2 . ILE A 1 92  ? -2.492  -6.001  -7.125  1.00 14.79 ? 81   ILE A CG2 1 
ATOM   695 C  CD1 . ILE A 1 92  ? -0.113  -4.529  -5.801  1.00 12.21 ? 81   ILE A CD1 1 
ATOM   696 N  N   . LYS A 1 93  ? -5.772  -4.901  -7.759  1.00 16.08 ? 82   LYS A N   1 
ATOM   697 C  CA  . LYS A 1 93  ? -7.053  -5.586  -7.692  1.00 17.43 ? 82   LYS A CA  1 
ATOM   698 C  C   . LYS A 1 93  ? -6.939  -6.813  -8.579  1.00 17.95 ? 82   LYS A C   1 
ATOM   699 O  O   . LYS A 1 93  ? -6.462  -6.724  -9.707  1.00 17.90 ? 82   LYS A O   1 
ATOM   700 C  CB  . LYS A 1 93  ? -8.193  -4.668  -8.146  1.00 18.23 ? 82   LYS A CB  1 
ATOM   701 C  CG  . LYS A 1 93  ? -9.590  -5.191  -7.852  1.00 21.69 ? 82   LYS A CG  1 
ATOM   702 C  CD  . LYS A 1 93  ? -10.609 -4.185  -8.278  1.00 21.56 ? 82   LYS A CD  1 
ATOM   703 C  CE  . LYS A 1 93  ? -12.016 -4.707  -8.092  0.10 21.37 ? 82   LYS A CE  1 
ATOM   704 N  NZ  . LYS A 1 93  ? -12.996 -3.662  -8.468  0.50 21.82 ? 82   LYS A NZ  1 
ATOM   705 N  N   . ASN A 1 94  ? -7.336  -7.963  -8.033  1.00 19.44 ? 83   ASN A N   1 
ATOM   706 C  CA  . ASN A 1 94  ? -7.203  -9.238  -8.742  1.00 21.61 ? 83   ASN A CA  1 
ATOM   707 C  C   . ASN A 1 94  ? -5.768  -9.475  -9.251  1.00 21.63 ? 83   ASN A C   1 
ATOM   708 O  O   . ASN A 1 94  ? -5.558  -10.007 -10.345 1.00 23.15 ? 83   ASN A O   1 
ATOM   709 C  CB  . ASN A 1 94  ? -8.238  -9.333  -9.874  1.00 22.63 ? 83   ASN A CB  1 
ATOM   710 C  CG  . ASN A 1 94  ? -9.677  -9.450  -9.355  1.00 24.99 ? 83   ASN A CG  1 
ATOM   711 O  OD1 . ASN A 1 94  ? -10.560 -8.679  -9.754  1.00 28.84 ? 83   ASN A OD1 1 
ATOM   712 N  ND2 . ASN A 1 94  ? -9.914  -10.410 -8.458  1.00 29.01 ? 83   ASN A ND2 1 
ATOM   713 N  N   . GLY A 1 95  ? -4.783  -9.069  -8.444  1.00 21.49 ? 84   GLY A N   1 
ATOM   714 C  CA  . GLY A 1 95  ? -3.378  -9.240  -8.772  1.00 20.47 ? 84   GLY A CA  1 
ATOM   715 C  C   . GLY A 1 95  ? -2.785  -8.224  -9.740  1.00 19.51 ? 84   GLY A C   1 
ATOM   716 O  O   . GLY A 1 95  ? -1.572  -8.228  -9.969  1.00 19.24 ? 84   GLY A O   1 
ATOM   717 N  N   . GLU A 1 96  ? -3.614  -7.328  -10.277 1.00 18.60 ? 85   GLU A N   1 
ATOM   718 C  CA  . GLU A 1 96  ? -3.108  -6.361  -11.254 1.00 17.81 ? 85   GLU A CA  1 
ATOM   719 C  C   . GLU A 1 96  ? -3.171  -4.924  -10.773 1.00 16.27 ? 85   GLU A C   1 
ATOM   720 O  O   . GLU A 1 96  ? -4.176  -4.505  -10.192 1.00 16.93 ? 85   GLU A O   1 
ATOM   721 C  CB  . GLU A 1 96  ? -3.842  -6.483  -12.595 1.00 18.09 ? 85   GLU A CB  1 
ATOM   722 C  CG  . GLU A 1 96  ? -3.661  -7.844  -13.298 1.00 21.28 ? 85   GLU A CG  1 
ATOM   723 C  CD  . GLU A 1 96  ? -2.336  -7.974  -14.034 0.10 20.69 ? 85   GLU A CD  1 
ATOM   724 O  OE1 . GLU A 1 96  ? -1.482  -7.065  -13.933 0.50 22.49 ? 85   GLU A OE1 1 
ATOM   725 O  OE2 . GLU A 1 96  ? -2.152  -8.998  -14.722 0.10 21.38 ? 85   GLU A OE2 1 
ATOM   726 N  N   . LYS A 1 97  ? -2.130  -4.155  -11.093 1.00 15.92 ? 86   LYS A N   1 
ATOM   727 C  CA  . LYS A 1 97  ? -2.159  -2.705  -10.814 1.00 14.51 ? 86   LYS A CA  1 
ATOM   728 C  C   . LYS A 1 97  ? -3.304  -1.975  -11.494 1.00 14.88 ? 86   LYS A C   1 
ATOM   729 O  O   . LYS A 1 97  ? -3.473  -2.036  -12.734 1.00 16.01 ? 86   LYS A O   1 
ATOM   730 C  CB  . LYS A 1 97  ? -0.815  -2.038  -11.125 1.00 15.60 ? 86   LYS A CB  1 
ATOM   731 C  CG  . LYS A 1 97  ? -0.794  -0.556  -10.862 1.00 17.22 ? 86   LYS A CG  1 
ATOM   732 C  CD  . LYS A 1 97  ? 0.482   -0.011  -11.383 1.00 16.09 ? 86   LYS A CD  1 
ATOM   733 C  CE  . LYS A 1 97  ? 0.549   1.451   -11.093 1.00 19.82 ? 86   LYS A CE  1 
ATOM   734 N  NZ  . LYS A 1 97  ? 1.896   2.040   -11.304 1.00 20.44 ? 86   LYS A NZ  1 
ATOM   735 N  N   . VAL A 1 98  ? -4.096  -1.285  -10.687 1.00 14.03 ? 87   VAL A N   1 
ATOM   736 C  CA  . VAL A 1 98  ? -5.227  -0.499  -11.201 1.00 13.78 ? 87   VAL A CA  1 
ATOM   737 C  C   . VAL A 1 98  ? -5.084  1.018   -10.982 1.00 13.21 ? 87   VAL A C   1 
ATOM   738 O  O   . VAL A 1 98  ? -5.821  1.809   -11.577 1.00 13.85 ? 87   VAL A O   1 
ATOM   739 C  CB  . VAL A 1 98  ? -6.587  -1.006  -10.657 1.00 15.01 ? 87   VAL A CB  1 
ATOM   740 C  CG1 . VAL A 1 98  ? -6.910  -2.407  -11.201 1.00 15.37 ? 87   VAL A CG1 1 
ATOM   741 C  CG2 . VAL A 1 98  ? -6.604  -1.025  -9.115  1.00 15.53 ? 87   VAL A CG2 1 
ATOM   742 N  N   . GLY A 1 99  ? -4.167  1.420   -10.100 1.00 11.98 ? 88   GLY A N   1 
ATOM   743 C  CA  . GLY A 1 99  ? -3.867  2.835   -9.977  1.00 12.84 ? 88   GLY A CA  1 
ATOM   744 C  C   . GLY A 1 99  ? -2.651  3.071   -9.110  1.00 11.50 ? 88   GLY A C   1 
ATOM   745 O  O   . GLY A 1 99  ? -2.164  2.148   -8.448  1.00 12.19 ? 88   GLY A O   1 
ATOM   746 N  N   . ASP A 1 100 ? -2.166  4.307   -9.128  1.00 13.28 ? 89   ASP A N   1 
ATOM   747 C  CA  . ASP A 1 100 ? -1.139  4.718   -8.193  1.00 14.16 ? 89   ASP A CA  1 
ATOM   748 C  C   . ASP A 1 100 ? -1.289  6.171   -7.799  1.00 13.79 ? 89   ASP A C   1 
ATOM   749 O  O   . ASP A 1 100 ? -1.931  6.976   -8.530  1.00 15.66 ? 89   ASP A O   1 
ATOM   750 C  CB  . ASP A 1 100 ? 0.275   4.425   -8.740  1.00 14.56 ? 89   ASP A CB  1 
ATOM   751 C  CG  . ASP A 1 100 ? 0.609   5.213   -10.001 1.00 19.23 ? 89   ASP A CG  1 
ATOM   752 O  OD1 . ASP A 1 100 ? 0.998   6.385   -9.906  1.00 25.74 ? 89   ASP A OD1 1 
ATOM   753 O  OD2 . ASP A 1 100 ? 0.546   4.629   -11.104 1.00 26.36 ? 89   ASP A OD2 1 
ATOM   754 N  N   . VAL A 1 101 ? -0.728  6.504   -6.644  1.00 13.06 ? 90   VAL A N   1 
ATOM   755 C  CA  . VAL A 1 101 ? -0.618  7.885   -6.162  1.00 12.39 ? 90   VAL A CA  1 
ATOM   756 C  C   . VAL A 1 101 ? 0.846   8.093   -5.799  1.00 12.25 ? 90   VAL A C   1 
ATOM   757 O  O   . VAL A 1 101 ? 1.403   7.392   -4.959  1.00 11.34 ? 90   VAL A O   1 
ATOM   758 C  CB  . VAL A 1 101 ? -1.544  8.172   -4.938  1.00 11.31 ? 90   VAL A CB  1 
ATOM   759 C  CG1 . VAL A 1 101 ? -1.250  9.538   -4.372  1.00 12.19 ? 90   VAL A CG1 1 
ATOM   760 C  CG2 . VAL A 1 101 ? -3.002  8.018   -5.329  1.00 12.58 ? 90   VAL A CG2 1 
ATOM   761 N  N   . VAL A 1 102 ? 1.477   9.093   -6.417  1.00 12.20 ? 91   VAL A N   1 
ATOM   762 C  CA  . VAL A 1 102 ? 2.895   9.336   -6.206  1.00 13.62 ? 91   VAL A CA  1 
ATOM   763 C  C   . VAL A 1 102 ? 2.995   10.570  -5.334  1.00 14.45 ? 91   VAL A C   1 
ATOM   764 O  O   . VAL A 1 102 ? 2.545   11.657  -5.742  1.00 16.13 ? 91   VAL A O   1 
ATOM   765 C  CB  . VAL A 1 102 ? 3.643   9.528   -7.515  1.00 13.28 ? 91   VAL A CB  1 
ATOM   766 C  CG1 . VAL A 1 102 ? 5.089   9.961   -7.230  1.00 14.33 ? 91   VAL A CG1 1 
ATOM   767 C  CG2 . VAL A 1 102 ? 3.551   8.235   -8.401  1.00 14.21 ? 91   VAL A CG2 1 
ATOM   768 N  N   . GLY A 1 103 ? 3.501   10.397  -4.117  1.00 13.42 ? 92   GLY A N   1 
ATOM   769 C  CA  . GLY A 1 103 ? 3.541   11.499  -3.174  1.00 13.31 ? 92   GLY A CA  1 
ATOM   770 C  C   . GLY A 1 103 ? 2.592   11.334  -2.009  1.00 13.20 ? 92   GLY A C   1 
ATOM   771 O  O   . GLY A 1 103 ? 1.648   10.517  -2.032  1.00 13.22 ? 92   GLY A O   1 
ATOM   772 N  N   . ALA A 1 104 ? 2.849   12.139  -0.977  1.00 13.29 ? 93   ALA A N   1 
ATOM   773 C  CA  . ALA A 1 104 ? 2.168   12.000  0.283   1.00 14.00 ? 93   ALA A CA  1 
ATOM   774 C  C   . ALA A 1 104 ? 0.840   12.746  0.301   1.00 14.02 ? 93   ALA A C   1 
ATOM   775 O  O   . ALA A 1 104 ? 0.708   13.790  0.959   1.00 16.17 ? 93   ALA A O   1 
ATOM   776 C  CB  . ALA A 1 104 ? 3.066   12.468  1.367   1.00 14.55 ? 93   ALA A CB  1 
ATOM   777 N  N   . SER A 1 105 ? -0.126  12.193  -0.433  1.00 13.42 ? 94   SER A N   1 
ATOM   778 C  CA  . SER A 1 105 ? -1.475  12.758  -0.490  1.00 14.40 ? 94   SER A CA  1 
ATOM   779 C  C   . SER A 1 105 ? -2.478  11.726  -0.028  1.00 13.05 ? 94   SER A C   1 
ATOM   780 O  O   . SER A 1 105 ? -2.970  10.944  -0.845  1.00 14.24 ? 94   SER A O   1 
ATOM   781 C  CB  . SER A 1 105 ? -1.830  13.161  -1.911  1.00 15.94 ? 94   SER A CB  1 
ATOM   782 O  OG  . SER A 1 105 ? -3.218  13.558  -1.958  1.00 18.56 ? 94   SER A OG  1 
ATOM   783 N  N   . ILE A 1 106 ? -2.822  11.775  1.273   1.00 13.31 ? 95   ILE A N   1 
ATOM   784 C  CA  . ILE A 1 106 ? -3.783  10.827  1.855   1.00 13.75 ? 95   ILE A CA  1 
ATOM   785 C  C   . ILE A 1 106 ? -5.169  10.958  1.210   1.00 13.54 ? 95   ILE A C   1 
ATOM   786 O  O   . ILE A 1 106 ? -5.865  9.963   1.072   1.00 13.71 ? 95   ILE A O   1 
ATOM   787 C  CB  . ILE A 1 106 ? -3.835  10.869  3.412   1.00 13.87 ? 95   ILE A CB  1 
ATOM   788 C  CG1 . ILE A 1 106 ? -4.406  9.573   3.985   1.00 15.11 ? 95   ILE A CG1 1 
ATOM   789 C  CG2 . ILE A 1 106 ? -4.583  12.111  3.923   1.00 17.28 ? 95   ILE A CG2 1 
ATOM   790 C  CD1 . ILE A 1 106 ? -3.525  8.310   3.796   1.00 14.07 ? 95   ILE A CD1 1 
ATOM   791 N  N   . ALA A 1 107 ? -5.544  12.174  0.770   1.00 14.60 ? 96   ALA A N   1 
ATOM   792 C  CA  . ALA A 1 107 ? -6.817  12.373  0.081   1.00 14.77 ? 96   ALA A CA  1 
ATOM   793 C  C   . ALA A 1 107 ? -6.851  11.627  -1.237  1.00 13.32 ? 96   ALA A C   1 
ATOM   794 O  O   . ALA A 1 107 ? -7.836  10.947  -1.527  1.00 13.08 ? 96   ALA A O   1 
ATOM   795 C  CB  . ALA A 1 107 ? -7.129  13.844  -0.135  1.00 15.75 ? 96   ALA A CB  1 
ATOM   796 N  N   . LYS A 1 108 ? -5.779  11.758  -2.039  1.00 13.31 ? 97   LYS A N   1 
ATOM   797 C  CA  . LYS A 1 108 ? -5.741  11.010  -3.294  1.00 14.16 ? 97   LYS A CA  1 
ATOM   798 C  C   . LYS A 1 108 ? -5.695  9.498   -3.105  1.00 11.79 ? 97   LYS A C   1 
ATOM   799 O  O   . LYS A 1 108 ? -6.331  8.767   -3.833  1.00 12.56 ? 97   LYS A O   1 
ATOM   800 C  CB  . LYS A 1 108 ? -4.638  11.484  -4.245  1.00 14.88 ? 97   LYS A CB  1 
ATOM   801 C  CG  . LYS A 1 108 ? -4.958  12.882  -4.834  1.00 16.65 ? 97   LYS A CG  1 
ATOM   802 C  CD  . LYS A 1 108 ? -3.816  13.409  -5.670  1.00 19.23 ? 97   LYS A CD  1 
ATOM   803 C  CE  . LYS A 1 108 ? -4.238  14.698  -6.370  1.00 22.81 ? 97   LYS A CE  1 
ATOM   804 N  NZ  . LYS A 1 108 ? -3.138  15.276  -7.175  1.00 27.26 ? 97   LYS A NZ  1 
ATOM   805 N  N   . VAL A 1 109 ? -5.010  9.042   -2.053  1.00 12.42 ? 98   VAL A N   1 
ATOM   806 C  CA  . VAL A 1 109 ? -4.990  7.611   -1.741  1.00 12.59 ? 98   VAL A CA  1 
ATOM   807 C  C   . VAL A 1 109 ? -6.392  7.134   -1.445  1.00 12.32 ? 98   VAL A C   1 
ATOM   808 O  O   . VAL A 1 109 ? -6.821  6.117   -1.974  1.00 13.25 ? 98   VAL A O   1 
ATOM   809 C  CB  . VAL A 1 109 ? -4.022  7.285   -0.555  1.00 11.66 ? 98   VAL A CB  1 
ATOM   810 C  CG1 . VAL A 1 109 ? -4.056  5.774   -0.183  1.00 11.91 ? 98   VAL A CG1 1 
ATOM   811 C  CG2 . VAL A 1 109 ? -2.632  7.656   -0.937  1.00 12.75 ? 98   VAL A CG2 1 
ATOM   812 N  N   . GLU A 1 110 ? -7.112  7.881   -0.583  1.00 12.03 ? 99   GLU A N   1 
ATOM   813 C  CA  . GLU A 1 110 ? -8.475  7.496   -0.256  1.00 13.21 ? 99   GLU A CA  1 
ATOM   814 C  C   . GLU A 1 110 ? -9.389  7.529   -1.475  1.00 13.88 ? 99   GLU A C   1 
ATOM   815 O  O   . GLU A 1 110 ? -10.181 6.602   -1.665  1.00 14.83 ? 99   GLU A O   1 
ATOM   816 C  CB  . GLU A 1 110 ? -9.027  8.338   0.894   1.00 13.58 ? 99   GLU A CB  1 
ATOM   817 C  CG  . GLU A 1 110 ? -10.431 7.886   1.313   1.00 15.06 ? 99   GLU A CG  1 
ATOM   818 C  CD  . GLU A 1 110 ? -10.913 8.512   2.600   1.00 18.02 ? 99   GLU A CD  1 
ATOM   819 O  OE1 . GLU A 1 110 ? -10.356 9.542   3.034   1.00 19.79 ? 99   GLU A OE1 1 
ATOM   820 O  OE2 . GLU A 1 110 ? -11.895 7.958   3.161   1.00 19.15 ? 99   GLU A OE2 1 
ATOM   821 N  N   . ASP A 1 111 ? -9.262  8.575   -2.301  1.00 14.43 ? 100  ASP A N   1 
ATOM   822 C  CA  . ASP A 1 111 ? -10.016 8.616   -3.563  1.00 16.15 ? 100  ASP A CA  1 
ATOM   823 C  C   . ASP A 1 111 ? -9.778  7.364   -4.410  1.00 15.36 ? 100  ASP A C   1 
ATOM   824 O  O   . ASP A 1 111 ? -10.689 6.819   -5.019  1.00 16.17 ? 100  ASP A O   1 
ATOM   825 C  CB  . ASP A 1 111 ? -9.640  9.847   -4.411  1.00 15.80 ? 100  ASP A CB  1 
ATOM   826 C  CG  . ASP A 1 111 ? -10.149 11.154  -3.841  1.00 20.56 ? 100  ASP A CG  1 
ATOM   827 O  OD1 . ASP A 1 111 ? -11.092 11.146  -3.019  1.00 21.66 ? 100  ASP A OD1 1 
ATOM   828 O  OD2 . ASP A 1 111 ? -9.595  12.204  -4.249  1.00 29.87 ? 100  ASP A OD2 1 
ATOM   829 N  N   . MET A 1 112 ? -8.520  6.927   -4.495  1.00 15.75 ? 101  MET A N   1 
ATOM   830 C  CA  . MET A 1 112 ? -8.153  5.753   -5.257  1.00 15.32 ? 101  MET A CA  1 
ATOM   831 C  C   . MET A 1 112 ? -8.807  4.498   -4.688  1.00 15.61 ? 101  MET A C   1 
ATOM   832 O  O   . MET A 1 112 ? -9.331  3.665   -5.417  1.00 16.35 ? 101  MET A O   1 
ATOM   833 C  CB  . MET A 1 112 ? -6.628  5.632   -5.293  1.00 14.45 ? 101  MET A CB  1 
ATOM   834 C  CG  . MET A 1 112 ? -6.156  4.414   -6.046  1.00 14.13 ? 101  MET A CG  1 
ATOM   835 S  SD  . MET A 1 112 ? -4.357  4.322   -6.244  1.00 14.80 ? 101  MET A SD  1 
ATOM   836 C  CE  . MET A 1 112 ? -3.767  4.144   -4.556  1.00 15.88 ? 101  MET A CE  1 
ATOM   837 N  N   . ILE A 1 113 ? -8.793  4.369   -3.366  1.00 15.35 ? 102  ILE A N   1 
ATOM   838 C  CA  . ILE A 1 113 ? -9.431  3.228   -2.731  1.00 16.15 ? 102  ILE A CA  1 
ATOM   839 C  C   . ILE A 1 113 ? -10.938 3.230   -3.014  1.00 17.42 ? 102  ILE A C   1 
ATOM   840 O  O   . ILE A 1 113 ? -11.474 2.193   -3.386  1.00 18.41 ? 102  ILE A O   1 
ATOM   841 C  CB  . ILE A 1 113 ? -9.170  3.237   -1.191  1.00 15.32 ? 102  ILE A CB  1 
ATOM   842 C  CG1 . ILE A 1 113 ? -7.675  3.104   -0.880  1.00 15.19 ? 102  ILE A CG1 1 
ATOM   843 C  CG2 . ILE A 1 113 ? -10.025 2.157   -0.493  1.00 16.72 ? 102  ILE A CG2 1 
ATOM   844 C  CD1 . ILE A 1 113 ? -7.336  3.386   0.582   1.00 14.49 ? 102  ILE A CD1 1 
ATOM   845 N  N   . LYS A 1 114 ? -11.591 4.389   -2.848  1.00 19.16 ? 103  LYS A N   1 
ATOM   846 C  CA  A LYS A 1 114 ? -13.035 4.531   -3.094  0.50 20.14 ? 103  LYS A CA  1 
ATOM   847 C  CA  B LYS A 1 114 ? -13.033 4.490   -3.084  0.50 20.21 ? 103  LYS A CA  1 
ATOM   848 C  C   . LYS A 1 114 ? -13.399 4.021   -4.485  1.00 20.79 ? 103  LYS A C   1 
ATOM   849 O  O   . LYS A 1 114 ? -14.422 3.349   -4.672  1.00 21.91 ? 103  LYS A O   1 
ATOM   850 C  CB  A LYS A 1 114 ? -13.481 5.994   -2.945  0.50 20.11 ? 103  LYS A CB  1 
ATOM   851 C  CB  B LYS A 1 114 ? -13.534 5.914   -2.847  0.50 20.33 ? 103  LYS A CB  1 
ATOM   852 C  CG  A LYS A 1 114 ? -13.562 6.508   -1.491  0.50 20.65 ? 103  LYS A CG  1 
ATOM   853 C  CG  B LYS A 1 114 ? -13.534 6.322   -1.368  0.50 20.85 ? 103  LYS A CG  1 
ATOM   854 C  CD  A LYS A 1 114 ? -13.997 7.981   -1.430  0.50 21.28 ? 103  LYS A CD  1 
ATOM   855 C  CD  B LYS A 1 114 ? -14.267 7.638   -1.150  0.50 22.96 ? 103  LYS A CD  1 
ATOM   856 C  CE  A LYS A 1 114 ? -14.368 8.396   0.002   0.50 22.15 ? 103  LYS A CE  1 
ATOM   857 C  CE  B LYS A 1 114 ? -13.477 8.831   -1.647  0.50 23.14 ? 103  LYS A CE  1 
ATOM   858 N  NZ  A LYS A 1 114 ? -14.569 9.874   0.176   0.50 24.29 ? 103  LYS A NZ  1 
ATOM   859 N  NZ  B LYS A 1 114 ? -14.063 10.120  -1.156  0.50 23.90 ? 103  LYS A NZ  1 
ATOM   860 N  N   . LYS A 1 115 ? -12.543 4.342   -5.459  1.00 21.02 ? 104  LYS A N   1 
ATOM   861 C  CA  . LYS A 1 115 ? -12.764 3.988   -6.857  1.00 21.43 ? 104  LYS A CA  1 
ATOM   862 C  C   . LYS A 1 115 ? -12.714 2.483   -7.119  1.00 21.90 ? 104  LYS A C   1 
ATOM   863 O  O   . LYS A 1 115 ? -13.483 1.960   -7.922  1.00 22.66 ? 104  LYS A O   1 
ATOM   864 C  CB  . LYS A 1 115 ? -11.736 4.734   -7.740  1.00 22.43 ? 104  LYS A CB  1 
ATOM   865 C  CG  . LYS A 1 115 ? -12.050 4.762   -9.229  1.00 23.60 ? 104  LYS A CG  1 
ATOM   866 C  CD  . LYS A 1 115 ? -11.168 5.761   -9.968  1.00 25.32 ? 104  LYS A CD  1 
ATOM   867 C  CE  . LYS A 1 115 ? -11.562 7.189   -9.634  0.50 25.05 ? 104  LYS A CE  1 
ATOM   868 N  NZ  . LYS A 1 115 ? -12.917 7.564   -10.121 0.20 24.36 ? 104  LYS A NZ  1 
ATOM   869 N  N   . PHE A 1 116 ? -11.793 1.778   -6.463  1.00 21.21 ? 105  PHE A N   1 
ATOM   870 C  CA  . PHE A 1 116 ? -11.540 0.374   -6.815  1.00 21.34 ? 105  PHE A CA  1 
ATOM   871 C  C   . PHE A 1 116 ? -11.999 -0.690  -5.805  1.00 22.16 ? 105  PHE A C   1 
ATOM   872 O  O   . PHE A 1 116 ? -11.958 -1.896  -6.096  1.00 23.33 ? 105  PHE A O   1 
ATOM   873 C  CB  . PHE A 1 116 ? -10.063 0.198   -7.205  1.00 21.03 ? 105  PHE A CB  1 
ATOM   874 C  CG  . PHE A 1 116 ? -9.661  1.024   -8.384  1.00 20.20 ? 105  PHE A CG  1 
ATOM   875 C  CD1 . PHE A 1 116 ? -8.879  2.154   -8.226  1.00 20.21 ? 105  PHE A CD1 1 
ATOM   876 C  CD2 . PHE A 1 116 ? -10.127 0.696   -9.669  1.00 21.43 ? 105  PHE A CD2 1 
ATOM   877 C  CE1 . PHE A 1 116 ? -8.523  2.936   -9.308  1.00 19.97 ? 105  PHE A CE1 1 
ATOM   878 C  CE2 . PHE A 1 116 ? -9.772  1.464   -10.751 1.00 20.54 ? 105  PHE A CE2 1 
ATOM   879 C  CZ  . PHE A 1 116 ? -8.983  2.582   -10.581 1.00 19.59 ? 105  PHE A CZ  1 
ATOM   880 N  N   . ILE A 1 117 ? -12.436 -0.251  -4.626  1.00 22.57 ? 106  ILE A N   1 
ATOM   881 C  CA  . ILE A 1 117 ? -12.836 -1.200  -3.590  1.00 23.75 ? 106  ILE A CA  1 
ATOM   882 C  C   . ILE A 1 117 ? -14.160 -1.891  -3.927  1.00 24.60 ? 106  ILE A C   1 
ATOM   883 O  O   . ILE A 1 117 ? -14.357 -3.063  -3.604  1.00 25.93 ? 106  ILE A O   1 
ATOM   884 C  CB  . ILE A 1 117 ? -12.854 -0.564  -2.189  1.00 23.95 ? 106  ILE A CB  1 
ATOM   885 C  CG1 . ILE A 1 117 ? -12.699 -1.650  -1.110  1.00 24.21 ? 106  ILE A CG1 1 
ATOM   886 C  CG2 . ILE A 1 117 ? -14.099 0.342   -1.984  1.00 24.09 ? 106  ILE A CG2 1 
ATOM   887 C  CD1 . ILE A 1 117 ? -12.380 -1.102  0.231   1.00 24.82 ? 106  ILE A CD1 1 
ATOM   888 O  OXT . ILE A 1 117 ? -15.036 -1.313  -4.564  1.00 24.94 ? 106  ILE A OXT 1 
HETATM 889 CA CA  . CA  B 2 .   ? -7.700  4.954   14.623  1.00 26.00 ? 1107 CA  A CA  1 
HETATM 890 ZN ZN  . ZN  C 3 .   ? -3.878  -11.535 5.815   1.00 44.31 ? 1108 ZN  A ZN  1 
HETATM 891 O  O   . HOH D 4 .   ? 12.387  -9.940  11.018  1.00 33.76 ? 2001 HOH A O   1 
HETATM 892 O  O   . HOH D 4 .   ? 10.998  1.658   8.889   1.00 34.13 ? 2002 HOH A O   1 
HETATM 893 O  O   . HOH D 4 .   ? -22.430 1.807   18.668  1.00 31.94 ? 2003 HOH A O   1 
HETATM 894 O  O   . HOH D 4 .   ? -24.835 5.100   11.745  1.00 31.77 ? 2004 HOH A O   1 
HETATM 895 O  O   . HOH D 4 .   ? -10.566 -1.875  12.121  1.00 31.26 ? 2005 HOH A O   1 
HETATM 896 O  O   . HOH D 4 .   ? 1.150   0.213   12.227  1.00 38.23 ? 2006 HOH A O   1 
HETATM 897 O  O   . HOH D 4 .   ? 2.047   -10.901 -8.372  1.00 25.81 ? 2007 HOH A O   1 
HETATM 898 O  O   . HOH D 4 .   ? 0.089   -21.523 -6.725  1.00 28.51 ? 2008 HOH A O   1 
HETATM 899 O  O   . HOH D 4 .   ? -0.713  -7.389  10.624  1.00 42.31 ? 2009 HOH A O   1 
HETATM 900 O  O   . HOH D 4 .   ? -3.620  -5.829  10.870  1.00 28.22 ? 2010 HOH A O   1 
HETATM 901 O  O   . HOH D 4 .   ? 9.441   -2.338  6.909   1.00 21.57 ? 2011 HOH A O   1 
HETATM 902 O  O   . HOH D 4 .   ? 5.635   -9.549  6.982   1.00 28.71 ? 2012 HOH A O   1 
HETATM 903 O  O   . HOH D 4 .   ? 8.359   1.319   9.289   1.00 31.29 ? 2013 HOH A O   1 
HETATM 904 O  O   . HOH D 4 .   ? 10.153  -4.907  7.628   1.00 27.40 ? 2014 HOH A O   1 
HETATM 905 O  O   . HOH D 4 .   ? 9.290   -3.282  4.392   1.00 18.12 ? 2015 HOH A O   1 
HETATM 906 O  O   . HOH D 4 .   ? 7.960   -6.015  9.547   1.00 42.12 ? 2016 HOH A O   1 
HETATM 907 O  O   . HOH D 4 .   ? 11.878  -7.535  10.560  1.00 38.34 ? 2017 HOH A O   1 
HETATM 908 O  O   . HOH D 4 .   ? 13.482  -7.462  6.778   1.00 29.92 ? 2018 HOH A O   1 
HETATM 909 O  O   . HOH D 4 .   ? 9.312   -6.238  13.377  1.00 45.68 ? 2019 HOH A O   1 
HETATM 910 O  O   . HOH D 4 .   ? 0.824   13.442  5.033   1.00 23.11 ? 2020 HOH A O   1 
HETATM 911 O  O   . HOH D 4 .   ? 14.443  -8.887  -0.335  1.00 27.26 ? 2021 HOH A O   1 
HETATM 912 O  O   . HOH D 4 .   ? 1.825   2.170   10.507  1.00 31.79 ? 2022 HOH A O   1 
HETATM 913 O  O   . HOH D 4 .   ? 4.194   5.786   12.497  1.00 27.84 ? 2023 HOH A O   1 
HETATM 914 O  O   . HOH D 4 .   ? 0.249   5.482   14.174  1.00 34.90 ? 2024 HOH A O   1 
HETATM 915 O  O   . HOH D 4 .   ? 6.846   -10.955 5.750   1.00 32.72 ? 2025 HOH A O   1 
HETATM 916 O  O   . HOH D 4 .   ? 3.482   -12.023 2.634   1.00 22.89 ? 2026 HOH A O   1 
HETATM 917 O  O   . HOH D 4 .   ? 7.566   -9.219  -3.075  1.00 13.95 ? 2027 HOH A O   1 
HETATM 918 O  O   . HOH D 4 .   ? 1.439   -13.106 -6.745  1.00 23.12 ? 2028 HOH A O   1 
HETATM 919 O  O   . HOH D 4 .   ? 8.404   -8.559  -6.552  1.00 27.23 ? 2029 HOH A O   1 
HETATM 920 O  O   . HOH D 4 .   ? 0.444   -19.307 -5.618  1.00 20.65 ? 2030 HOH A O   1 
HETATM 921 O  O   . HOH D 4 .   ? -1.720  -12.783 -7.582  1.00 34.85 ? 2031 HOH A O   1 
HETATM 922 O  O   . HOH D 4 .   ? 16.901  -6.428  4.784   1.00 26.00 ? 2032 HOH A O   1 
HETATM 923 O  O   . HOH D 4 .   ? -1.218  -11.674 4.766   1.00 44.87 ? 2033 HOH A O   1 
HETATM 924 O  O   . HOH D 4 .   ? -4.876  -9.933  -3.813  1.00 27.37 ? 2034 HOH A O   1 
HETATM 925 O  O   . HOH D 4 .   ? -8.647  -8.519  -5.690  1.00 33.15 ? 2035 HOH A O   1 
HETATM 926 O  O   . HOH D 4 .   ? -10.580 -2.331  -12.819 1.00 46.30 ? 2036 HOH A O   1 
HETATM 927 O  O   . HOH D 4 .   ? 3.714   -4.436  -12.543 1.00 42.32 ? 2037 HOH A O   1 
HETATM 928 O  O   . HOH D 4 .   ? -6.453  5.865   -9.027  1.00 21.25 ? 2038 HOH A O   1 
HETATM 929 O  O   . HOH D 4 .   ? 4.825   5.803   4.627   1.00 15.96 ? 2039 HOH A O   1 
HETATM 930 O  O   . HOH D 4 .   ? -13.197 9.544   7.810   1.00 36.89 ? 2040 HOH A O   1 
HETATM 931 O  O   . HOH D 4 .   ? 16.338  5.136   -2.458  1.00 41.88 ? 2041 HOH A O   1 
HETATM 932 O  O   . HOH D 4 .   ? 9.019   13.241  9.046   1.00 32.99 ? 2042 HOH A O   1 
HETATM 933 O  O   . HOH D 4 .   ? 13.115  13.343  3.466   1.00 25.50 ? 2043 HOH A O   1 
HETATM 934 O  O   . HOH D 4 .   ? 3.578   13.443  4.449   1.00 27.34 ? 2044 HOH A O   1 
HETATM 935 O  O   . HOH D 4 .   ? 12.755  10.255  11.675  1.00 40.04 ? 2045 HOH A O   1 
HETATM 936 O  O   . HOH D 4 .   ? 6.778   15.721  6.171   1.00 28.79 ? 2046 HOH A O   1 
HETATM 937 O  O   . HOH D 4 .   ? 1.325   3.008   8.121   1.00 20.69 ? 2047 HOH A O   1 
HETATM 938 O  O   . HOH D 4 .   ? 1.718   4.812   11.920  1.00 22.34 ? 2048 HOH A O   1 
HETATM 939 O  O   . HOH D 4 .   ? -2.545  6.551   13.269  1.00 28.95 ? 2049 HOH A O   1 
HETATM 940 O  O   . HOH D 4 .   ? -6.377  8.921   7.459   1.00 26.79 ? 2050 HOH A O   1 
HETATM 941 O  O   . HOH D 4 .   ? -5.252  6.168   16.723  1.00 21.49 ? 2051 HOH A O   1 
HETATM 942 O  O   . HOH D 4 .   ? -5.335  -1.278  11.125  1.00 32.04 ? 2052 HOH A O   1 
HETATM 943 O  O   . HOH D 4 .   ? -12.573 0.106   11.924  1.00 23.41 ? 2053 HOH A O   1 
HETATM 944 O  O   . HOH D 4 .   ? -5.189  0.562   13.094  1.00 41.36 ? 2054 HOH A O   1 
HETATM 945 O  O   . HOH D 4 .   ? -15.630 1.192   4.120   1.00 33.94 ? 2055 HOH A O   1 
HETATM 946 O  O   . HOH D 4 .   ? -14.936 -0.980  2.898   1.00 34.10 ? 2056 HOH A O   1 
HETATM 947 O  O   . HOH D 4 .   ? -11.189 -5.555  -0.708  1.00 23.23 ? 2057 HOH A O   1 
HETATM 948 O  O   . HOH D 4 .   ? -7.655  -2.794  6.327   1.00 26.46 ? 2058 HOH A O   1 
HETATM 949 O  O   . HOH D 4 .   ? 2.938   3.494   5.927   1.00 30.49 ? 2059 HOH A O   1 
HETATM 950 O  O   . HOH D 4 .   ? 6.500   4.111   6.540   1.00 36.87 ? 2060 HOH A O   1 
HETATM 951 O  O   . HOH D 4 .   ? 14.562  2.441   3.125   1.00 20.19 ? 2061 HOH A O   1 
HETATM 952 O  O   . HOH D 4 .   ? 11.674  -0.686  7.164   1.00 24.78 ? 2062 HOH A O   1 
HETATM 953 O  O   . HOH D 4 .   ? 15.908  -0.030  5.260   1.00 20.77 ? 2063 HOH A O   1 
HETATM 954 O  O   . HOH D 4 .   ? 14.982  0.055   -4.025  1.00 23.22 ? 2064 HOH A O   1 
HETATM 955 O  O   . HOH D 4 .   ? 17.283  -6.199  0.910   1.00 27.39 ? 2065 HOH A O   1 
HETATM 956 O  O   . HOH D 4 .   ? 17.472  1.801   3.756   1.00 20.32 ? 2066 HOH A O   1 
HETATM 957 O  O   . HOH D 4 .   ? 17.934  -4.712  3.242   1.00 22.51 ? 2067 HOH A O   1 
HETATM 958 O  O   . HOH D 4 .   ? 12.347  -5.814  8.544   1.00 24.29 ? 2068 HOH A O   1 
HETATM 959 O  O   . HOH D 4 .   ? 15.005  -7.702  2.972   1.00 23.68 ? 2069 HOH A O   1 
HETATM 960 O  O   . HOH D 4 .   ? 18.837  -1.608  -0.755  1.00 30.14 ? 2070 HOH A O   1 
HETATM 961 O  O   . HOH D 4 .   ? 20.829  -4.038  -3.383  1.00 30.98 ? 2071 HOH A O   1 
HETATM 962 O  O   . HOH D 4 .   ? 14.518  -0.912  -6.554  1.00 33.92 ? 2072 HOH A O   1 
HETATM 963 O  O   . HOH D 4 .   ? 15.765  -6.185  -1.460  1.00 32.93 ? 2073 HOH A O   1 
HETATM 964 O  O   . HOH D 4 .   ? 4.137   -12.094 -10.218 1.00 32.52 ? 2074 HOH A O   1 
HETATM 965 O  O   . HOH D 4 .   ? 3.763   0.089   -10.908 1.00 24.74 ? 2075 HOH A O   1 
HETATM 966 O  O   . HOH D 4 .   ? 0.371   -6.146  -9.584  1.00 28.93 ? 2076 HOH A O   1 
HETATM 967 O  O   . HOH D 4 .   ? 3.480   -8.656  -7.459  1.00 22.17 ? 2077 HOH A O   1 
HETATM 968 O  O   . HOH D 4 .   ? 11.953  3.486   -12.189 1.00 40.04 ? 2078 HOH A O   1 
HETATM 969 O  O   . HOH D 4 .   ? 8.444   5.470   -11.746 1.00 32.13 ? 2079 HOH A O   1 
HETATM 970 O  O   . HOH D 4 .   ? 12.536  1.093   -8.133  1.00 34.93 ? 2080 HOH A O   1 
HETATM 971 O  O   . HOH D 4 .   ? 9.917   10.883  -10.326 1.00 36.58 ? 2081 HOH A O   1 
HETATM 972 O  O   . HOH D 4 .   ? 7.010   6.064   -8.001  1.00 17.69 ? 2082 HOH A O   1 
HETATM 973 O  O   . HOH D 4 .   ? -7.659  -5.760  -12.046 1.00 31.92 ? 2083 HOH A O   1 
HETATM 974 O  O   . HOH D 4 .   ? -15.217 -4.968  -6.924  1.00 43.24 ? 2084 HOH A O   1 
HETATM 975 O  O   . HOH D 4 .   ? -0.329  -10.599 -9.686  1.00 25.03 ? 2085 HOH A O   1 
HETATM 976 O  O   . HOH D 4 .   ? -5.070  -7.901  -5.731  1.00 20.92 ? 2086 HOH A O   1 
HETATM 977 O  O   . HOH D 4 .   ? -1.638  -1.921  -14.912 1.00 33.20 ? 2087 HOH A O   1 
HETATM 978 O  O   . HOH D 4 .   ? 0.340   -5.025  -12.267 1.00 29.30 ? 2088 HOH A O   1 
HETATM 979 O  O   . HOH D 4 .   ? 1.380   2.550   -14.127 1.00 37.11 ? 2089 HOH A O   1 
HETATM 980 O  O   . HOH D 4 .   ? -4.353  7.570   -9.455  1.00 17.38 ? 2090 HOH A O   1 
HETATM 981 O  O   . HOH D 4 .   ? -1.510  4.511   -12.293 1.00 43.48 ? 2091 HOH A O   1 
HETATM 982 O  O   . HOH D 4 .   ? -0.044  10.407  -8.682  1.00 19.39 ? 2092 HOH A O   1 
HETATM 983 O  O   . HOH D 4 .   ? 3.509   13.253  -7.718  1.00 32.45 ? 2093 HOH A O   1 
HETATM 984 O  O   . HOH D 4 .   ? -0.525  12.452  -6.081  1.00 35.84 ? 2094 HOH A O   1 
HETATM 985 O  O   . HOH D 4 .   ? 1.935   16.234  1.014   1.00 27.29 ? 2095 HOH A O   1 
HETATM 986 O  O   . HOH D 4 .   ? -1.462  13.600  3.172   1.00 20.98 ? 2096 HOH A O   1 
HETATM 987 O  O   . HOH D 4 .   ? -4.210  14.836  1.250   1.00 24.64 ? 2097 HOH A O   1 
HETATM 988 O  O   . HOH D 4 .   ? -6.700  9.545   -6.505  1.00 20.77 ? 2098 HOH A O   1 
HETATM 989 O  O   . HOH D 4 .   ? -7.921  10.549  2.972   1.00 26.30 ? 2099 HOH A O   1 
HETATM 990 O  O   . HOH D 4 .   ? -10.992 9.556   6.350   1.00 29.36 ? 2100 HOH A O   1 
HETATM 991 O  O   . HOH D 4 .   ? -13.629 8.478   5.310   1.00 32.37 ? 2101 HOH A O   1 
HETATM 992 O  O   . HOH D 4 .   ? -8.154  11.790  -6.735  1.00 25.92 ? 2102 HOH A O   1 
HETATM 993 O  O   . HOH D 4 .   ? -13.110 8.152   -5.823  1.00 26.03 ? 2103 HOH A O   1 
HETATM 994 O  O   . HOH D 4 .   ? -8.287  7.658   -7.972  1.00 30.52 ? 2104 HOH A O   1 
HETATM 995 O  O   . HOH D 4 .   ? -15.784 0.991   -5.862  1.00 34.61 ? 2105 HOH A O   1 
HETATM 996 O  O   . HOH D 4 .   ? -2.349  -13.048 6.732   1.00 42.32 ? 2106 HOH A O   1 
HETATM 997 O  O   . HOH D 4 .   ? -5.759  -13.559 7.147   1.00 44.60 ? 2107 HOH A O   1 
# 
